data_7LUN
#
_entry.id   7LUN
#
_cell.length_a   65.990
_cell.length_b   153.660
_cell.length_c   87.460
_cell.angle_alpha   90.000
_cell.angle_beta   108.700
_cell.angle_gamma   90.000
#
_symmetry.space_group_name_H-M   'P 1 21 1'
#
loop_
_entity.id
_entity.type
_entity.pdbx_description
1 polymer 'Protein mono-ADP-ribosyltransferase PARP14'
2 non-polymer 7-(cyclopentylamino)-5-fluoro-2-{[(trans-4-hydroxycyclohexyl)sulfanyl]methyl}quinazolin-4(3H)-one
3 non-polymer 'CHLORIDE ION'
4 non-polymer GLYCEROL
5 water water
#
_entity_poly.entity_id   1
_entity_poly.type   'polypeptide(L)'
_entity_poly.pdbx_seq_one_letter_code
;SNADMKQQNFCVVELLPSDPEYNTVASKFNQTCSHFRIEKIERIQNPDLWNSYQAKKKTMDAKNGQTMNEKQLFHGTDAG
SVPHVNRNGFNRSYAGKNAVAYGKGTYFAVNANYSANDTYSRPDANGRKHVYYVRVLTGIYTHGNHSLIVPPSKNPQNPT
DLYDTVTDNVHHPSLFVAFYDYQAYPEYLITFRK
;
_entity_poly.pdbx_strand_id   A,B,C,D,E,F,G,H
#
# COMPACT_ATOMS: atom_id res chain seq x y z
N ASN A 9 5.61 -11.84 -2.25
CA ASN A 9 6.00 -11.87 -3.68
C ASN A 9 6.14 -13.32 -4.18
N PHE A 10 5.67 -13.57 -5.40
CA PHE A 10 5.47 -14.94 -5.94
C PHE A 10 5.36 -14.87 -7.47
N CYS A 11 5.63 -16.00 -8.15
CA CYS A 11 5.23 -16.21 -9.56
C CYS A 11 4.46 -17.54 -9.70
N VAL A 12 3.88 -17.76 -10.88
CA VAL A 12 2.93 -18.87 -11.19
C VAL A 12 3.24 -19.39 -12.60
N VAL A 13 3.72 -20.63 -12.73
CA VAL A 13 3.95 -21.28 -14.07
C VAL A 13 2.75 -22.20 -14.38
N GLU A 14 2.05 -21.95 -15.48
CA GLU A 14 1.08 -22.95 -16.02
C GLU A 14 1.88 -24.14 -16.55
N LEU A 15 1.49 -25.35 -16.16
CA LEU A 15 2.15 -26.62 -16.62
C LEU A 15 1.41 -27.12 -17.86
N LEU A 16 2.16 -27.65 -18.81
CA LEU A 16 1.68 -28.25 -20.08
C LEU A 16 1.25 -29.69 -19.80
N PRO A 17 0.17 -30.18 -20.44
CA PRO A 17 -0.24 -31.57 -20.27
C PRO A 17 0.84 -32.63 -20.52
N SER A 18 1.99 -32.23 -21.09
CA SER A 18 3.14 -33.14 -21.41
C SER A 18 4.18 -33.19 -20.28
N ASP A 19 4.10 -32.30 -19.27
CA ASP A 19 5.10 -32.19 -18.18
C ASP A 19 4.78 -33.24 -17.10
N PRO A 20 5.79 -33.98 -16.58
CA PRO A 20 5.55 -34.98 -15.57
C PRO A 20 4.74 -34.46 -14.38
N GLU A 21 4.96 -33.20 -13.97
CA GLU A 21 4.25 -32.67 -12.77
C GLU A 21 2.74 -32.60 -13.02
N TYR A 22 2.31 -32.04 -14.16
CA TYR A 22 0.86 -31.97 -14.57
C TYR A 22 0.23 -33.34 -14.36
N ASN A 23 0.89 -34.37 -14.90
CA ASN A 23 0.32 -35.72 -15.00
C ASN A 23 0.23 -36.32 -13.61
N THR A 24 1.25 -36.10 -12.78
CA THR A 24 1.31 -36.55 -11.37
C THR A 24 0.08 -36.01 -10.63
N VAL A 25 -0.17 -34.70 -10.75
CA VAL A 25 -1.26 -33.96 -10.06
C VAL A 25 -2.61 -34.40 -10.60
N ALA A 26 -2.84 -34.26 -11.91
CA ALA A 26 -4.04 -34.76 -12.64
C ALA A 26 -4.32 -36.19 -12.15
N SER A 27 -3.34 -37.09 -12.20
CA SER A 27 -3.54 -38.49 -11.76
C SER A 27 -4.16 -38.52 -10.35
N LYS A 28 -3.63 -37.75 -9.40
CA LYS A 28 -4.10 -37.80 -8.00
C LYS A 28 -5.52 -37.21 -7.92
N PHE A 29 -5.76 -36.05 -8.53
CA PHE A 29 -7.09 -35.40 -8.67
C PHE A 29 -8.09 -36.41 -9.22
N ASN A 30 -7.71 -37.04 -10.33
CA ASN A 30 -8.59 -37.92 -11.15
C ASN A 30 -8.93 -39.19 -10.37
N GLN A 31 -8.27 -39.47 -9.25
CA GLN A 31 -8.62 -40.67 -8.45
C GLN A 31 -10.04 -40.56 -7.91
N THR A 32 -10.59 -39.36 -7.75
CA THR A 32 -12.01 -39.17 -7.30
C THR A 32 -12.71 -38.05 -8.07
N CYS A 33 -12.12 -37.47 -9.09
CA CYS A 33 -12.70 -36.32 -9.87
C CYS A 33 -12.52 -36.44 -11.39
N SER A 34 -12.47 -37.68 -11.92
CA SER A 34 -12.19 -37.95 -13.36
C SER A 34 -13.27 -37.30 -14.25
N HIS A 35 -14.53 -37.37 -13.80
CA HIS A 35 -15.74 -36.88 -14.51
C HIS A 35 -15.78 -35.34 -14.58
N PHE A 36 -14.84 -34.64 -13.93
CA PHE A 36 -14.66 -33.17 -14.12
C PHE A 36 -13.63 -32.95 -15.22
N ARG A 37 -13.57 -31.71 -15.73
CA ARG A 37 -12.71 -31.28 -16.86
C ARG A 37 -11.64 -30.28 -16.39
N ILE A 38 -10.38 -30.72 -16.36
CA ILE A 38 -9.20 -29.88 -15.99
C ILE A 38 -8.97 -28.88 -17.12
N GLU A 39 -8.91 -27.57 -16.82
CA GLU A 39 -8.60 -26.48 -17.80
C GLU A 39 -7.13 -26.09 -17.73
N LYS A 40 -6.54 -26.00 -16.53
CA LYS A 40 -5.09 -25.78 -16.33
C LYS A 40 -4.66 -26.22 -14.91
N ILE A 41 -3.39 -26.53 -14.75
CA ILE A 41 -2.70 -26.75 -13.45
C ILE A 41 -1.53 -25.78 -13.39
N GLU A 42 -1.48 -24.93 -12.36
CA GLU A 42 -0.40 -23.91 -12.15
C GLU A 42 0.48 -24.34 -10.98
N ARG A 43 1.80 -24.20 -11.12
CA ARG A 43 2.73 -24.35 -9.98
C ARG A 43 2.98 -22.97 -9.38
N ILE A 44 2.79 -22.85 -8.07
CA ILE A 44 2.93 -21.57 -7.33
C ILE A 44 4.34 -21.56 -6.74
N GLN A 45 5.10 -20.50 -7.01
CA GLN A 45 6.47 -20.34 -6.52
C GLN A 45 6.51 -19.05 -5.70
N ASN A 46 6.45 -19.22 -4.39
CA ASN A 46 6.50 -18.14 -3.37
C ASN A 46 7.70 -18.42 -2.46
N PRO A 47 8.89 -17.88 -2.78
CA PRO A 47 10.12 -18.13 -2.01
C PRO A 47 10.02 -18.05 -0.47
N ASP A 48 9.42 -16.98 0.08
CA ASP A 48 9.44 -16.75 1.55
C ASP A 48 8.60 -17.82 2.22
N LEU A 49 7.43 -18.08 1.64
CA LEU A 49 6.50 -19.13 2.14
C LEU A 49 7.20 -20.51 2.09
N TRP A 50 7.84 -20.84 0.96
CA TRP A 50 8.61 -22.09 0.76
C TRP A 50 9.79 -22.20 1.74
N ASN A 51 10.50 -21.10 2.00
CA ASN A 51 11.67 -21.10 2.92
C ASN A 51 11.18 -21.41 4.35
N SER A 52 10.07 -20.76 4.75
CA SER A 52 9.42 -20.95 6.07
C SER A 52 8.94 -22.39 6.22
N TYR A 53 8.33 -22.93 5.17
CA TYR A 53 7.79 -24.32 5.17
C TYR A 53 8.94 -25.31 5.36
N GLN A 54 10.05 -25.15 4.63
CA GLN A 54 11.18 -26.11 4.65
C GLN A 54 11.87 -26.05 6.02
N ALA A 55 11.88 -24.88 6.65
CA ALA A 55 12.42 -24.67 8.00
C ALA A 55 11.61 -25.47 9.02
N LYS A 56 10.28 -25.40 8.92
CA LYS A 56 9.32 -26.15 9.77
C LYS A 56 9.46 -27.66 9.54
N LYS A 57 9.68 -28.07 8.28
CA LYS A 57 9.86 -29.50 7.94
C LYS A 57 11.15 -30.06 8.59
N LYS A 58 12.21 -29.24 8.67
CA LYS A 58 13.54 -29.65 9.22
C LYS A 58 13.37 -29.97 10.71
N THR A 59 12.76 -29.06 11.47
CA THR A 59 12.58 -29.23 12.93
C THR A 59 11.59 -30.38 13.18
N MET A 60 10.50 -30.48 12.39
CA MET A 60 9.52 -31.58 12.55
C MET A 60 10.17 -32.94 12.25
N ASP A 61 11.06 -33.03 11.25
CA ASP A 61 11.76 -34.28 10.87
C ASP A 61 12.69 -34.75 12.02
N ALA A 62 13.32 -33.82 12.72
CA ALA A 62 14.24 -34.06 13.85
C ALA A 62 13.48 -34.12 15.20
N LYS A 63 12.20 -34.46 15.16
CA LYS A 63 11.33 -34.46 16.36
C LYS A 63 10.45 -35.71 16.36
N ASN A 64 9.90 -36.06 15.20
CA ASN A 64 8.88 -37.13 15.07
C ASN A 64 9.55 -38.41 14.57
N GLY A 65 10.88 -38.45 14.57
CA GLY A 65 11.68 -39.67 14.30
C GLY A 65 11.40 -40.23 12.94
N GLN A 66 10.83 -41.43 12.88
CA GLN A 66 10.59 -42.17 11.60
C GLN A 66 9.36 -41.62 10.90
N THR A 67 8.55 -40.80 11.56
CA THR A 67 7.28 -40.26 11.00
C THR A 67 7.55 -39.56 9.66
N MET A 68 6.80 -39.95 8.64
CA MET A 68 6.64 -39.20 7.38
C MET A 68 5.73 -38.00 7.68
N ASN A 69 6.32 -36.83 7.87
CA ASN A 69 5.62 -35.61 8.33
C ASN A 69 4.77 -34.97 7.22
N GLU A 70 5.07 -35.22 5.94
CA GLU A 70 4.47 -34.48 4.79
C GLU A 70 3.41 -35.36 4.10
N LYS A 71 2.22 -34.83 3.87
CA LYS A 71 1.19 -35.42 2.98
C LYS A 71 0.83 -34.40 1.91
N GLN A 72 0.30 -34.86 0.77
CA GLN A 72 -0.21 -33.96 -0.27
C GLN A 72 -1.74 -34.06 -0.25
N LEU A 73 -2.38 -32.92 0.01
CA LEU A 73 -3.84 -32.84 0.27
C LEU A 73 -4.46 -31.76 -0.62
N PHE A 74 -5.77 -31.67 -0.56
CA PHE A 74 -6.56 -30.83 -1.48
C PHE A 74 -7.22 -29.74 -0.63
N HIS A 75 -7.34 -28.56 -1.22
CA HIS A 75 -8.02 -27.40 -0.63
C HIS A 75 -8.79 -26.65 -1.69
N GLY A 76 -10.11 -26.73 -1.60
CA GLY A 76 -11.04 -25.98 -2.48
C GLY A 76 -11.25 -24.59 -1.96
N THR A 77 -11.27 -23.59 -2.83
CA THR A 77 -11.52 -22.19 -2.42
C THR A 77 -12.23 -21.43 -3.54
N ASP A 78 -12.74 -20.26 -3.20
CA ASP A 78 -13.32 -19.29 -4.17
C ASP A 78 -12.16 -18.63 -4.94
N ALA A 79 -12.43 -18.24 -6.17
CA ALA A 79 -11.52 -17.47 -7.06
C ALA A 79 -10.90 -16.30 -6.30
N GLY A 80 -11.69 -15.61 -5.48
CA GLY A 80 -11.28 -14.37 -4.78
C GLY A 80 -10.17 -14.60 -3.78
N SER A 81 -9.97 -15.84 -3.32
CA SER A 81 -8.98 -16.15 -2.27
C SER A 81 -7.65 -16.60 -2.89
N VAL A 82 -7.64 -16.92 -4.18
CA VAL A 82 -6.43 -17.44 -4.90
C VAL A 82 -5.27 -16.45 -4.79
N PRO A 83 -5.45 -15.15 -5.13
CA PRO A 83 -4.37 -14.18 -4.97
C PRO A 83 -3.86 -14.10 -3.52
N HIS A 84 -4.75 -14.07 -2.52
CA HIS A 84 -4.37 -13.97 -1.09
CA HIS A 84 -4.37 -13.97 -1.09
C HIS A 84 -3.55 -15.21 -0.71
N VAL A 85 -3.94 -16.38 -1.22
CA VAL A 85 -3.29 -17.68 -0.87
C VAL A 85 -1.91 -17.78 -1.57
N ASN A 86 -1.85 -17.49 -2.87
CA ASN A 86 -0.58 -17.54 -3.65
C ASN A 86 0.44 -16.58 -2.99
N ARG A 87 -0.04 -15.53 -2.33
CA ARG A 87 0.78 -14.43 -1.77
C ARG A 87 1.11 -14.70 -0.30
N ASN A 88 0.16 -15.07 0.57
CA ASN A 88 0.43 -15.19 2.03
C ASN A 88 0.12 -16.58 2.56
N GLY A 89 -0.11 -17.56 1.67
CA GLY A 89 -0.41 -18.95 2.06
C GLY A 89 -1.69 -19.04 2.83
N PHE A 90 -1.82 -20.06 3.66
CA PHE A 90 -3.03 -20.28 4.45
C PHE A 90 -2.79 -19.66 5.81
N ASN A 91 -2.80 -18.32 5.83
CA ASN A 91 -2.51 -17.50 7.02
C ASN A 91 -3.77 -17.46 7.89
N ARG A 92 -3.69 -16.80 9.04
CA ARG A 92 -4.81 -16.73 9.99
C ARG A 92 -6.09 -16.09 9.46
N SER A 93 -5.95 -15.00 8.72
CA SER A 93 -7.15 -14.29 8.20
C SER A 93 -7.92 -15.27 7.30
N TYR A 94 -7.19 -16.07 6.51
CA TYR A 94 -7.83 -17.07 5.63
C TYR A 94 -8.54 -18.15 6.47
N ALA A 95 -7.89 -18.67 7.51
CA ALA A 95 -8.44 -19.72 8.42
C ALA A 95 -9.75 -19.26 9.06
N GLY A 96 -9.84 -17.98 9.41
CA GLY A 96 -11.06 -17.36 9.99
C GLY A 96 -12.28 -17.67 9.16
N LYS A 97 -12.11 -17.79 7.85
CA LYS A 97 -13.20 -18.05 6.87
C LYS A 97 -13.43 -19.56 6.72
N ASN A 98 -12.53 -20.42 7.23
CA ASN A 98 -12.70 -21.90 7.22
C ASN A 98 -13.68 -22.32 8.33
N ALA A 99 -14.09 -23.60 8.29
CA ALA A 99 -14.99 -24.26 9.26
C ALA A 99 -14.34 -24.30 10.65
N VAL A 100 -15.10 -24.74 11.65
CA VAL A 100 -14.67 -24.71 13.08
C VAL A 100 -14.78 -26.09 13.70
N ALA A 101 -15.55 -27.02 13.12
CA ALA A 101 -15.99 -28.24 13.84
C ALA A 101 -14.79 -28.98 14.48
N TYR A 102 -13.62 -28.93 13.85
CA TYR A 102 -12.40 -29.63 14.32
C TYR A 102 -11.33 -28.63 14.75
N GLY A 103 -11.65 -27.34 14.84
CA GLY A 103 -10.72 -26.29 15.27
C GLY A 103 -10.66 -25.10 14.31
N LYS A 104 -10.01 -24.02 14.70
CA LYS A 104 -9.88 -22.80 13.87
C LYS A 104 -8.52 -22.79 13.20
N GLY A 105 -8.44 -23.42 12.02
CA GLY A 105 -7.26 -23.46 11.16
C GLY A 105 -7.71 -23.64 9.73
N THR A 106 -6.79 -24.02 8.86
CA THR A 106 -7.12 -24.25 7.45
C THR A 106 -7.40 -25.76 7.26
N TYR A 107 -8.43 -26.11 6.52
CA TYR A 107 -8.94 -27.49 6.38
C TYR A 107 -8.40 -28.07 5.08
N PHE A 108 -7.94 -29.32 5.13
CA PHE A 108 -7.36 -30.01 3.95
C PHE A 108 -7.89 -31.43 3.85
N ALA A 109 -8.27 -31.82 2.63
CA ALA A 109 -8.97 -33.08 2.30
C ALA A 109 -7.98 -34.12 1.73
N VAL A 110 -8.07 -35.35 2.20
CA VAL A 110 -7.33 -36.49 1.60
C VAL A 110 -7.75 -36.65 0.14
N ASN A 111 -9.07 -36.62 -0.12
CA ASN A 111 -9.64 -36.87 -1.48
C ASN A 111 -10.11 -35.59 -2.16
N ALA A 112 -9.70 -35.39 -3.40
CA ALA A 112 -10.12 -34.24 -4.24
C ALA A 112 -11.64 -34.05 -4.23
N ASN A 113 -12.42 -35.13 -4.27
CA ASN A 113 -13.91 -35.06 -4.42
C ASN A 113 -14.51 -34.28 -3.24
N TYR A 114 -13.96 -34.39 -2.04
CA TYR A 114 -14.36 -33.60 -0.85
C TYR A 114 -14.20 -32.07 -1.16
N SER A 115 -13.00 -31.65 -1.56
CA SER A 115 -12.63 -30.24 -1.83
C SER A 115 -13.38 -29.70 -3.06
N ALA A 116 -13.80 -30.60 -3.97
CA ALA A 116 -14.49 -30.22 -5.23
C ALA A 116 -15.95 -29.85 -4.98
N ASN A 117 -16.49 -30.10 -3.77
CA ASN A 117 -17.91 -29.74 -3.49
C ASN A 117 -18.05 -28.24 -3.74
N ASP A 118 -19.18 -27.78 -4.28
CA ASP A 118 -19.43 -26.33 -4.59
C ASP A 118 -19.33 -25.49 -3.31
N THR A 119 -19.57 -26.08 -2.14
CA THR A 119 -19.50 -25.38 -0.83
C THR A 119 -18.10 -24.80 -0.61
N TYR A 120 -17.04 -25.46 -1.12
CA TYR A 120 -15.61 -25.17 -0.90
C TYR A 120 -15.01 -24.55 -2.16
N SER A 121 -15.00 -25.27 -3.29
CA SER A 121 -14.46 -24.76 -4.58
C SER A 121 -15.63 -24.10 -5.35
N ARG A 122 -16.15 -23.02 -4.81
CA ARG A 122 -17.37 -22.32 -5.30
C ARG A 122 -17.17 -21.89 -6.75
N PRO A 123 -18.03 -22.29 -7.70
CA PRO A 123 -17.86 -21.90 -9.09
C PRO A 123 -17.95 -20.37 -9.23
N ASP A 124 -17.01 -19.77 -9.98
CA ASP A 124 -16.96 -18.31 -10.23
C ASP A 124 -18.01 -17.92 -11.30
N ALA A 125 -18.00 -16.68 -11.75
CA ALA A 125 -18.96 -16.14 -12.76
C ALA A 125 -18.99 -17.04 -14.03
N ASN A 126 -17.84 -17.55 -14.47
CA ASN A 126 -17.66 -18.40 -15.69
C ASN A 126 -17.77 -19.90 -15.40
N GLY A 127 -18.17 -20.32 -14.20
CA GLY A 127 -18.33 -21.74 -13.83
C GLY A 127 -17.02 -22.48 -13.57
N ARG A 128 -15.92 -21.73 -13.37
CA ARG A 128 -14.58 -22.30 -13.09
C ARG A 128 -14.41 -22.52 -11.57
N LYS A 129 -13.93 -23.71 -11.20
CA LYS A 129 -13.69 -24.16 -9.80
C LYS A 129 -12.17 -24.22 -9.58
N HIS A 130 -11.72 -23.94 -8.34
CA HIS A 130 -10.29 -23.87 -7.96
C HIS A 130 -10.00 -24.82 -6.81
N VAL A 131 -9.14 -25.80 -7.04
CA VAL A 131 -8.66 -26.70 -5.95
C VAL A 131 -7.14 -26.72 -5.99
N TYR A 132 -6.51 -26.41 -4.85
CA TYR A 132 -5.05 -26.53 -4.66
C TYR A 132 -4.69 -27.99 -4.30
N TYR A 133 -3.56 -28.46 -4.83
CA TYR A 133 -2.82 -29.65 -4.37
C TYR A 133 -1.68 -29.12 -3.49
N VAL A 134 -1.78 -29.36 -2.17
CA VAL A 134 -1.01 -28.66 -1.12
C VAL A 134 -0.06 -29.65 -0.47
N ARG A 135 1.15 -29.21 -0.20
CA ARG A 135 2.06 -29.94 0.71
C ARG A 135 1.73 -29.51 2.14
N VAL A 136 1.33 -30.46 2.97
CA VAL A 136 0.94 -30.19 4.38
C VAL A 136 1.80 -31.03 5.34
N LEU A 137 2.35 -30.36 6.35
CA LEU A 137 3.13 -31.02 7.45
C LEU A 137 2.17 -31.51 8.55
N THR A 138 1.50 -32.62 8.31
CA THR A 138 0.53 -33.27 9.20
C THR A 138 1.23 -33.81 10.45
N GLY A 139 2.46 -34.27 10.30
CA GLY A 139 3.28 -34.77 11.42
C GLY A 139 2.56 -35.86 12.23
N ILE A 140 2.57 -35.71 13.55
CA ILE A 140 1.79 -36.55 14.50
C ILE A 140 0.44 -35.87 14.72
N TYR A 141 -0.66 -36.55 14.41
CA TYR A 141 -2.00 -35.93 14.48
C TYR A 141 -2.91 -36.65 15.48
N THR A 142 -3.89 -35.91 15.99
CA THR A 142 -4.93 -36.39 16.93
C THR A 142 -6.30 -35.91 16.48
N HIS A 143 -7.34 -36.27 17.22
CA HIS A 143 -8.75 -35.91 16.91
C HIS A 143 -8.94 -34.44 17.26
N GLY A 144 -9.52 -33.65 16.34
CA GLY A 144 -9.77 -32.22 16.58
C GLY A 144 -11.09 -32.01 17.34
N ASN A 145 -11.32 -30.79 17.82
CA ASN A 145 -12.62 -30.35 18.41
C ASN A 145 -12.83 -28.83 18.21
N HIS A 146 -14.02 -28.30 18.47
CA HIS A 146 -14.41 -26.92 18.10
C HIS A 146 -13.52 -25.89 18.80
N SER A 147 -12.93 -26.20 19.97
CA SER A 147 -12.32 -25.19 20.88
C SER A 147 -10.87 -24.85 20.51
N LEU A 148 -10.25 -25.58 19.56
CA LEU A 148 -8.81 -25.49 19.26
C LEU A 148 -8.50 -24.27 18.38
N ILE A 149 -7.47 -23.52 18.74
CA ILE A 149 -6.78 -22.54 17.85
C ILE A 149 -5.35 -23.03 17.59
N VAL A 150 -4.92 -24.10 18.25
CA VAL A 150 -3.66 -24.85 18.00
C VAL A 150 -3.90 -26.28 18.46
N PRO A 151 -3.12 -27.28 18.00
CA PRO A 151 -3.37 -28.67 18.38
C PRO A 151 -3.19 -28.84 19.88
N PRO A 152 -3.87 -29.81 20.51
CA PRO A 152 -3.68 -30.07 21.94
C PRO A 152 -2.23 -30.47 22.24
N SER A 153 -1.83 -30.40 23.51
CA SER A 153 -0.57 -31.05 23.99
C SER A 153 -0.78 -32.55 24.00
N LYS A 154 0.25 -33.36 23.87
CA LYS A 154 0.07 -34.79 23.95
C LYS A 154 0.00 -35.24 25.38
N ASN A 155 0.84 -34.64 26.19
CA ASN A 155 0.97 -34.96 27.57
C ASN A 155 0.84 -33.73 28.37
N PRO A 156 0.33 -33.85 29.60
CA PRO A 156 0.31 -32.71 30.48
C PRO A 156 1.71 -32.53 31.02
N GLN A 157 2.58 -33.56 31.10
CA GLN A 157 3.94 -33.31 31.56
C GLN A 157 4.60 -32.19 30.75
N ASN A 158 4.49 -32.29 29.43
CA ASN A 158 5.05 -31.30 28.53
C ASN A 158 3.94 -30.58 27.77
N PRO A 159 3.45 -29.47 28.32
CA PRO A 159 2.36 -28.70 27.69
C PRO A 159 2.76 -27.84 26.48
N THR A 160 4.02 -27.95 26.00
CA THR A 160 4.54 -27.26 24.80
C THR A 160 4.87 -28.27 23.70
N ASP A 161 4.72 -29.58 23.98
CA ASP A 161 4.84 -30.69 23.00
C ASP A 161 3.42 -30.99 22.48
N LEU A 162 3.12 -30.34 21.33
CA LEU A 162 1.80 -30.35 20.68
C LEU A 162 1.80 -31.38 19.56
N TYR A 163 0.63 -31.94 19.26
CA TYR A 163 0.37 -32.60 17.97
C TYR A 163 0.59 -31.55 16.86
N ASP A 164 0.94 -32.02 15.66
CA ASP A 164 1.34 -31.15 14.54
C ASP A 164 0.08 -30.67 13.81
N THR A 165 -0.93 -31.52 13.73
CA THR A 165 -2.25 -31.24 13.13
C THR A 165 -3.31 -32.10 13.82
N VAL A 166 -4.58 -31.83 13.46
CA VAL A 166 -5.76 -32.60 13.91
C VAL A 166 -6.54 -33.08 12.69
N THR A 167 -7.43 -34.03 12.93
CA THR A 167 -8.18 -34.77 11.88
C THR A 167 -9.56 -35.12 12.43
N ASP A 168 -10.44 -35.60 11.55
CA ASP A 168 -11.80 -36.05 11.89
C ASP A 168 -11.71 -37.46 12.48
N ASN A 169 -10.67 -38.22 12.10
CA ASN A 169 -10.54 -39.67 12.40
C ASN A 169 -9.06 -40.08 12.30
N VAL A 170 -8.43 -40.32 13.45
CA VAL A 170 -6.97 -40.54 13.52
C VAL A 170 -6.57 -41.75 12.66
N HIS A 171 -7.32 -42.85 12.70
CA HIS A 171 -6.93 -44.11 12.04
C HIS A 171 -7.40 -44.10 10.58
N HIS A 172 -8.50 -43.38 10.23
CA HIS A 172 -9.04 -43.30 8.85
C HIS A 172 -9.35 -41.84 8.48
N PRO A 173 -8.32 -40.98 8.37
CA PRO A 173 -8.51 -39.55 8.14
C PRO A 173 -9.20 -39.26 6.80
N SER A 174 -10.09 -38.27 6.75
CA SER A 174 -10.66 -37.72 5.49
C SER A 174 -10.22 -36.24 5.30
N LEU A 175 -9.79 -35.60 6.38
CA LEU A 175 -9.28 -34.21 6.39
C LEU A 175 -8.30 -34.01 7.54
N PHE A 176 -7.52 -32.94 7.43
CA PHE A 176 -6.51 -32.51 8.41
C PHE A 176 -6.67 -31.00 8.56
N VAL A 177 -6.44 -30.47 9.77
CA VAL A 177 -6.46 -29.01 10.05
C VAL A 177 -5.05 -28.56 10.42
N ALA A 178 -4.53 -27.58 9.70
CA ALA A 178 -3.25 -26.92 10.03
C ALA A 178 -3.57 -25.54 10.59
N PHE A 179 -2.78 -25.11 11.58
CA PHE A 179 -3.02 -23.93 12.43
C PHE A 179 -2.00 -22.83 12.19
N TYR A 180 -1.01 -23.05 11.34
CA TYR A 180 0.05 -22.09 11.00
C TYR A 180 0.27 -22.13 9.48
N ASP A 181 0.65 -20.99 8.89
CA ASP A 181 0.80 -20.80 7.42
C ASP A 181 1.98 -21.64 6.90
N TYR A 182 3.03 -21.76 7.71
CA TYR A 182 4.30 -22.41 7.36
C TYR A 182 4.13 -23.93 7.41
N GLN A 183 2.93 -24.43 7.72
CA GLN A 183 2.67 -25.90 7.80
C GLN A 183 2.06 -26.39 6.50
N ALA A 184 1.65 -25.47 5.61
CA ALA A 184 0.95 -25.80 4.35
C ALA A 184 1.54 -24.97 3.22
N TYR A 185 2.04 -25.62 2.17
CA TYR A 185 2.56 -24.92 0.96
C TYR A 185 1.67 -25.25 -0.24
N PRO A 186 1.10 -24.21 -0.88
CA PRO A 186 0.17 -24.42 -1.99
C PRO A 186 0.94 -24.65 -3.28
N GLU A 187 1.44 -25.87 -3.50
CA GLU A 187 2.38 -26.10 -4.60
C GLU A 187 1.64 -25.88 -5.93
N TYR A 188 0.38 -26.33 -6.04
CA TYR A 188 -0.32 -26.46 -7.31
C TYR A 188 -1.76 -25.93 -7.18
N LEU A 189 -2.21 -25.10 -8.13
CA LEU A 189 -3.63 -24.74 -8.28
C LEU A 189 -4.25 -25.45 -9.49
N ILE A 190 -5.24 -26.31 -9.25
CA ILE A 190 -6.01 -26.98 -10.33
C ILE A 190 -7.25 -26.12 -10.60
N THR A 191 -7.37 -25.66 -11.85
CA THR A 191 -8.55 -24.93 -12.36
C THR A 191 -9.33 -25.90 -13.27
N PHE A 192 -10.62 -26.08 -13.01
CA PHE A 192 -11.45 -27.14 -13.65
C PHE A 192 -12.92 -26.72 -13.63
N ARG A 193 -13.81 -27.54 -14.21
CA ARG A 193 -15.25 -27.24 -14.36
C ARG A 193 -16.02 -28.57 -14.51
N LYS A 194 -17.35 -28.51 -14.41
CA LYS A 194 -18.24 -29.70 -14.37
C LYS A 194 -18.40 -30.27 -15.79
N ASN B 9 9.12 -23.47 -20.27
CA ASN B 9 8.30 -22.47 -19.54
C ASN B 9 8.85 -22.27 -18.12
N PHE B 10 8.86 -21.01 -17.67
CA PHE B 10 9.53 -20.62 -16.40
C PHE B 10 8.96 -19.29 -15.91
N CYS B 11 9.10 -18.99 -14.62
CA CYS B 11 8.93 -17.64 -14.04
C CYS B 11 10.14 -17.27 -13.19
N VAL B 12 10.20 -16.01 -12.75
CA VAL B 12 11.37 -15.35 -12.10
C VAL B 12 10.86 -14.44 -10.99
N VAL B 13 11.16 -14.73 -9.71
CA VAL B 13 10.84 -13.83 -8.56
C VAL B 13 12.08 -13.02 -8.20
N GLU B 14 12.03 -11.68 -8.29
CA GLU B 14 13.07 -10.82 -7.67
C GLU B 14 12.93 -10.94 -6.16
N LEU B 15 14.04 -11.19 -5.46
CA LEU B 15 14.06 -11.30 -3.96
C LEU B 15 14.35 -9.91 -3.38
N LEU B 16 13.72 -9.61 -2.26
CA LEU B 16 13.86 -8.37 -1.47
C LEU B 16 15.09 -8.51 -0.56
N PRO B 17 15.87 -7.45 -0.34
CA PRO B 17 16.99 -7.49 0.60
C PRO B 17 16.68 -8.06 2.00
N SER B 18 15.41 -8.18 2.36
CA SER B 18 14.92 -8.62 3.70
C SER B 18 14.60 -10.13 3.70
N ASP B 19 14.59 -10.81 2.54
CA ASP B 19 14.28 -12.27 2.43
C ASP B 19 15.52 -13.08 2.79
N PRO B 20 15.39 -14.17 3.60
CA PRO B 20 16.53 -14.98 3.96
C PRO B 20 17.34 -15.46 2.74
N GLU B 21 16.66 -15.77 1.63
CA GLU B 21 17.37 -16.32 0.44
C GLU B 21 18.33 -15.27 -0.13
N TYR B 22 17.89 -14.03 -0.32
CA TYR B 22 18.74 -12.89 -0.80
C TYR B 22 20.05 -12.88 0.00
N ASN B 23 19.90 -12.93 1.32
CA ASN B 23 21.02 -12.68 2.24
C ASN B 23 21.98 -13.86 2.17
N THR B 24 21.45 -15.09 2.08
CA THR B 24 22.23 -16.35 1.92
C THR B 24 23.13 -16.21 0.69
N VAL B 25 22.53 -15.83 -0.45
CA VAL B 25 23.21 -15.73 -1.78
C VAL B 25 24.22 -14.58 -1.76
N ALA B 26 23.77 -13.36 -1.47
CA ALA B 26 24.64 -12.17 -1.25
C ALA B 26 25.82 -12.59 -0.35
N SER B 27 25.57 -13.20 0.80
CA SER B 27 26.67 -13.64 1.71
C SER B 27 27.71 -14.45 0.92
N LYS B 28 27.29 -15.43 0.15
CA LYS B 28 28.24 -16.33 -0.54
C LYS B 28 28.98 -15.55 -1.64
N PHE B 29 28.27 -14.78 -2.46
CA PHE B 29 28.83 -13.87 -3.49
C PHE B 29 29.88 -12.99 -2.85
N ASN B 30 29.50 -12.34 -1.74
CA ASN B 30 30.29 -11.27 -1.07
C ASN B 30 31.56 -11.87 -0.46
N GLN B 31 31.69 -13.19 -0.38
CA GLN B 31 32.93 -13.78 0.17
C GLN B 31 34.14 -13.43 -0.71
N THR B 32 33.95 -13.14 -1.99
CA THR B 32 35.05 -12.76 -2.91
C THR B 32 34.65 -11.61 -3.85
N CYS B 33 33.47 -11.00 -3.70
CA CYS B 33 32.97 -9.92 -4.59
C CYS B 33 32.27 -8.78 -3.84
N SER B 34 32.67 -8.49 -2.59
CA SER B 34 32.02 -7.48 -1.71
C SER B 34 32.10 -6.08 -2.33
N HIS B 35 33.25 -5.77 -2.96
CA HIS B 35 33.59 -4.47 -3.57
C HIS B 35 32.75 -4.22 -4.84
N PHE B 36 31.94 -5.18 -5.29
CA PHE B 36 30.94 -4.95 -6.37
C PHE B 36 29.61 -4.58 -5.71
N ARG B 37 28.69 -4.03 -6.52
CA ARG B 37 27.35 -3.53 -6.08
C ARG B 37 26.23 -4.41 -6.66
N ILE B 38 25.56 -5.18 -5.82
CA ILE B 38 24.38 -6.02 -6.19
C ILE B 38 23.22 -5.08 -6.50
N GLU B 39 22.59 -5.23 -7.68
CA GLU B 39 21.39 -4.45 -8.10
C GLU B 39 20.12 -5.27 -7.86
N LYS B 40 20.13 -6.57 -8.16
CA LYS B 40 19.03 -7.49 -7.80
C LYS B 40 19.50 -8.95 -7.80
N ILE B 41 18.79 -9.79 -7.07
CA ILE B 41 18.95 -11.26 -7.09
C ILE B 41 17.58 -11.86 -7.44
N GLU B 42 17.50 -12.65 -8.50
CA GLU B 42 16.24 -13.30 -8.96
C GLU B 42 16.30 -14.81 -8.73
N ARG B 43 15.17 -15.40 -8.38
CA ARG B 43 15.02 -16.84 -8.20
C ARG B 43 14.34 -17.33 -9.48
N ILE B 44 14.96 -18.30 -10.14
CA ILE B 44 14.45 -18.85 -11.43
C ILE B 44 13.64 -20.09 -11.09
N GLN B 45 12.40 -20.17 -11.55
CA GLN B 45 11.51 -21.32 -11.30
C GLN B 45 11.09 -21.87 -12.66
N ASN B 46 11.76 -22.95 -13.06
CA ASN B 46 11.53 -23.71 -14.32
C ASN B 46 11.18 -25.14 -13.94
N PRO B 47 9.88 -25.47 -13.74
CA PRO B 47 9.46 -26.80 -13.31
C PRO B 47 10.10 -28.02 -14.01
N ASP B 48 10.16 -28.03 -15.35
CA ASP B 48 10.63 -29.24 -16.10
C ASP B 48 12.10 -29.46 -15.82
N LEU B 49 12.86 -28.37 -15.89
CA LEU B 49 14.32 -28.39 -15.57
C LEU B 49 14.54 -28.87 -14.13
N TRP B 50 13.80 -28.31 -13.17
CA TRP B 50 13.83 -28.70 -11.72
C TRP B 50 13.42 -30.17 -11.52
N ASN B 51 12.42 -30.67 -12.25
CA ASN B 51 11.93 -32.05 -12.11
C ASN B 51 13.04 -33.01 -12.59
N SER B 52 13.68 -32.68 -13.72
CA SER B 52 14.79 -33.44 -14.33
C SER B 52 15.97 -33.47 -13.37
N TYR B 53 16.31 -32.31 -12.79
CA TYR B 53 17.44 -32.16 -11.85
C TYR B 53 17.20 -33.05 -10.61
N GLN B 54 15.99 -33.00 -10.02
CA GLN B 54 15.69 -33.72 -8.75
C GLN B 54 15.70 -35.22 -9.01
N ALA B 55 15.30 -35.64 -10.22
CA ALA B 55 15.34 -37.05 -10.65
C ALA B 55 16.79 -37.56 -10.67
N LYS B 56 17.69 -36.76 -11.24
CA LYS B 56 19.13 -37.05 -11.34
C LYS B 56 19.76 -37.08 -9.93
N LYS B 57 19.32 -36.17 -9.05
CA LYS B 57 19.83 -36.13 -7.65
C LYS B 57 19.46 -37.41 -6.88
N LYS B 58 18.26 -37.95 -7.14
CA LYS B 58 17.74 -39.14 -6.43
C LYS B 58 18.63 -40.35 -6.79
N THR B 59 18.88 -40.58 -8.07
CA THR B 59 19.69 -41.72 -8.55
C THR B 59 21.15 -41.52 -8.11
N MET B 60 21.69 -40.30 -8.20
CA MET B 60 23.08 -40.01 -7.78
C MET B 60 23.24 -40.25 -6.27
N ASP B 61 22.26 -39.87 -5.45
CA ASP B 61 22.29 -40.06 -3.98
C ASP B 61 22.33 -41.56 -3.63
N ALA B 62 21.62 -42.40 -4.39
CA ALA B 62 21.50 -43.87 -4.20
C ALA B 62 22.61 -44.61 -4.97
N LYS B 63 23.73 -43.94 -5.23
CA LYS B 63 24.83 -44.51 -6.06
C LYS B 63 26.16 -44.19 -5.42
N ASN B 64 26.33 -42.96 -4.92
CA ASN B 64 27.62 -42.44 -4.43
C ASN B 64 27.67 -42.54 -2.90
N GLY B 65 26.70 -43.24 -2.30
CA GLY B 65 26.75 -43.61 -0.88
C GLY B 65 26.73 -42.39 0.00
N GLN B 66 27.80 -42.18 0.76
CA GLN B 66 27.91 -41.07 1.74
C GLN B 66 28.22 -39.74 1.05
N THR B 67 28.58 -39.76 -0.23
CA THR B 67 28.98 -38.54 -0.99
C THR B 67 27.89 -37.48 -0.92
N MET B 68 28.26 -36.27 -0.52
CA MET B 68 27.44 -35.05 -0.72
C MET B 68 27.56 -34.67 -2.20
N ASN B 69 26.55 -35.00 -3.00
CA ASN B 69 26.60 -34.88 -4.46
C ASN B 69 26.44 -33.42 -4.93
N GLU B 70 25.82 -32.55 -4.11
CA GLU B 70 25.35 -31.21 -4.57
C GLU B 70 26.29 -30.12 -4.02
N LYS B 71 26.78 -29.25 -4.91
CA LYS B 71 27.50 -28.00 -4.53
C LYS B 71 26.74 -26.82 -5.13
N GLN B 72 26.93 -25.64 -4.54
CA GLN B 72 26.38 -24.38 -5.08
C GLN B 72 27.56 -23.59 -5.64
N LEU B 73 27.51 -23.33 -6.94
CA LEU B 73 28.64 -22.78 -7.73
C LEU B 73 28.15 -21.58 -8.55
N PHE B 74 29.10 -20.91 -9.17
CA PHE B 74 28.86 -19.62 -9.84
C PHE B 74 29.11 -19.86 -11.32
N HIS B 75 28.30 -19.20 -12.13
CA HIS B 75 28.38 -19.20 -13.59
C HIS B 75 28.11 -17.80 -14.13
N GLY B 76 29.17 -17.16 -14.63
CA GLY B 76 29.08 -15.84 -15.27
C GLY B 76 28.69 -16.00 -16.73
N THR B 77 27.82 -15.15 -17.24
CA THR B 77 27.41 -15.21 -18.66
C THR B 77 27.08 -13.80 -19.15
N ASP B 78 26.95 -13.68 -20.47
CA ASP B 78 26.49 -12.45 -21.16
C ASP B 78 24.97 -12.35 -20.94
N ALA B 79 24.46 -11.13 -20.92
CA ALA B 79 23.03 -10.80 -20.85
C ALA B 79 22.23 -11.64 -21.86
N GLY B 80 22.76 -11.82 -23.07
CA GLY B 80 22.08 -12.51 -24.19
C GLY B 80 21.76 -13.97 -23.91
N SER B 81 22.48 -14.59 -22.96
CA SER B 81 22.34 -16.04 -22.68
C SER B 81 21.31 -16.28 -21.55
N VAL B 82 20.98 -15.24 -20.79
CA VAL B 82 20.08 -15.35 -19.60
C VAL B 82 18.71 -15.96 -19.99
N PRO B 83 18.00 -15.42 -20.99
CA PRO B 83 16.75 -16.04 -21.42
C PRO B 83 16.90 -17.51 -21.84
N HIS B 84 17.94 -17.85 -22.61
CA HIS B 84 18.19 -19.24 -23.09
C HIS B 84 18.41 -20.15 -21.86
N VAL B 85 19.14 -19.66 -20.86
CA VAL B 85 19.52 -20.44 -19.64
C VAL B 85 18.29 -20.62 -18.74
N ASN B 86 17.55 -19.54 -18.45
CA ASN B 86 16.34 -19.59 -17.60
C ASN B 86 15.33 -20.58 -18.22
N ARG B 87 15.37 -20.75 -19.55
CA ARG B 87 14.40 -21.54 -20.33
C ARG B 87 14.91 -22.98 -20.52
N ASN B 88 16.16 -23.22 -20.95
CA ASN B 88 16.62 -24.58 -21.31
C ASN B 88 17.83 -25.03 -20.48
N GLY B 89 18.17 -24.27 -19.43
CA GLY B 89 19.30 -24.59 -18.54
C GLY B 89 20.60 -24.54 -19.30
N PHE B 90 21.59 -25.30 -18.82
CA PHE B 90 22.93 -25.33 -19.42
C PHE B 90 22.96 -26.53 -20.37
N ASN B 91 22.24 -26.38 -21.48
CA ASN B 91 22.05 -27.44 -22.50
C ASN B 91 23.32 -27.49 -23.37
N ARG B 92 23.34 -28.37 -24.38
CA ARG B 92 24.53 -28.65 -25.19
C ARG B 92 24.90 -27.46 -26.06
N SER B 93 23.94 -26.72 -26.61
CA SER B 93 24.27 -25.56 -27.48
C SER B 93 24.99 -24.51 -26.61
N TYR B 94 24.57 -24.34 -25.36
CA TYR B 94 25.21 -23.38 -24.44
C TYR B 94 26.66 -23.82 -24.13
N ALA B 95 26.87 -25.11 -23.83
CA ALA B 95 28.19 -25.67 -23.49
C ALA B 95 29.18 -25.48 -24.65
N GLY B 96 28.69 -25.59 -25.89
CA GLY B 96 29.51 -25.36 -27.11
C GLY B 96 30.22 -24.04 -27.06
N LYS B 97 29.65 -23.04 -26.40
CA LYS B 97 30.23 -21.68 -26.29
C LYS B 97 31.16 -21.59 -25.08
N ASN B 98 31.14 -22.57 -24.17
CA ASN B 98 32.05 -22.61 -22.99
C ASN B 98 33.45 -23.08 -23.43
N ALA B 99 34.43 -22.90 -22.54
CA ALA B 99 35.84 -23.29 -22.71
C ALA B 99 35.98 -24.80 -22.93
N VAL B 100 37.18 -25.26 -23.27
CA VAL B 100 37.41 -26.67 -23.67
C VAL B 100 38.49 -27.32 -22.80
N ALA B 101 39.33 -26.53 -22.14
CA ALA B 101 40.60 -27.05 -21.56
C ALA B 101 40.36 -28.28 -20.69
N TYR B 102 39.21 -28.37 -20.03
CA TYR B 102 38.87 -29.50 -19.11
C TYR B 102 37.71 -30.33 -19.65
N GLY B 103 37.28 -30.08 -20.88
CA GLY B 103 36.21 -30.84 -21.56
C GLY B 103 35.14 -29.94 -22.16
N LYS B 104 34.25 -30.50 -22.96
CA LYS B 104 33.15 -29.74 -23.60
C LYS B 104 31.88 -29.90 -22.81
N GLY B 105 31.68 -29.02 -21.82
CA GLY B 105 30.48 -28.97 -20.96
C GLY B 105 30.31 -27.55 -20.47
N THR B 106 29.51 -27.36 -19.45
CA THR B 106 29.29 -26.04 -18.85
C THR B 106 30.24 -25.91 -17.65
N TYR B 107 30.89 -24.76 -17.49
CA TYR B 107 31.97 -24.52 -16.51
C TYR B 107 31.35 -23.79 -15.32
N PHE B 108 31.71 -24.23 -14.11
CA PHE B 108 31.19 -23.63 -12.87
C PHE B 108 32.33 -23.41 -11.88
N ALA B 109 32.34 -22.22 -11.26
CA ALA B 109 33.40 -21.72 -10.37
C ALA B 109 33.00 -21.89 -8.91
N VAL B 110 33.94 -22.36 -8.08
CA VAL B 110 33.74 -22.43 -6.61
C VAL B 110 33.55 -21.00 -6.09
N ASN B 111 34.40 -20.07 -6.55
CA ASN B 111 34.42 -18.66 -6.05
C ASN B 111 33.78 -17.69 -7.05
N ALA B 112 32.87 -16.85 -6.58
CA ALA B 112 32.20 -15.79 -7.37
C ALA B 112 33.23 -14.95 -8.16
N ASN B 113 34.38 -14.63 -7.57
CA ASN B 113 35.38 -13.70 -8.16
C ASN B 113 35.87 -14.26 -9.51
N TYR B 114 36.00 -15.57 -9.65
CA TYR B 114 36.36 -16.23 -10.94
C TYR B 114 35.29 -15.91 -12.00
N SER B 115 34.02 -16.19 -11.72
CA SER B 115 32.86 -16.00 -12.63
C SER B 115 32.62 -14.51 -12.91
N ALA B 116 33.06 -13.63 -12.01
CA ALA B 116 32.85 -12.16 -12.14
C ALA B 116 33.83 -11.55 -13.14
N ASN B 117 34.85 -12.29 -13.61
CA ASN B 117 35.82 -11.74 -14.59
C ASN B 117 35.01 -11.31 -15.81
N ASP B 118 35.38 -10.19 -16.45
CA ASP B 118 34.64 -9.62 -17.62
C ASP B 118 34.61 -10.63 -18.77
N THR B 119 35.57 -11.55 -18.83
CA THR B 119 35.65 -12.60 -19.89
C THR B 119 34.38 -13.47 -19.87
N TYR B 120 33.77 -13.68 -18.69
CA TYR B 120 32.65 -14.61 -18.42
C TYR B 120 31.36 -13.79 -18.21
N SER B 121 31.30 -12.95 -17.18
CA SER B 121 30.11 -12.11 -16.89
C SER B 121 30.30 -10.77 -17.60
N ARG B 122 30.31 -10.79 -18.93
CA ARG B 122 30.63 -9.63 -19.80
C ARG B 122 29.67 -8.47 -19.50
N PRO B 123 30.16 -7.28 -19.14
CA PRO B 123 29.27 -6.15 -18.88
C PRO B 123 28.46 -5.80 -20.13
N ASP B 124 27.15 -5.60 -19.97
CA ASP B 124 26.21 -5.27 -21.07
C ASP B 124 26.34 -3.78 -21.42
N ALA B 125 25.45 -3.25 -22.27
CA ALA B 125 25.47 -1.84 -22.72
C ALA B 125 25.50 -0.88 -21.51
N ASN B 126 24.76 -1.18 -20.44
CA ASN B 126 24.62 -0.36 -19.21
C ASN B 126 25.64 -0.71 -18.12
N GLY B 127 26.63 -1.56 -18.39
CA GLY B 127 27.67 -1.96 -17.42
C GLY B 127 27.17 -2.93 -16.35
N ARG B 128 26.04 -3.60 -16.59
CA ARG B 128 25.45 -4.63 -15.68
C ARG B 128 26.07 -5.99 -16.01
N LYS B 129 26.52 -6.72 -14.98
CA LYS B 129 27.13 -8.07 -15.06
C LYS B 129 26.13 -9.09 -14.49
N HIS B 130 26.15 -10.32 -15.00
CA HIS B 130 25.21 -11.41 -14.65
C HIS B 130 25.97 -12.64 -14.18
N VAL B 131 25.77 -13.03 -12.92
CA VAL B 131 26.35 -14.30 -12.42
C VAL B 131 25.23 -15.10 -11.75
N TYR B 132 25.07 -16.35 -12.20
CA TYR B 132 24.14 -17.32 -11.58
C TYR B 132 24.79 -17.97 -10.35
N TYR B 133 23.99 -18.20 -9.32
CA TYR B 133 24.27 -19.13 -8.20
C TYR B 133 23.51 -20.42 -8.51
N VAL B 134 24.25 -21.47 -8.84
CA VAL B 134 23.73 -22.70 -9.49
C VAL B 134 23.83 -23.85 -8.52
N ARG B 135 22.81 -24.69 -8.49
CA ARG B 135 22.90 -26.02 -7.85
C ARG B 135 23.49 -26.99 -8.87
N VAL B 136 24.64 -27.59 -8.55
CA VAL B 136 25.35 -28.51 -9.45
C VAL B 136 25.56 -29.86 -8.76
N LEU B 137 25.22 -30.94 -9.45
CA LEU B 137 25.45 -32.34 -8.99
C LEU B 137 26.86 -32.80 -9.41
N THR B 138 27.89 -32.34 -8.69
CA THR B 138 29.31 -32.63 -8.94
C THR B 138 29.58 -34.12 -8.66
N GLY B 139 28.88 -34.71 -7.70
CA GLY B 139 29.01 -36.15 -7.38
C GLY B 139 30.44 -36.56 -7.09
N ILE B 140 30.88 -37.65 -7.71
CA ILE B 140 32.29 -38.13 -7.70
C ILE B 140 32.98 -37.51 -8.90
N TYR B 141 34.04 -36.72 -8.67
CA TYR B 141 34.71 -35.98 -9.76
C TYR B 141 36.17 -36.42 -9.88
N THR B 142 36.72 -36.21 -11.08
CA THR B 142 38.12 -36.48 -11.45
C THR B 142 38.69 -35.30 -12.21
N HIS B 143 39.98 -35.39 -12.60
CA HIS B 143 40.66 -34.32 -13.36
C HIS B 143 40.15 -34.35 -14.80
N GLY B 144 39.76 -33.19 -15.36
CA GLY B 144 39.28 -33.13 -16.76
C GLY B 144 40.43 -32.98 -17.75
N ASN B 145 40.13 -33.13 -19.04
CA ASN B 145 41.09 -32.87 -20.15
C ASN B 145 40.31 -32.43 -21.42
N HIS B 146 41.03 -31.94 -22.43
CA HIS B 146 40.47 -31.27 -23.63
C HIS B 146 39.58 -32.24 -24.42
N SER B 147 39.78 -33.57 -24.33
CA SER B 147 39.14 -34.55 -25.26
C SER B 147 37.73 -34.97 -24.81
N LEU B 148 37.27 -34.55 -23.62
CA LEU B 148 36.02 -35.06 -23.00
C LEU B 148 34.78 -34.39 -23.58
N ILE B 149 33.75 -35.18 -23.92
CA ILE B 149 32.37 -34.69 -24.13
C ILE B 149 31.44 -35.25 -23.03
N VAL B 150 31.96 -36.17 -22.21
CA VAL B 150 31.33 -36.69 -20.96
C VAL B 150 32.48 -37.10 -20.05
N PRO B 151 32.28 -37.26 -18.72
CA PRO B 151 33.38 -37.54 -17.82
C PRO B 151 34.03 -38.88 -18.18
N PRO B 152 35.33 -39.08 -17.86
CA PRO B 152 35.98 -40.35 -18.13
C PRO B 152 35.28 -41.49 -17.37
N SER B 153 35.53 -42.72 -17.79
CA SER B 153 35.19 -43.93 -17.03
C SER B 153 36.17 -44.04 -15.84
N LYS B 154 35.70 -44.57 -14.71
CA LYS B 154 36.52 -44.82 -13.51
C LYS B 154 37.53 -45.94 -13.80
N ASN B 155 37.05 -46.89 -14.59
CA ASN B 155 37.50 -48.29 -14.69
C ASN B 155 37.73 -48.58 -16.17
N PRO B 156 38.98 -48.69 -16.65
CA PRO B 156 39.20 -49.11 -18.05
C PRO B 156 38.37 -50.38 -18.32
N GLN B 157 38.28 -51.26 -17.32
CA GLN B 157 37.52 -52.54 -17.31
C GLN B 157 36.02 -52.31 -17.53
N ASN B 158 35.47 -51.17 -17.09
CA ASN B 158 34.02 -50.87 -17.19
C ASN B 158 33.82 -49.46 -17.75
N PRO B 159 33.84 -49.29 -19.09
CA PRO B 159 33.85 -47.96 -19.70
C PRO B 159 32.50 -47.23 -19.79
N THR B 160 31.48 -47.71 -19.06
CA THR B 160 30.14 -47.07 -18.93
C THR B 160 29.92 -46.58 -17.48
N ASP B 161 30.89 -46.80 -16.61
CA ASP B 161 30.86 -46.33 -15.23
C ASP B 161 31.64 -45.03 -15.33
N LEU B 162 30.95 -43.89 -15.23
CA LEU B 162 31.58 -42.57 -15.42
C LEU B 162 31.62 -41.79 -14.10
N TYR B 163 32.62 -40.94 -13.93
CA TYR B 163 32.60 -39.84 -12.94
C TYR B 163 31.40 -38.94 -13.25
N ASP B 164 30.92 -38.20 -12.24
CA ASP B 164 29.71 -37.37 -12.37
C ASP B 164 30.07 -36.03 -13.02
N THR B 165 31.25 -35.49 -12.70
CA THR B 165 31.81 -34.24 -13.26
C THR B 165 33.34 -34.31 -13.24
N VAL B 166 33.97 -33.28 -13.82
CA VAL B 166 35.44 -33.09 -13.79
C VAL B 166 35.78 -31.71 -13.22
N THR B 167 37.04 -31.53 -12.89
CA THR B 167 37.58 -30.34 -12.21
C THR B 167 39.00 -30.09 -12.70
N ASP B 168 39.55 -28.92 -12.35
CA ASP B 168 40.95 -28.52 -12.67
C ASP B 168 41.89 -29.22 -11.68
N ASN B 169 41.40 -29.54 -10.49
CA ASN B 169 42.22 -30.03 -9.34
C ASN B 169 41.32 -30.79 -8.35
N VAL B 170 41.43 -32.12 -8.32
CA VAL B 170 40.49 -32.96 -7.53
C VAL B 170 40.60 -32.60 -6.03
N HIS B 171 41.79 -32.37 -5.49
CA HIS B 171 41.99 -32.14 -4.04
C HIS B 171 41.77 -30.65 -3.71
N HIS B 172 42.01 -29.70 -4.65
CA HIS B 172 41.82 -28.24 -4.43
C HIS B 172 41.06 -27.61 -5.59
N PRO B 173 39.77 -27.98 -5.80
CA PRO B 173 38.99 -27.54 -6.97
C PRO B 173 38.80 -26.02 -7.00
N SER B 174 38.87 -25.40 -8.18
CA SER B 174 38.47 -23.99 -8.40
C SER B 174 37.26 -23.91 -9.35
N LEU B 175 37.02 -24.99 -10.12
CA LEU B 175 35.88 -25.09 -11.06
C LEU B 175 35.50 -26.56 -11.26
N PHE B 176 34.31 -26.77 -11.77
CA PHE B 176 33.74 -28.10 -12.09
C PHE B 176 33.10 -27.97 -13.47
N VAL B 177 33.16 -29.03 -14.28
CA VAL B 177 32.49 -29.09 -15.60
C VAL B 177 31.36 -30.11 -15.55
N ALA B 178 30.14 -29.69 -15.89
CA ALA B 178 28.97 -30.57 -16.03
C ALA B 178 28.65 -30.71 -17.52
N PHE B 179 28.24 -31.91 -17.92
CA PHE B 179 28.13 -32.35 -19.33
C PHE B 179 26.69 -32.62 -19.73
N TYR B 180 25.73 -32.45 -18.84
CA TYR B 180 24.28 -32.61 -19.12
C TYR B 180 23.54 -31.45 -18.42
N ASP B 181 22.39 -31.05 -18.97
CA ASP B 181 21.58 -29.89 -18.49
C ASP B 181 20.95 -30.22 -17.13
N TYR B 182 20.60 -31.49 -16.90
CA TYR B 182 19.88 -31.95 -15.70
C TYR B 182 20.85 -32.08 -14.53
N GLN B 183 22.13 -31.75 -14.73
CA GLN B 183 23.14 -31.84 -13.64
C GLN B 183 23.34 -30.47 -12.98
N ALA B 184 22.77 -29.41 -13.58
CA ALA B 184 22.92 -28.01 -13.11
C ALA B 184 21.59 -27.31 -13.12
N TYR B 185 21.15 -26.76 -12.00
CA TYR B 185 19.91 -25.97 -11.89
C TYR B 185 20.26 -24.51 -11.55
N PRO B 186 19.86 -23.55 -12.41
CA PRO B 186 20.23 -22.15 -12.21
C PRO B 186 19.25 -21.51 -11.24
N GLU B 187 19.44 -21.73 -9.94
CA GLU B 187 18.43 -21.33 -8.95
C GLU B 187 18.34 -19.80 -8.93
N TYR B 188 19.47 -19.10 -9.02
CA TYR B 188 19.54 -17.65 -8.71
C TYR B 188 20.35 -16.93 -9.78
N LEU B 189 19.85 -15.79 -10.26
CA LEU B 189 20.64 -14.86 -11.11
C LEU B 189 20.99 -13.61 -10.30
N ILE B 190 22.28 -13.38 -10.09
CA ILE B 190 22.78 -12.13 -9.45
C ILE B 190 23.08 -11.13 -10.58
N THR B 191 22.42 -9.97 -10.51
CA THR B 191 22.71 -8.82 -11.40
C THR B 191 23.45 -7.76 -10.57
N PHE B 192 24.60 -7.30 -11.02
CA PHE B 192 25.53 -6.44 -10.23
C PHE B 192 26.40 -5.61 -11.17
N ARG B 193 27.26 -4.73 -10.61
CA ARG B 193 28.06 -3.76 -11.40
C ARG B 193 29.28 -3.34 -10.57
N LYS B 194 30.27 -2.70 -11.21
CA LYS B 194 31.58 -2.37 -10.59
C LYS B 194 31.42 -1.13 -9.71
N ASN C 9 16.01 -17.98 23.40
CA ASN C 9 17.01 -17.60 24.42
C ASN C 9 16.68 -16.22 25.00
N PHE C 10 16.89 -16.05 26.31
CA PHE C 10 16.50 -14.83 27.06
C PHE C 10 17.30 -14.75 28.37
N CYS C 11 17.41 -13.56 28.96
CA CYS C 11 17.83 -13.35 30.38
C CYS C 11 16.84 -12.44 31.09
N VAL C 12 16.99 -12.31 32.43
CA VAL C 12 16.02 -11.66 33.36
C VAL C 12 16.78 -10.86 34.42
N VAL C 13 16.72 -9.52 34.39
CA VAL C 13 17.40 -8.62 35.39
C VAL C 13 16.37 -8.17 36.43
N GLU C 14 16.57 -8.51 37.71
CA GLU C 14 15.80 -7.86 38.81
C GLU C 14 16.20 -6.38 38.88
N LEU C 15 15.22 -5.48 38.92
CA LEU C 15 15.41 -4.01 39.03
C LEU C 15 15.41 -3.61 40.50
N LEU C 16 16.28 -2.64 40.84
CA LEU C 16 16.37 -2.09 42.23
C LEU C 16 15.33 -0.97 42.36
N PRO C 17 14.70 -0.81 43.55
CA PRO C 17 13.77 0.30 43.78
C PRO C 17 14.32 1.70 43.46
N SER C 18 15.62 1.84 43.21
CA SER C 18 16.32 3.11 42.89
C SER C 18 16.42 3.37 41.37
N ASP C 19 16.06 2.40 40.51
CA ASP C 19 16.08 2.56 39.03
C ASP C 19 14.83 3.33 38.57
N PRO C 20 14.96 4.31 37.65
CA PRO C 20 13.76 4.98 37.12
C PRO C 20 12.73 3.99 36.54
N GLU C 21 13.19 2.89 35.94
CA GLU C 21 12.30 1.89 35.31
C GLU C 21 11.38 1.28 36.38
N TYR C 22 11.93 0.80 37.52
CA TYR C 22 11.16 0.23 38.66
C TYR C 22 10.01 1.17 38.99
N ASN C 23 10.34 2.44 39.16
CA ASN C 23 9.42 3.45 39.73
C ASN C 23 8.31 3.71 38.70
N THR C 24 8.66 3.78 37.42
CA THR C 24 7.70 3.94 36.29
C THR C 24 6.63 2.84 36.38
N VAL C 25 7.08 1.58 36.48
CA VAL C 25 6.22 0.36 36.47
C VAL C 25 5.39 0.31 37.76
N ALA C 26 6.06 0.31 38.92
CA ALA C 26 5.42 0.42 40.25
C ALA C 26 4.34 1.51 40.23
N SER C 27 4.70 2.71 39.77
CA SER C 27 3.72 3.84 39.72
C SER C 27 2.46 3.37 38.99
N LYS C 28 2.59 2.74 37.83
CA LYS C 28 1.41 2.40 37.01
C LYS C 28 0.61 1.30 37.71
N PHE C 29 1.28 0.25 38.20
CA PHE C 29 0.69 -0.84 39.01
C PHE C 29 -0.13 -0.24 40.14
N ASN C 30 0.53 0.65 40.88
CA ASN C 30 0.02 1.21 42.16
C ASN C 30 -1.19 2.11 41.91
N GLN C 31 -1.49 2.47 40.67
CA GLN C 31 -2.67 3.30 40.39
C GLN C 31 -3.96 2.56 40.77
N THR C 32 -3.96 1.22 40.78
CA THR C 32 -5.16 0.43 41.16
C THR C 32 -4.80 -0.77 42.06
N CYS C 33 -3.54 -0.90 42.50
CA CYS C 33 -3.09 -2.05 43.33
C CYS C 33 -2.14 -1.61 44.45
N SER C 34 -2.27 -0.41 45.01
CA SER C 34 -1.36 0.15 46.06
C SER C 34 -1.41 -0.73 47.31
N HIS C 35 -2.59 -1.24 47.67
CA HIS C 35 -2.83 -2.09 48.87
C HIS C 35 -2.22 -3.50 48.71
N PHE C 36 -1.63 -3.82 47.57
CA PHE C 36 -0.81 -5.05 47.37
C PHE C 36 0.66 -4.67 47.60
N ARG C 37 1.51 -5.68 47.78
CA ARG C 37 2.94 -5.53 48.19
C ARG C 37 3.83 -6.06 47.07
N ILE C 38 4.52 -5.17 46.35
CA ILE C 38 5.52 -5.55 45.31
C ILE C 38 6.73 -6.16 46.01
N GLU C 39 7.17 -7.36 45.62
CA GLU C 39 8.41 -8.00 46.14
C GLU C 39 9.59 -7.79 45.18
N LYS C 40 9.36 -7.90 43.88
CA LYS C 40 10.36 -7.56 42.85
C LYS C 40 9.68 -7.22 41.53
N ILE C 41 10.40 -6.47 40.71
CA ILE C 41 10.10 -6.23 39.28
C ILE C 41 11.32 -6.72 38.49
N GLU C 42 11.11 -7.62 37.54
CA GLU C 42 12.16 -8.15 36.63
C GLU C 42 11.96 -7.57 35.22
N ARG C 43 13.06 -7.33 34.52
CA ARG C 43 13.06 -6.87 33.14
C ARG C 43 13.45 -8.09 32.31
N ILE C 44 12.59 -8.49 31.38
CA ILE C 44 12.79 -9.69 30.53
C ILE C 44 13.51 -9.22 29.28
N GLN C 45 14.61 -9.86 28.94
CA GLN C 45 15.41 -9.49 27.75
C GLN C 45 15.47 -10.74 26.88
N ASN C 46 14.62 -10.77 25.85
CA ASN C 46 14.51 -11.85 24.85
C ASN C 46 14.73 -11.20 23.49
N PRO C 47 15.99 -11.15 22.99
CA PRO C 47 16.31 -10.49 21.72
C PRO C 47 15.41 -10.81 20.52
N ASP C 48 15.09 -12.08 20.27
CA ASP C 48 14.37 -12.53 19.04
C ASP C 48 12.95 -11.94 19.10
N LEU C 49 12.31 -12.09 20.26
CA LEU C 49 10.96 -11.58 20.54
C LEU C 49 10.94 -10.05 20.39
N TRP C 50 11.92 -9.36 21.00
CA TRP C 50 12.09 -7.88 20.93
C TRP C 50 12.33 -7.42 19.49
N ASN C 51 13.11 -8.17 18.72
CA ASN C 51 13.47 -7.74 17.33
C ASN C 51 12.21 -7.84 16.47
N SER C 52 11.45 -8.94 16.65
CA SER C 52 10.16 -9.18 15.95
C SER C 52 9.17 -8.08 16.29
N TYR C 53 9.07 -7.72 17.56
CA TYR C 53 8.14 -6.68 18.06
C TYR C 53 8.48 -5.34 17.42
N GLN C 54 9.77 -4.94 17.40
CA GLN C 54 10.19 -3.62 16.91
C GLN C 54 9.98 -3.54 15.39
N ALA C 55 10.10 -4.68 14.70
CA ALA C 55 9.86 -4.79 13.24
C ALA C 55 8.39 -4.50 12.96
N LYS C 56 7.49 -5.09 13.76
CA LYS C 56 6.02 -4.88 13.67
C LYS C 56 5.66 -3.42 14.00
N LYS C 57 6.33 -2.84 14.99
CA LYS C 57 6.09 -1.43 15.39
C LYS C 57 6.48 -0.47 14.25
N LYS C 58 7.54 -0.77 13.50
CA LYS C 58 8.06 0.09 12.41
C LYS C 58 6.99 0.16 11.31
N THR C 59 6.50 -0.97 10.84
CA THR C 59 5.48 -1.04 9.76
C THR C 59 4.15 -0.43 10.26
N MET C 60 3.75 -0.72 11.50
CA MET C 60 2.50 -0.13 12.08
C MET C 60 2.62 1.40 12.20
N ASP C 61 3.79 1.94 12.57
CA ASP C 61 4.05 3.40 12.69
C ASP C 61 3.91 4.09 11.32
N ALA C 62 4.36 3.43 10.25
CA ALA C 62 4.34 3.92 8.85
C ALA C 62 3.02 3.57 8.16
N LYS C 63 1.96 3.35 8.92
CA LYS C 63 0.64 2.90 8.39
C LYS C 63 -0.47 3.68 9.09
N ASN C 64 -0.38 3.87 10.41
CA ASN C 64 -1.47 4.46 11.24
C ASN C 64 -1.18 5.94 11.51
N GLY C 65 -0.19 6.51 10.81
CA GLY C 65 0.09 7.95 10.80
C GLY C 65 0.47 8.45 12.18
N GLN C 66 -0.36 9.34 12.73
CA GLN C 66 -0.11 10.03 14.04
C GLN C 66 -0.50 9.09 15.18
N THR C 67 -1.16 7.96 14.92
CA THR C 67 -1.59 7.00 15.98
C THR C 67 -0.37 6.59 16.84
N MET C 68 -0.52 6.73 18.16
CA MET C 68 0.34 6.05 19.15
C MET C 68 -0.10 4.58 19.16
N ASN C 69 0.67 3.74 18.50
CA ASN C 69 0.36 2.32 18.30
C ASN C 69 0.62 1.50 19.56
N GLU C 70 1.48 1.98 20.46
CA GLU C 70 1.94 1.23 21.65
C GLU C 70 1.19 1.69 22.91
N LYS C 71 0.62 0.73 23.65
CA LYS C 71 0.13 0.93 25.01
C LYS C 71 0.86 -0.04 25.93
N GLN C 72 0.94 0.31 27.21
CA GLN C 72 1.56 -0.52 28.25
C GLN C 72 0.42 -1.03 29.10
N LEU C 73 0.25 -2.35 29.10
CA LEU C 73 -0.92 -3.06 29.67
C LEU C 73 -0.44 -4.19 30.59
N PHE C 74 -1.37 -4.82 31.25
CA PHE C 74 -1.09 -5.78 32.32
C PHE C 74 -1.60 -7.13 31.85
N HIS C 75 -0.84 -8.15 32.19
CA HIS C 75 -1.17 -9.57 31.93
C HIS C 75 -0.82 -10.42 33.14
N GLY C 76 -1.83 -10.89 33.86
CA GLY C 76 -1.69 -11.80 35.01
C GLY C 76 -1.57 -13.23 34.53
N THR C 77 -0.69 -14.00 35.12
CA THR C 77 -0.54 -15.44 34.75
C THR C 77 -0.13 -16.26 35.97
N ASP C 78 -0.25 -17.57 35.82
CA ASP C 78 0.21 -18.58 36.82
C ASP C 78 1.74 -18.65 36.71
N ALA C 79 2.41 -18.95 37.82
CA ALA C 79 3.87 -19.13 37.88
C ALA C 79 4.33 -20.09 36.76
N GLY C 80 3.56 -21.14 36.47
CA GLY C 80 3.91 -22.19 35.48
C GLY C 80 4.07 -21.65 34.06
N SER C 81 3.47 -20.51 33.74
CA SER C 81 3.46 -19.95 32.36
C SER C 81 4.62 -18.97 32.16
N VAL C 82 5.24 -18.50 33.26
CA VAL C 82 6.31 -17.45 33.22
C VAL C 82 7.48 -17.89 32.34
N PRO C 83 8.08 -19.09 32.55
CA PRO C 83 9.15 -19.55 31.67
C PRO C 83 8.74 -19.61 30.19
N HIS C 84 7.54 -20.14 29.88
CA HIS C 84 7.05 -20.26 28.48
CA HIS C 84 7.07 -20.26 28.48
C HIS C 84 6.92 -18.86 27.87
N VAL C 85 6.44 -17.89 28.66
CA VAL C 85 6.19 -16.48 28.20
C VAL C 85 7.53 -15.76 28.01
N ASN C 86 8.43 -15.83 28.99
CA ASN C 86 9.78 -15.19 28.90
C ASN C 86 10.52 -15.73 27.68
N ARG C 87 10.22 -16.96 27.27
CA ARG C 87 10.92 -17.70 26.18
C ARG C 87 10.20 -17.49 24.83
N ASN C 88 8.88 -17.66 24.73
CA ASN C 88 8.17 -17.64 23.41
C ASN C 88 7.11 -16.55 23.34
N GLY C 89 7.05 -15.66 24.32
CA GLY C 89 6.07 -14.57 24.38
C GLY C 89 4.68 -15.13 24.51
N PHE C 90 3.71 -14.35 24.05
CA PHE C 90 2.30 -14.74 24.09
C PHE C 90 2.00 -15.35 22.72
N ASN C 91 2.48 -16.59 22.58
CA ASN C 91 2.33 -17.39 21.33
C ASN C 91 0.91 -18.00 21.35
N ARG C 92 0.57 -18.77 20.32
CA ARG C 92 -0.78 -19.32 20.08
C ARG C 92 -1.13 -20.38 21.10
N SER C 93 -0.21 -21.21 21.56
CA SER C 93 -0.51 -22.25 22.58
C SER C 93 -0.93 -21.53 23.87
N TYR C 94 -0.26 -20.43 24.21
CA TYR C 94 -0.62 -19.64 25.41
C TYR C 94 -2.02 -19.02 25.26
N ALA C 95 -2.33 -18.43 24.11
CA ALA C 95 -3.65 -17.79 23.81
C ALA C 95 -4.78 -18.82 23.95
N GLY C 96 -4.56 -20.07 23.54
CA GLY C 96 -5.53 -21.18 23.68
C GLY C 96 -6.03 -21.30 25.09
N LYS C 97 -5.21 -20.94 26.08
CA LYS C 97 -5.55 -20.99 27.52
C LYS C 97 -6.24 -19.69 27.97
N ASN C 98 -6.22 -18.64 27.15
CA ASN C 98 -6.92 -17.36 27.45
C ASN C 98 -8.41 -17.50 27.16
N ALA C 99 -9.22 -16.53 27.59
CA ALA C 99 -10.69 -16.44 27.38
C ALA C 99 -10.98 -16.25 25.88
N VAL C 100 -12.27 -16.30 25.52
CA VAL C 100 -12.71 -16.23 24.09
C VAL C 100 -13.70 -15.09 23.89
N ALA C 101 -14.31 -14.56 24.93
CA ALA C 101 -15.51 -13.69 24.83
C ALA C 101 -15.31 -12.57 23.81
N TYR C 102 -14.09 -12.06 23.65
CA TYR C 102 -13.78 -10.93 22.72
C TYR C 102 -12.84 -11.40 21.62
N GLY C 103 -12.58 -12.71 21.49
CA GLY C 103 -11.75 -13.28 20.41
C GLY C 103 -10.70 -14.23 20.93
N LYS C 104 -10.09 -15.02 20.05
CA LYS C 104 -9.11 -16.06 20.45
C LYS C 104 -7.72 -15.46 20.26
N GLY C 105 -7.20 -14.89 21.34
CA GLY C 105 -5.87 -14.27 21.39
C GLY C 105 -5.44 -14.11 22.80
N THR C 106 -4.43 -13.28 23.02
CA THR C 106 -3.93 -13.04 24.38
C THR C 106 -4.60 -11.76 24.91
N TYR C 107 -5.03 -11.77 26.16
CA TYR C 107 -5.87 -10.71 26.77
C TYR C 107 -4.98 -9.81 27.59
N PHE C 108 -5.17 -8.49 27.46
CA PHE C 108 -4.36 -7.50 28.20
C PHE C 108 -5.26 -6.43 28.79
N ALA C 109 -5.03 -6.09 30.05
CA ALA C 109 -5.87 -5.23 30.91
C ALA C 109 -5.27 -3.82 31.01
N VAL C 110 -6.11 -2.79 30.86
CA VAL C 110 -5.68 -1.38 31.05
C VAL C 110 -5.22 -1.20 32.50
N ASN C 111 -6.00 -1.74 33.44
CA ASN C 111 -5.78 -1.60 34.91
C ASN C 111 -5.15 -2.85 35.50
N ALA C 112 -4.09 -2.68 36.27
CA ALA C 112 -3.43 -3.74 37.05
C ALA C 112 -4.46 -4.54 37.89
N ASN C 113 -5.46 -3.85 38.48
N ASN C 113 -5.46 -3.85 38.48
CA ASN C 113 -6.44 -4.48 39.41
CA ASN C 113 -6.44 -4.48 39.41
C ASN C 113 -7.19 -5.61 38.68
C ASN C 113 -7.17 -5.61 38.68
N TYR C 114 -7.49 -5.46 37.40
CA TYR C 114 -8.13 -6.51 36.57
C TYR C 114 -7.22 -7.76 36.52
N SER C 115 -5.96 -7.61 36.11
CA SER C 115 -4.97 -8.69 35.95
C SER C 115 -4.61 -9.33 37.31
N ALA C 116 -4.77 -8.58 38.40
CA ALA C 116 -4.43 -9.03 39.77
C ALA C 116 -5.49 -10.00 40.32
N ASN C 117 -6.64 -10.15 39.67
CA ASN C 117 -7.68 -11.11 40.13
C ASN C 117 -7.02 -12.50 40.21
N ASP C 118 -7.36 -13.30 41.21
CA ASP C 118 -6.76 -14.64 41.42
C ASP C 118 -7.03 -15.55 40.23
N THR C 119 -8.09 -15.29 39.45
CA THR C 119 -8.46 -16.09 38.25
C THR C 119 -7.31 -16.07 37.24
N TYR C 120 -6.55 -14.96 37.16
CA TYR C 120 -5.50 -14.68 36.14
C TYR C 120 -4.12 -14.81 36.79
N SER C 121 -3.80 -13.99 37.79
CA SER C 121 -2.49 -14.03 38.49
C SER C 121 -2.62 -14.99 39.68
N ARG C 122 -2.83 -16.28 39.41
CA ARG C 122 -3.13 -17.32 40.42
C ARG C 122 -1.98 -17.41 41.44
N PRO C 123 -2.23 -17.24 42.75
CA PRO C 123 -1.16 -17.32 43.74
C PRO C 123 -0.48 -18.70 43.73
N ASP C 124 0.86 -18.73 43.72
CA ASP C 124 1.68 -19.97 43.67
C ASP C 124 1.77 -20.61 45.06
N ALA C 125 2.63 -21.62 45.22
CA ALA C 125 2.90 -22.34 46.50
C ALA C 125 3.20 -21.36 47.65
N ASN C 126 3.97 -20.30 47.40
CA ASN C 126 4.42 -19.27 48.40
C ASN C 126 3.43 -18.10 48.50
N GLY C 127 2.27 -18.11 47.80
CA GLY C 127 1.30 -16.99 47.79
C GLY C 127 1.77 -15.79 46.98
N ARG C 128 2.77 -15.98 46.10
CA ARG C 128 3.28 -14.94 45.17
C ARG C 128 2.39 -14.93 43.90
N LYS C 129 1.98 -13.73 43.48
CA LYS C 129 1.20 -13.46 42.24
C LYS C 129 2.14 -12.83 41.21
N HIS C 130 1.87 -13.10 39.93
CA HIS C 130 2.72 -12.65 38.78
C HIS C 130 1.90 -11.84 37.80
N VAL C 131 2.24 -10.57 37.64
CA VAL C 131 1.59 -9.74 36.59
C VAL C 131 2.71 -9.08 35.78
N TYR C 132 2.64 -9.27 34.45
CA TYR C 132 3.54 -8.61 33.49
C TYR C 132 3.02 -7.19 33.19
N TYR C 133 3.95 -6.24 33.06
CA TYR C 133 3.76 -4.92 32.41
C TYR C 133 4.27 -5.09 30.97
N VAL C 134 3.33 -5.08 30.02
CA VAL C 134 3.56 -5.55 28.62
C VAL C 134 3.49 -4.34 27.70
N ARG C 135 4.40 -4.27 26.74
CA ARG C 135 4.26 -3.35 25.60
C ARG C 135 3.41 -4.04 24.56
N VAL C 136 2.26 -3.46 24.21
CA VAL C 136 1.30 -4.04 23.26
C VAL C 136 1.05 -3.04 22.12
N LEU C 137 1.13 -3.53 20.89
CA LEU C 137 0.82 -2.75 19.65
C LEU C 137 -0.67 -2.83 19.34
N THR C 138 -1.48 -2.09 20.09
CA THR C 138 -2.95 -1.99 19.98
C THR C 138 -3.33 -1.34 18.64
N GLY C 139 -2.52 -0.41 18.17
CA GLY C 139 -2.72 0.29 16.88
C GLY C 139 -4.10 0.90 16.79
N ILE C 140 -4.78 0.65 15.67
CA ILE C 140 -6.22 1.02 15.46
C ILE C 140 -7.07 -0.17 15.91
N TYR C 141 -7.96 0.01 16.87
CA TYR C 141 -8.74 -1.13 17.46
C TYR C 141 -10.25 -0.90 17.27
N THR C 142 -11.00 -2.00 17.31
CA THR C 142 -12.49 -2.02 17.24
C THR C 142 -13.05 -2.96 18.31
N HIS C 143 -14.37 -3.14 18.31
CA HIS C 143 -15.06 -4.04 19.29
C HIS C 143 -14.82 -5.49 18.87
N GLY C 144 -14.41 -6.35 19.81
CA GLY C 144 -14.19 -7.80 19.57
C GLY C 144 -15.47 -8.60 19.75
N ASN C 145 -15.44 -9.89 19.37
CA ASN C 145 -16.52 -10.88 19.58
C ASN C 145 -15.94 -12.29 19.65
N HIS C 146 -16.74 -13.30 20.06
CA HIS C 146 -16.26 -14.67 20.38
C HIS C 146 -15.67 -15.33 19.15
N SER C 147 -16.05 -14.97 17.94
CA SER C 147 -15.73 -15.77 16.72
C SER C 147 -14.36 -15.42 16.12
N LEU C 148 -13.66 -14.36 16.60
CA LEU C 148 -12.45 -13.80 15.93
C LEU C 148 -11.19 -14.64 16.22
N ILE C 149 -10.42 -14.95 15.18
CA ILE C 149 -9.01 -15.44 15.34
C ILE C 149 -8.04 -14.41 14.74
N VAL C 150 -8.56 -13.35 14.14
CA VAL C 150 -7.81 -12.10 13.78
C VAL C 150 -8.81 -10.95 13.81
N PRO C 151 -8.36 -9.69 13.92
CA PRO C 151 -9.27 -8.56 13.95
C PRO C 151 -10.09 -8.47 12.67
N PRO C 152 -11.32 -7.91 12.74
CA PRO C 152 -12.13 -7.74 11.54
C PRO C 152 -11.45 -6.79 10.56
N SER C 153 -11.92 -6.81 9.31
CA SER C 153 -11.60 -5.79 8.29
C SER C 153 -12.34 -4.50 8.66
N LYS C 154 -11.75 -3.34 8.36
CA LYS C 154 -12.35 -2.00 8.56
C LYS C 154 -13.54 -1.82 7.62
N ASN C 155 -13.35 -2.37 6.44
CA ASN C 155 -13.99 -1.98 5.17
C ASN C 155 -14.50 -3.25 4.52
N PRO C 156 -15.83 -3.54 4.50
CA PRO C 156 -16.34 -4.67 3.73
C PRO C 156 -15.73 -4.64 2.31
N GLN C 157 -15.58 -3.42 1.76
CA GLN C 157 -14.97 -3.12 0.43
C GLN C 157 -13.51 -3.61 0.34
N ASN C 158 -12.78 -3.62 1.44
CA ASN C 158 -11.33 -3.98 1.45
C ASN C 158 -11.05 -4.98 2.58
N PRO C 159 -11.30 -6.29 2.37
CA PRO C 159 -11.29 -7.27 3.47
C PRO C 159 -9.91 -7.77 3.90
N THR C 160 -8.83 -7.11 3.48
CA THR C 160 -7.43 -7.38 3.90
C THR C 160 -6.87 -6.23 4.73
N ASP C 161 -7.64 -5.13 4.88
CA ASP C 161 -7.30 -3.96 5.71
C ASP C 161 -7.91 -4.16 7.11
N LEU C 162 -7.14 -4.72 8.03
CA LEU C 162 -7.62 -5.19 9.37
C LEU C 162 -7.31 -4.13 10.43
N TYR C 163 -8.13 -4.07 11.47
CA TYR C 163 -7.77 -3.43 12.76
C TYR C 163 -6.56 -4.18 13.32
N ASP C 164 -5.78 -3.51 14.16
CA ASP C 164 -4.53 -4.06 14.75
C ASP C 164 -4.86 -4.93 15.95
N THR C 165 -5.88 -4.57 16.74
CA THR C 165 -6.38 -5.36 17.91
C THR C 165 -7.87 -5.09 18.12
N VAL C 166 -8.48 -5.78 19.10
CA VAL C 166 -9.88 -5.53 19.52
C VAL C 166 -9.93 -5.26 21.02
N THR C 167 -11.08 -4.81 21.50
CA THR C 167 -11.34 -4.40 22.88
C THR C 167 -12.79 -4.73 23.26
N ASP C 168 -13.11 -4.63 24.53
CA ASP C 168 -14.49 -4.85 25.08
C ASP C 168 -15.33 -3.62 24.79
N ASN C 169 -14.69 -2.45 24.68
CA ASN C 169 -15.37 -1.14 24.60
C ASN C 169 -14.44 -0.10 23.96
N VAL C 170 -14.71 0.29 22.72
CA VAL C 170 -13.77 1.16 21.96
C VAL C 170 -13.55 2.49 22.69
N HIS C 171 -14.60 3.12 23.23
CA HIS C 171 -14.51 4.47 23.82
C HIS C 171 -14.11 4.36 25.31
N HIS C 172 -14.39 3.24 26.01
CA HIS C 172 -13.99 3.03 27.44
C HIS C 172 -13.35 1.66 27.60
N PRO C 173 -12.16 1.41 26.99
CA PRO C 173 -11.52 0.10 27.01
C PRO C 173 -11.17 -0.33 28.44
N SER C 174 -11.32 -1.62 28.75
CA SER C 174 -10.81 -2.22 30.01
C SER C 174 -9.75 -3.28 29.67
N LEU C 175 -9.78 -3.79 28.43
CA LEU C 175 -8.83 -4.81 27.91
C LEU C 175 -8.68 -4.70 26.40
N PHE C 176 -7.64 -5.32 25.88
CA PHE C 176 -7.30 -5.40 24.46
C PHE C 176 -6.92 -6.86 24.20
N VAL C 177 -7.28 -7.37 23.01
CA VAL C 177 -6.88 -8.74 22.57
C VAL C 177 -5.91 -8.62 21.39
N ALA C 178 -4.75 -9.23 21.53
CA ALA C 178 -3.73 -9.35 20.47
C ALA C 178 -3.79 -10.80 19.98
N PHE C 179 -3.56 -10.95 18.69
CA PHE C 179 -3.74 -12.20 17.92
C PHE C 179 -2.40 -12.70 17.41
N TYR C 180 -1.31 -11.95 17.57
CA TYR C 180 0.05 -12.40 17.17
C TYR C 180 1.03 -12.14 18.31
N ASP C 181 2.08 -12.96 18.42
CA ASP C 181 3.11 -12.93 19.51
C ASP C 181 3.95 -11.65 19.39
N TYR C 182 4.19 -11.20 18.16
CA TYR C 182 5.09 -10.07 17.83
C TYR C 182 4.36 -8.75 18.08
N GLN C 183 3.10 -8.80 18.54
CA GLN C 183 2.31 -7.57 18.84
C GLN C 183 2.39 -7.26 20.33
N ALA C 184 2.96 -8.15 21.15
CA ALA C 184 3.08 -7.99 22.63
C ALA C 184 4.48 -8.35 23.10
N TYR C 185 5.15 -7.45 23.80
CA TYR C 185 6.47 -7.72 24.42
C TYR C 185 6.35 -7.66 25.94
N PRO C 186 6.69 -8.77 26.65
CA PRO C 186 6.57 -8.81 28.10
C PRO C 186 7.78 -8.16 28.77
N GLU C 187 7.81 -6.84 28.83
CA GLU C 187 9.04 -6.12 29.23
C GLU C 187 9.35 -6.44 30.68
N TYR C 188 8.32 -6.49 31.53
CA TYR C 188 8.48 -6.43 33.01
C TYR C 188 7.57 -7.47 33.66
N LEU C 189 8.12 -8.25 34.60
CA LEU C 189 7.33 -9.18 35.45
C LEU C 189 7.28 -8.62 36.87
N ILE C 190 6.08 -8.27 37.33
CA ILE C 190 5.85 -7.80 38.72
C ILE C 190 5.47 -9.04 39.52
N THR C 191 6.26 -9.31 40.56
CA THR C 191 6.01 -10.37 41.56
C THR C 191 5.55 -9.66 42.85
N PHE C 192 4.39 -10.04 43.38
CA PHE C 192 3.73 -9.31 44.48
C PHE C 192 2.82 -10.27 45.25
N ARG C 193 2.20 -9.78 46.32
CA ARG C 193 1.29 -10.58 47.19
C ARG C 193 0.29 -9.65 47.88
N LYS C 194 -0.72 -10.21 48.54
CA LYS C 194 -1.87 -9.45 49.12
C LYS C 194 -1.45 -8.75 50.41
N ASN D 9 24.11 -6.01 32.69
CA ASN D 9 23.67 -7.36 32.25
C ASN D 9 23.14 -7.27 30.80
N PHE D 10 23.40 -8.32 30.02
CA PHE D 10 23.34 -8.26 28.54
C PHE D 10 23.21 -9.68 27.99
N CYS D 11 22.70 -9.78 26.76
CA CYS D 11 22.66 -11.02 25.95
C CYS D 11 23.37 -10.75 24.60
N VAL D 12 23.66 -11.83 23.88
CA VAL D 12 24.50 -11.85 22.64
C VAL D 12 23.89 -12.85 21.66
N VAL D 13 23.33 -12.38 20.54
CA VAL D 13 22.75 -13.24 19.47
C VAL D 13 23.77 -13.40 18.34
N GLU D 14 24.24 -14.61 18.04
CA GLU D 14 24.99 -14.89 16.79
C GLU D 14 24.03 -14.71 15.62
N LEU D 15 24.43 -13.94 14.60
CA LEU D 15 23.65 -13.70 13.38
C LEU D 15 23.97 -14.77 12.33
N LEU D 16 22.94 -15.24 11.61
CA LEU D 16 23.10 -16.28 10.57
C LEU D 16 23.33 -15.53 9.26
N PRO D 17 24.14 -16.07 8.31
CA PRO D 17 24.32 -15.43 7.01
C PRO D 17 23.02 -15.12 6.24
N SER D 18 21.85 -15.58 6.72
CA SER D 18 20.52 -15.34 6.11
C SER D 18 19.83 -14.07 6.66
N ASP D 19 20.34 -13.45 7.73
CA ASP D 19 19.75 -12.23 8.34
C ASP D 19 20.21 -10.99 7.54
N PRO D 20 19.32 -10.04 7.21
CA PRO D 20 19.77 -8.80 6.55
C PRO D 20 20.86 -8.07 7.36
N GLU D 21 20.82 -8.14 8.69
CA GLU D 21 21.82 -7.47 9.56
C GLU D 21 23.22 -8.03 9.28
N TYR D 22 23.42 -9.36 9.27
CA TYR D 22 24.72 -10.03 8.97
C TYR D 22 25.30 -9.39 7.71
N ASN D 23 24.47 -9.33 6.67
CA ASN D 23 24.93 -9.00 5.31
C ASN D 23 25.36 -7.53 5.29
N THR D 24 24.56 -6.68 5.96
CA THR D 24 24.83 -5.23 6.11
C THR D 24 26.24 -5.03 6.72
N VAL D 25 26.49 -5.71 7.84
CA VAL D 25 27.75 -5.58 8.65
C VAL D 25 28.92 -6.17 7.86
N ALA D 26 28.84 -7.44 7.45
CA ALA D 26 29.82 -8.11 6.57
C ALA D 26 30.15 -7.17 5.40
N SER D 27 29.14 -6.66 4.69
CA SER D 27 29.37 -5.73 3.55
C SER D 27 30.29 -4.59 3.99
N LYS D 28 30.01 -3.95 5.10
CA LYS D 28 30.77 -2.75 5.54
C LYS D 28 32.20 -3.16 5.93
N PHE D 29 32.36 -4.22 6.73
CA PHE D 29 33.65 -4.84 7.09
C PHE D 29 34.46 -5.10 5.83
N ASN D 30 33.82 -5.79 4.88
CA ASN D 30 34.45 -6.33 3.65
C ASN D 30 34.88 -5.18 2.71
N GLN D 31 34.46 -3.96 2.97
CA GLN D 31 34.91 -2.82 2.12
C GLN D 31 36.42 -2.64 2.21
N THR D 32 37.05 -3.04 3.31
CA THR D 32 38.53 -2.92 3.49
C THR D 32 39.14 -4.15 4.16
N CYS D 33 38.37 -5.23 4.37
CA CYS D 33 38.85 -6.46 5.04
C CYS D 33 38.33 -7.73 4.37
N SER D 34 38.11 -7.74 3.05
CA SER D 34 37.52 -8.90 2.30
C SER D 34 38.44 -10.12 2.42
N HIS D 35 39.76 -9.86 2.31
CA HIS D 35 40.84 -10.89 2.31
C HIS D 35 41.05 -11.46 3.71
N PHE D 36 40.32 -11.03 4.75
CA PHE D 36 40.25 -11.72 6.07
C PHE D 36 39.04 -12.65 6.05
N ARG D 37 38.95 -13.56 7.04
CA ARG D 37 37.92 -14.62 7.12
C ARG D 37 37.01 -14.40 8.35
N ILE D 38 35.75 -14.02 8.11
CA ILE D 38 34.72 -13.83 9.17
C ILE D 38 34.37 -15.23 9.70
N GLU D 39 34.44 -15.44 11.03
CA GLU D 39 34.02 -16.70 11.70
C GLU D 39 32.61 -16.55 12.29
N LYS D 40 32.29 -15.41 12.90
CA LYS D 40 30.91 -15.08 13.33
C LYS D 40 30.72 -13.56 13.50
N ILE D 41 29.47 -13.12 13.45
CA ILE D 41 29.04 -11.74 13.80
C ILE D 41 27.97 -11.88 14.88
N GLU D 42 28.16 -11.25 16.04
CA GLU D 42 27.21 -11.27 17.19
C GLU D 42 26.57 -9.89 17.35
N ARG D 43 25.26 -9.83 17.65
CA ARG D 43 24.59 -8.58 18.10
C ARG D 43 24.61 -8.56 19.62
N ILE D 44 25.06 -7.47 20.20
CA ILE D 44 25.13 -7.24 21.66
C ILE D 44 23.84 -6.52 22.06
N GLN D 45 23.11 -7.05 23.03
CA GLN D 45 21.85 -6.44 23.52
C GLN D 45 22.02 -6.22 25.03
N ASN D 46 22.37 -4.99 25.38
CA ASN D 46 22.56 -4.50 26.77
C ASN D 46 21.59 -3.35 26.97
N PRO D 47 20.36 -3.61 27.46
CA PRO D 47 19.35 -2.55 27.61
C PRO D 47 19.80 -1.27 28.35
N ASP D 48 20.53 -1.34 29.46
CA ASP D 48 20.89 -0.15 30.27
C ASP D 48 21.81 0.75 29.44
N LEU D 49 22.81 0.13 28.82
CA LEU D 49 23.79 0.81 27.94
C LEU D 49 23.05 1.45 26.75
N TRP D 50 22.16 0.69 26.10
CA TRP D 50 21.30 1.15 25.00
C TRP D 50 20.35 2.28 25.44
N ASN D 51 19.79 2.23 26.64
CA ASN D 51 18.88 3.28 27.17
C ASN D 51 19.67 4.57 27.36
N SER D 52 20.88 4.48 27.93
CA SER D 52 21.81 5.62 28.14
C SER D 52 22.19 6.25 26.81
N TYR D 53 22.51 5.42 25.82
CA TYR D 53 22.90 5.86 24.47
C TYR D 53 21.73 6.61 23.83
N GLN D 54 20.51 6.05 23.87
CA GLN D 54 19.31 6.60 23.16
C GLN D 54 18.92 7.91 23.86
N ALA D 55 19.17 8.05 25.16
CA ALA D 55 18.91 9.28 25.93
C ALA D 55 19.81 10.40 25.43
N LYS D 56 21.10 10.09 25.23
CA LYS D 56 22.13 11.03 24.68
C LYS D 56 21.76 11.39 23.23
N LYS D 57 21.28 10.42 22.46
CA LYS D 57 20.88 10.65 21.04
C LYS D 57 19.68 11.59 20.97
N LYS D 58 18.75 11.52 21.93
CA LYS D 58 17.50 12.34 21.94
C LYS D 58 17.90 13.80 22.13
N THR D 59 18.72 14.10 23.14
CA THR D 59 19.15 15.49 23.43
C THR D 59 20.05 15.99 22.28
N MET D 60 20.96 15.16 21.75
CA MET D 60 21.84 15.56 20.61
C MET D 60 21.00 15.84 19.35
N ASP D 61 19.96 15.06 19.08
CA ASP D 61 19.05 15.26 17.91
C ASP D 61 18.29 16.60 18.01
N ALA D 62 17.89 16.99 19.23
CA ALA D 62 17.15 18.25 19.54
C ALA D 62 18.12 19.41 19.81
N LYS D 63 19.33 19.33 19.28
CA LYS D 63 20.41 20.31 19.54
C LYS D 63 21.11 20.64 18.23
N ASN D 64 21.42 19.62 17.43
CA ASN D 64 22.17 19.73 16.17
C ASN D 64 21.16 19.69 15.02
N GLY D 65 19.85 19.82 15.33
CA GLY D 65 18.75 19.99 14.36
C GLY D 65 18.71 18.88 13.34
N GLN D 66 19.00 19.21 12.08
CA GLN D 66 18.91 18.27 10.93
C GLN D 66 20.13 17.32 10.90
N THR D 67 21.18 17.58 11.69
CA THR D 67 22.42 16.80 11.67
C THR D 67 22.10 15.32 11.94
N MET D 68 22.61 14.45 11.06
CA MET D 68 22.76 13.00 11.33
C MET D 68 23.88 12.82 12.37
N ASN D 69 23.51 12.64 13.61
CA ASN D 69 24.44 12.59 14.76
C ASN D 69 25.16 11.24 14.81
N GLU D 70 24.61 10.19 14.21
CA GLU D 70 25.09 8.79 14.35
C GLU D 70 25.91 8.37 13.12
N LYS D 71 27.09 7.82 13.36
CA LYS D 71 27.88 7.07 12.36
C LYS D 71 28.10 5.66 12.90
N GLN D 72 28.31 4.71 12.01
CA GLN D 72 28.67 3.33 12.37
C GLN D 72 30.14 3.14 12.04
N LEU D 73 30.92 2.86 13.09
CA LEU D 73 32.41 2.86 13.05
C LEU D 73 32.91 1.55 13.66
N PHE D 74 34.20 1.36 13.59
CA PHE D 74 34.87 0.10 13.95
C PHE D 74 35.75 0.41 15.16
N HIS D 75 35.80 -0.56 16.05
CA HIS D 75 36.66 -0.55 17.24
C HIS D 75 37.23 -1.94 17.48
N GLY D 76 38.54 -2.09 17.23
CA GLY D 76 39.27 -3.34 17.51
C GLY D 76 39.67 -3.41 18.97
N THR D 77 39.55 -4.58 19.58
CA THR D 77 39.98 -4.78 20.98
C THR D 77 40.52 -6.19 21.18
N ASP D 78 41.22 -6.37 22.31
CA ASP D 78 41.72 -7.68 22.76
C ASP D 78 40.52 -8.48 23.28
N ALA D 79 40.57 -9.81 23.17
CA ALA D 79 39.55 -10.73 23.69
C ALA D 79 39.18 -10.38 25.14
N GLY D 80 40.17 -9.99 25.96
CA GLY D 80 40.00 -9.72 27.40
C GLY D 80 39.08 -8.54 27.69
N SER D 81 38.89 -7.64 26.73
CA SER D 81 38.09 -6.40 26.93
C SER D 81 36.64 -6.63 26.49
N VAL D 82 36.35 -7.69 25.73
CA VAL D 82 34.99 -7.97 25.16
C VAL D 82 33.94 -8.03 26.27
N PRO D 83 34.12 -8.85 27.32
CA PRO D 83 33.15 -8.88 28.41
C PRO D 83 32.94 -7.50 29.06
N HIS D 84 34.02 -6.75 29.33
CA HIS D 84 33.93 -5.40 29.97
CA HIS D 84 33.93 -5.40 29.97
C HIS D 84 33.14 -4.47 29.05
N VAL D 85 33.36 -4.55 27.74
CA VAL D 85 32.74 -3.66 26.72
C VAL D 85 31.26 -4.03 26.54
N ASN D 86 30.94 -5.32 26.38
CA ASN D 86 29.54 -5.79 26.21
C ASN D 86 28.72 -5.40 27.45
N ARG D 87 29.39 -5.24 28.59
CA ARG D 87 28.75 -4.99 29.92
C ARG D 87 28.71 -3.47 30.19
N ASN D 88 29.81 -2.73 30.07
CA ASN D 88 29.87 -1.30 30.52
C ASN D 88 30.23 -0.33 29.39
N GLY D 89 30.26 -0.82 28.16
CA GLY D 89 30.53 -0.01 26.96
C GLY D 89 31.95 0.51 27.01
N PHE D 90 32.18 1.64 26.36
CA PHE D 90 33.51 2.27 26.28
C PHE D 90 33.53 3.32 27.37
N ASN D 91 33.68 2.83 28.60
CA ASN D 91 33.70 3.66 29.83
C ASN D 91 35.08 4.30 29.95
N ARG D 92 35.31 5.08 31.02
CA ARG D 92 36.52 5.91 31.20
C ARG D 92 37.73 5.02 31.47
N SER D 93 37.59 3.90 32.19
CA SER D 93 38.75 3.03 32.48
C SER D 93 39.27 2.49 31.14
N TYR D 94 38.35 2.13 30.23
CA TYR D 94 38.73 1.59 28.91
C TYR D 94 39.45 2.66 28.08
N ALA D 95 38.96 3.91 28.06
CA ALA D 95 39.55 5.03 27.27
C ALA D 95 41.00 5.28 27.72
N GLY D 96 41.27 5.16 29.03
CA GLY D 96 42.61 5.31 29.62
C GLY D 96 43.64 4.46 28.88
N LYS D 97 43.22 3.31 28.37
CA LYS D 97 44.09 2.35 27.63
C LYS D 97 44.16 2.70 26.13
N ASN D 98 43.29 3.59 25.63
CA ASN D 98 43.30 4.05 24.22
C ASN D 98 44.43 5.07 24.01
N ALA D 99 44.73 5.39 22.75
CA ALA D 99 45.75 6.36 22.31
C ALA D 99 45.39 7.78 22.76
N VAL D 100 46.29 8.73 22.55
CA VAL D 100 46.15 10.14 23.03
C VAL D 100 46.30 11.13 21.87
N ALA D 101 46.88 10.73 20.75
CA ALA D 101 47.36 11.65 19.69
C ALA D 101 46.29 12.69 19.31
N TYR D 102 45.00 12.33 19.34
CA TYR D 102 43.89 13.22 18.95
C TYR D 102 43.00 13.54 20.17
N GLY D 103 43.42 13.17 21.39
CA GLY D 103 42.66 13.44 22.62
C GLY D 103 42.48 12.20 23.50
N LYS D 104 42.06 12.38 24.75
CA LYS D 104 41.90 11.25 25.70
C LYS D 104 40.43 10.79 25.70
N GLY D 105 40.11 9.83 24.86
CA GLY D 105 38.77 9.19 24.82
C GLY D 105 38.84 7.85 24.16
N THR D 106 37.70 7.37 23.65
CA THR D 106 37.68 6.07 22.96
C THR D 106 37.79 6.35 21.45
N TYR D 107 38.61 5.57 20.73
CA TYR D 107 38.96 5.81 19.32
C TYR D 107 38.11 4.92 18.43
N PHE D 108 37.55 5.49 17.36
CA PHE D 108 36.70 4.72 16.42
C PHE D 108 37.06 5.05 14.98
N ALA D 109 37.19 4.00 14.17
CA ALA D 109 37.74 4.03 12.79
C ALA D 109 36.62 3.97 11.75
N VAL D 110 36.68 4.82 10.74
CA VAL D 110 35.76 4.77 9.57
C VAL D 110 35.93 3.42 8.88
N ASN D 111 37.18 2.99 8.67
CA ASN D 111 37.53 1.73 7.97
C ASN D 111 37.88 0.60 8.93
N ALA D 112 37.26 -0.55 8.73
CA ALA D 112 37.56 -1.83 9.42
C ALA D 112 39.07 -2.11 9.39
N ASN D 113 39.75 -1.85 8.26
CA ASN D 113 41.19 -2.19 8.05
C ASN D 113 42.04 -1.52 9.15
N TYR D 114 41.71 -0.29 9.54
CA TYR D 114 42.41 0.45 10.63
C TYR D 114 42.29 -0.36 11.94
N SER D 115 41.06 -0.71 12.36
CA SER D 115 40.74 -1.42 13.62
C SER D 115 41.29 -2.84 13.58
N ALA D 116 41.49 -3.42 12.39
CA ALA D 116 41.98 -4.81 12.19
C ALA D 116 43.49 -4.90 12.46
N ASN D 117 44.22 -3.78 12.60
CA ASN D 117 45.67 -3.85 12.92
C ASN D 117 45.83 -4.67 14.21
N ASP D 118 46.85 -5.51 14.31
CA ASP D 118 47.09 -6.41 15.47
C ASP D 118 47.26 -5.59 16.76
N THR D 119 47.71 -4.33 16.65
CA THR D 119 47.93 -3.42 17.81
C THR D 119 46.60 -3.23 18.57
N TYR D 120 45.45 -3.27 17.87
CA TYR D 120 44.09 -2.95 18.36
C TYR D 120 43.30 -4.26 18.53
N SER D 121 43.04 -4.99 17.44
CA SER D 121 42.30 -6.26 17.48
C SER D 121 43.32 -7.40 17.68
N ARG D 122 43.97 -7.42 18.85
CA ARG D 122 45.11 -8.32 19.17
C ARG D 122 44.68 -9.79 19.03
N PRO D 123 45.34 -10.61 18.20
CA PRO D 123 44.95 -12.01 18.05
C PRO D 123 45.07 -12.76 19.39
N ASP D 124 44.04 -13.54 19.74
CA ASP D 124 43.99 -14.35 21.00
C ASP D 124 44.84 -15.63 20.82
N ALA D 125 44.77 -16.56 21.78
CA ALA D 125 45.54 -17.83 21.77
C ALA D 125 45.35 -18.61 20.45
N ASN D 126 44.12 -18.63 19.91
CA ASN D 126 43.74 -19.35 18.65
C ASN D 126 43.88 -18.48 17.39
N GLY D 127 44.45 -17.28 17.47
CA GLY D 127 44.60 -16.38 16.30
C GLY D 127 43.28 -15.72 15.85
N ARG D 128 42.27 -15.70 16.73
CA ARG D 128 40.98 -15.00 16.47
C ARG D 128 41.08 -13.51 16.89
N LYS D 129 40.63 -12.62 15.99
CA LYS D 129 40.63 -11.14 16.16
C LYS D 129 39.19 -10.67 16.38
N HIS D 130 39.01 -9.58 17.15
CA HIS D 130 37.67 -9.05 17.55
C HIS D 130 37.55 -7.58 17.14
N VAL D 131 36.63 -7.27 16.23
CA VAL D 131 36.34 -5.85 15.89
C VAL D 131 34.83 -5.64 16.03
N TYR D 132 34.47 -4.62 16.80
CA TYR D 132 33.07 -4.15 16.95
C TYR D 132 32.70 -3.24 15.79
N TYR D 133 31.46 -3.37 15.32
CA TYR D 133 30.71 -2.36 14.52
C TYR D 133 29.85 -1.59 15.51
N VAL D 134 30.19 -0.33 15.75
CA VAL D 134 29.70 0.50 16.88
C VAL D 134 28.82 1.62 16.32
N ARG D 135 27.71 1.90 17.00
CA ARG D 135 26.95 3.14 16.78
C ARG D 135 27.58 4.23 17.63
N VAL D 136 28.05 5.29 16.99
CA VAL D 136 28.75 6.42 17.68
C VAL D 136 28.04 7.74 17.36
N LEU D 137 27.79 8.53 18.40
CA LEU D 137 27.21 9.89 18.29
C LEU D 137 28.32 10.92 18.03
N THR D 138 28.79 10.99 16.79
CA THR D 138 29.85 11.92 16.32
C THR D 138 29.34 13.36 16.34
N GLY D 139 28.06 13.54 16.09
CA GLY D 139 27.37 14.86 16.12
C GLY D 139 28.08 15.86 15.22
N ILE D 140 28.34 17.06 15.78
CA ILE D 140 29.16 18.11 15.11
C ILE D 140 30.61 17.90 15.56
N TYR D 141 31.55 17.70 14.63
CA TYR D 141 32.96 17.36 15.00
C TYR D 141 33.95 18.41 14.45
N THR D 142 35.13 18.48 15.06
CA THR D 142 36.27 19.34 14.66
C THR D 142 37.57 18.53 14.74
N HIS D 143 38.70 19.19 14.48
CA HIS D 143 40.06 18.59 14.53
C HIS D 143 40.47 18.38 15.98
N GLY D 144 40.96 17.19 16.33
CA GLY D 144 41.48 16.84 17.67
C GLY D 144 42.96 17.12 17.80
N ASN D 145 43.49 17.07 19.03
CA ASN D 145 44.93 17.22 19.37
C ASN D 145 45.24 16.53 20.72
N HIS D 146 46.52 16.38 21.09
CA HIS D 146 46.97 15.54 22.24
C HIS D 146 46.39 16.09 23.56
N SER D 147 46.11 17.38 23.66
CA SER D 147 45.82 18.06 24.96
C SER D 147 44.35 17.93 25.40
N LEU D 148 43.45 17.38 24.58
CA LEU D 148 41.99 17.33 24.83
C LEU D 148 41.63 16.21 25.81
N ILE D 149 40.81 16.54 26.81
CA ILE D 149 40.07 15.55 27.66
C ILE D 149 38.57 15.68 27.39
N VAL D 150 38.16 16.71 26.64
CA VAL D 150 36.79 16.92 26.10
C VAL D 150 36.94 17.72 24.83
N PRO D 151 35.93 17.74 23.92
CA PRO D 151 36.07 18.45 22.66
C PRO D 151 36.25 19.95 22.91
N PRO D 152 36.90 20.69 22.01
CA PRO D 152 36.99 22.14 22.11
C PRO D 152 35.61 22.80 22.13
N SER D 153 35.54 24.04 22.61
CA SER D 153 34.35 24.90 22.44
C SER D 153 34.28 25.35 20.98
N LYS D 154 33.08 25.54 20.44
CA LYS D 154 32.84 26.06 19.06
C LYS D 154 33.25 27.54 19.03
N ASN D 155 32.96 28.21 20.13
CA ASN D 155 32.71 29.65 20.25
C ASN D 155 33.59 30.17 21.38
N PRO D 156 34.69 30.91 21.12
CA PRO D 156 35.46 31.52 22.20
C PRO D 156 34.49 32.26 23.15
N GLN D 157 33.45 32.89 22.56
CA GLN D 157 32.36 33.64 23.24
C GLN D 157 31.57 32.75 24.21
N ASN D 158 31.44 31.45 23.91
CA ASN D 158 30.62 30.51 24.72
C ASN D 158 31.42 29.24 24.99
N PRO D 159 32.29 29.21 26.03
CA PRO D 159 33.23 28.11 26.21
C PRO D 159 32.67 26.84 26.87
N THR D 160 31.33 26.71 26.96
CA THR D 160 30.60 25.51 27.43
C THR D 160 29.83 24.85 26.28
N ASP D 161 29.82 25.47 25.10
CA ASP D 161 29.19 24.92 23.86
C ASP D 161 30.25 24.14 23.07
N LEU D 162 30.32 22.83 23.29
CA LEU D 162 31.43 21.96 22.80
C LEU D 162 30.98 21.23 21.52
N TYR D 163 31.93 20.93 20.64
CA TYR D 163 31.77 19.89 19.59
C TYR D 163 31.44 18.56 20.29
N ASP D 164 30.81 17.64 19.56
CA ASP D 164 30.35 16.34 20.10
C ASP D 164 31.51 15.34 20.10
N THR D 165 32.35 15.41 19.07
CA THR D 165 33.56 14.56 18.92
C THR D 165 34.65 15.31 18.15
N VAL D 166 35.82 14.69 18.07
CA VAL D 166 36.95 15.16 17.23
C VAL D 166 37.38 14.05 16.28
N THR D 167 38.19 14.45 15.30
CA THR D 167 38.67 13.59 14.20
C THR D 167 40.10 14.00 13.85
N ASP D 168 40.76 13.16 13.06
CA ASP D 168 42.15 13.39 12.57
C ASP D 168 42.09 14.41 11.43
N ASN D 169 40.96 14.47 10.72
CA ASN D 169 40.81 15.24 9.47
C ASN D 169 39.33 15.53 9.21
N VAL D 170 38.91 16.78 9.41
CA VAL D 170 37.53 17.17 9.20
C VAL D 170 37.05 16.86 7.78
N HIS D 171 37.87 17.18 6.79
CA HIS D 171 37.53 16.93 5.40
C HIS D 171 37.42 15.44 5.11
N HIS D 172 38.51 14.71 5.33
CA HIS D 172 38.54 13.27 5.10
C HIS D 172 38.85 12.52 6.40
N PRO D 173 37.81 12.29 7.22
CA PRO D 173 37.97 11.60 8.50
C PRO D 173 38.40 10.14 8.31
N SER D 174 39.28 9.64 9.17
CA SER D 174 39.66 8.20 9.20
C SER D 174 39.30 7.61 10.57
N LEU D 175 39.13 8.48 11.57
CA LEU D 175 38.72 8.09 12.96
C LEU D 175 38.01 9.25 13.64
N PHE D 176 37.32 8.93 14.72
CA PHE D 176 36.58 9.87 15.59
C PHE D 176 36.92 9.49 17.02
N VAL D 177 37.04 10.49 17.91
CA VAL D 177 37.26 10.24 19.35
C VAL D 177 36.03 10.69 20.12
N ALA D 178 35.45 9.80 20.92
CA ALA D 178 34.36 10.12 21.85
C ALA D 178 34.95 10.19 23.26
N PHE D 179 34.44 11.12 24.06
CA PHE D 179 34.98 11.45 25.39
C PHE D 179 34.01 11.04 26.49
N TYR D 180 32.83 10.52 26.14
CA TYR D 180 31.75 10.19 27.11
C TYR D 180 31.17 8.82 26.77
N ASP D 181 30.78 8.06 27.78
CA ASP D 181 30.64 6.57 27.73
C ASP D 181 29.39 6.21 26.90
N TYR D 182 28.36 7.01 27.06
CA TYR D 182 27.00 6.81 26.52
C TYR D 182 26.98 7.34 25.09
N GLN D 183 28.14 7.70 24.50
CA GLN D 183 28.19 8.28 23.12
C GLN D 183 28.45 7.16 22.10
N ALA D 184 28.76 5.92 22.57
CA ALA D 184 29.09 4.76 21.72
C ALA D 184 28.34 3.53 22.19
N TYR D 185 27.62 2.87 21.28
CA TYR D 185 26.95 1.58 21.58
C TYR D 185 27.56 0.47 20.72
N PRO D 186 28.11 -0.59 21.35
CA PRO D 186 28.75 -1.67 20.61
C PRO D 186 27.71 -2.65 20.06
N GLU D 187 27.08 -2.33 18.95
CA GLU D 187 25.92 -3.11 18.47
C GLU D 187 26.40 -4.52 18.07
N TYR D 188 27.56 -4.64 17.43
CA TYR D 188 27.96 -5.87 16.69
C TYR D 188 29.42 -6.22 16.99
N LEU D 189 29.70 -7.48 17.31
CA LEU D 189 31.09 -7.99 17.47
C LEU D 189 31.42 -8.92 16.31
N ILE D 190 32.39 -8.52 15.48
CA ILE D 190 32.90 -9.34 14.35
C ILE D 190 34.10 -10.10 14.86
N THR D 191 34.00 -11.43 14.80
CA THR D 191 35.10 -12.37 15.15
C THR D 191 35.64 -12.96 13.83
N PHE D 192 36.95 -12.84 13.60
CA PHE D 192 37.57 -13.14 12.27
C PHE D 192 39.04 -13.51 12.47
N ARG D 193 39.74 -13.86 11.39
CA ARG D 193 41.17 -14.27 11.40
C ARG D 193 41.80 -13.98 10.04
N LYS D 194 43.13 -14.09 9.92
CA LYS D 194 43.89 -13.71 8.70
C LYS D 194 43.75 -14.77 7.62
N ASN E 9 -36.34 33.59 15.10
CA ASN E 9 -35.94 33.64 13.66
C ASN E 9 -35.85 32.23 13.06
N PHE E 10 -36.28 32.08 11.81
CA PHE E 10 -36.35 30.77 11.11
C PHE E 10 -36.39 31.00 9.59
N CYS E 11 -36.02 29.97 8.83
CA CYS E 11 -36.18 29.85 7.35
C CYS E 11 -36.97 28.56 7.04
N VAL E 12 -37.46 28.47 5.81
CA VAL E 12 -38.37 27.38 5.32
C VAL E 12 -37.94 27.03 3.90
N VAL E 13 -37.38 25.84 3.68
CA VAL E 13 -37.01 25.35 2.31
C VAL E 13 -38.12 24.41 1.82
N GLU E 14 -38.79 24.75 0.71
CA GLU E 14 -39.65 23.77 -0.03
C GLU E 14 -38.72 22.68 -0.59
N LEU E 15 -39.06 21.41 -0.35
CA LEU E 15 -38.33 20.23 -0.86
C LEU E 15 -38.92 19.81 -2.20
N LEU E 16 -38.07 19.46 -3.16
CA LEU E 16 -38.52 19.04 -4.51
C LEU E 16 -38.73 17.54 -4.48
N PRO E 17 -39.71 16.99 -5.23
CA PRO E 17 -39.89 15.52 -5.27
C PRO E 17 -38.63 14.72 -5.64
N SER E 18 -37.55 15.38 -6.06
CA SER E 18 -36.26 14.78 -6.45
C SER E 18 -35.26 14.68 -5.28
N ASP E 19 -35.55 15.28 -4.13
CA ASP E 19 -34.70 15.17 -2.90
C ASP E 19 -35.02 13.86 -2.17
N PRO E 20 -34.01 13.10 -1.70
CA PRO E 20 -34.28 11.94 -0.84
C PRO E 20 -35.15 12.30 0.38
N GLU E 21 -34.99 13.50 0.95
CA GLU E 21 -35.77 13.88 2.16
C GLU E 21 -37.28 13.89 1.84
N TYR E 22 -37.71 14.52 0.73
CA TYR E 22 -39.13 14.53 0.28
C TYR E 22 -39.70 13.11 0.34
N ASN E 23 -38.96 12.18 -0.27
CA ASN E 23 -39.45 10.82 -0.53
C ASN E 23 -39.57 10.10 0.82
N THR E 24 -38.60 10.31 1.72
CA THR E 24 -38.59 9.75 3.10
C THR E 24 -39.91 10.13 3.82
N VAL E 25 -40.23 11.43 3.80
CA VAL E 25 -41.40 12.04 4.51
C VAL E 25 -42.71 11.57 3.85
N ALA E 26 -42.84 11.83 2.54
CA ALA E 26 -43.96 11.32 1.70
C ALA E 26 -44.19 9.84 2.03
N SER E 27 -43.15 9.01 1.96
CA SER E 27 -43.27 7.56 2.26
C SER E 27 -44.00 7.36 3.59
N LYS E 28 -43.56 8.06 4.65
CA LYS E 28 -44.13 7.82 6.00
C LYS E 28 -45.61 8.31 6.04
N PHE E 29 -45.87 9.51 5.54
CA PHE E 29 -47.24 10.08 5.38
C PHE E 29 -48.13 9.07 4.66
N ASN E 30 -47.63 8.61 3.51
CA ASN E 30 -48.39 7.77 2.53
C ASN E 30 -48.68 6.39 3.12
N GLN E 31 -48.08 6.02 4.26
CA GLN E 31 -48.39 4.71 4.89
C GLN E 31 -49.87 4.65 5.30
N THR E 32 -50.51 5.79 5.56
CA THR E 32 -51.95 5.82 5.95
C THR E 32 -52.71 6.96 5.27
N CYS E 33 -52.10 7.71 4.34
CA CYS E 33 -52.72 8.89 3.68
C CYS E 33 -52.41 8.96 2.18
N SER E 34 -52.22 7.81 1.51
CA SER E 34 -51.83 7.74 0.07
C SER E 34 -52.94 8.37 -0.79
N HIS E 35 -54.20 8.15 -0.41
CA HIS E 35 -55.43 8.62 -1.09
C HIS E 35 -55.60 10.15 -1.02
N PHE E 36 -54.73 10.86 -0.28
CA PHE E 36 -54.66 12.35 -0.29
C PHE E 36 -53.59 12.76 -1.30
N ARG E 37 -53.56 14.05 -1.65
CA ARG E 37 -52.66 14.66 -2.65
C ARG E 37 -51.70 15.65 -1.98
N ILE E 38 -50.41 15.31 -1.89
CA ILE E 38 -49.35 16.22 -1.38
C ILE E 38 -49.15 17.35 -2.39
N GLU E 39 -49.21 18.62 -1.96
CA GLU E 39 -48.93 19.81 -2.80
C GLU E 39 -47.50 20.31 -2.60
N LYS E 40 -47.01 20.32 -1.35
CA LYS E 40 -45.58 20.59 -1.04
C LYS E 40 -45.21 19.99 0.32
N ILE E 41 -43.92 19.76 0.51
CA ILE E 41 -43.29 19.46 1.83
C ILE E 41 -42.22 20.54 2.06
N GLU E 42 -42.28 21.24 3.19
CA GLU E 42 -41.29 22.27 3.60
C GLU E 42 -40.46 21.73 4.77
N ARG E 43 -39.14 21.98 4.75
CA ARG E 43 -38.27 21.75 5.93
C ARG E 43 -38.18 23.07 6.66
N ILE E 44 -38.45 23.03 7.97
CA ILE E 44 -38.44 24.21 8.86
C ILE E 44 -37.06 24.24 9.51
N GLN E 45 -36.38 25.37 9.43
CA GLN E 45 -35.04 25.53 9.99
C GLN E 45 -35.13 26.70 10.96
N ASN E 46 -35.24 26.38 12.25
CA ASN E 46 -35.30 27.35 13.38
C ASN E 46 -34.16 27.02 14.31
N PRO E 47 -32.97 27.65 14.13
CA PRO E 47 -31.80 27.35 14.95
C PRO E 47 -32.01 27.29 16.47
N ASP E 48 -32.72 28.24 17.08
CA ASP E 48 -32.85 28.40 18.56
C ASP E 48 -33.62 27.16 19.06
N LEU E 49 -34.73 26.86 18.39
CA LEU E 49 -35.60 25.71 18.69
C LEU E 49 -34.82 24.40 18.53
N TRP E 50 -34.08 24.24 17.42
CA TRP E 50 -33.21 23.08 17.14
C TRP E 50 -32.11 22.94 18.17
N ASN E 51 -31.50 24.04 18.61
CA ASN E 51 -30.36 23.97 19.56
C ASN E 51 -30.89 23.51 20.91
N SER E 52 -32.05 24.05 21.32
CA SER E 52 -32.75 23.67 22.56
C SER E 52 -33.13 22.19 22.53
N TYR E 53 -33.66 21.73 21.42
CA TYR E 53 -34.09 20.33 21.24
C TYR E 53 -32.87 19.39 21.38
N GLN E 54 -31.75 19.71 20.72
CA GLN E 54 -30.55 18.82 20.71
C GLN E 54 -29.94 18.80 22.11
N ALA E 55 -30.03 19.89 22.85
CA ALA E 55 -29.56 20.01 24.24
C ALA E 55 -30.37 19.05 25.14
N LYS E 56 -31.69 19.04 24.98
CA LYS E 56 -32.63 18.16 25.71
C LYS E 56 -32.37 16.69 25.33
N LYS E 57 -32.08 16.42 24.06
CA LYS E 57 -31.79 15.05 23.57
C LYS E 57 -30.49 14.52 24.22
N LYS E 58 -29.50 15.38 24.42
CA LYS E 58 -28.17 14.98 24.97
C LYS E 58 -28.37 14.52 26.42
N THR E 59 -29.04 15.31 27.24
CA THR E 59 -29.27 14.99 28.67
C THR E 59 -30.21 13.77 28.76
N MET E 60 -31.25 13.68 27.93
CA MET E 60 -32.19 12.52 27.93
C MET E 60 -31.44 11.23 27.51
N ASP E 61 -30.53 11.30 26.54
CA ASP E 61 -29.72 10.14 26.08
C ASP E 61 -28.81 9.61 27.22
N ALA E 62 -28.27 10.51 28.04
CA ALA E 62 -27.37 10.21 29.18
C ALA E 62 -28.17 9.98 30.48
N LYS E 63 -29.43 9.57 30.36
CA LYS E 63 -30.35 9.42 31.52
C LYS E 63 -31.15 8.14 31.36
N ASN E 64 -31.64 7.86 30.14
CA ASN E 64 -32.54 6.72 29.84
C ASN E 64 -31.73 5.58 29.26
N GLY E 65 -30.39 5.66 29.37
CA GLY E 65 -29.43 4.63 28.97
C GLY E 65 -29.59 4.26 27.51
N GLN E 66 -29.99 3.03 27.24
CA GLN E 66 -30.09 2.43 25.90
C GLN E 66 -31.36 2.91 25.20
N THR E 67 -32.29 3.58 25.90
CA THR E 67 -33.58 4.03 25.34
C THR E 67 -33.33 4.89 24.10
N MET E 68 -33.97 4.53 22.98
CA MET E 68 -34.17 5.43 21.82
C MET E 68 -35.24 6.44 22.23
N ASN E 69 -34.81 7.63 22.59
CA ASN E 69 -35.67 8.70 23.14
C ASN E 69 -36.51 9.38 22.04
N GLU E 70 -36.09 9.30 20.77
CA GLU E 70 -36.70 10.08 19.65
C GLU E 70 -37.64 9.20 18.82
N LYS E 71 -38.87 9.69 18.59
CA LYS E 71 -39.79 9.13 17.57
C LYS E 71 -40.14 10.25 16.58
N GLN E 72 -40.56 9.88 15.38
CA GLN E 72 -41.04 10.84 14.36
C GLN E 72 -42.55 10.65 14.24
N LEU E 73 -43.29 11.72 14.59
CA LEU E 73 -44.77 11.68 14.77
C LEU E 73 -45.41 12.82 13.97
N PHE E 74 -46.74 12.82 13.95
CA PHE E 74 -47.52 13.72 13.08
C PHE E 74 -48.30 14.65 13.99
N HIS E 75 -48.43 15.89 13.53
CA HIS E 75 -49.22 16.94 14.20
C HIS E 75 -49.97 17.75 13.15
N GLY E 76 -51.30 17.60 13.11
CA GLY E 76 -52.19 18.39 12.26
C GLY E 76 -52.52 19.70 12.91
N THR E 77 -52.56 20.79 12.14
CA THR E 77 -52.93 22.12 12.68
C THR E 77 -53.64 22.95 11.61
N ASP E 78 -54.19 24.09 12.03
CA ASP E 78 -54.84 25.00 11.13
C ASP E 78 -53.76 25.90 10.58
N ALA E 79 -54.00 26.42 9.38
CA ALA E 79 -53.06 27.32 8.66
C ALA E 79 -52.58 28.43 9.59
N GLY E 80 -53.48 28.98 10.43
CA GLY E 80 -53.20 30.13 11.31
C GLY E 80 -52.12 29.86 12.34
N SER E 81 -51.85 28.58 12.66
CA SER E 81 -50.91 28.20 13.74
C SER E 81 -49.50 27.95 13.18
N VAL E 82 -49.40 27.77 11.86
CA VAL E 82 -48.11 27.41 11.17
C VAL E 82 -47.03 28.45 11.47
N PRO E 83 -47.27 29.76 11.25
CA PRO E 83 -46.26 30.77 11.58
C PRO E 83 -45.85 30.73 13.05
N HIS E 84 -46.80 30.59 13.99
CA HIS E 84 -46.51 30.55 15.45
CA HIS E 84 -46.49 30.55 15.45
C HIS E 84 -45.64 29.33 15.76
N VAL E 85 -45.92 28.19 15.12
CA VAL E 85 -45.21 26.90 15.34
C VAL E 85 -43.80 26.98 14.73
N ASN E 86 -43.68 27.42 13.48
CA ASN E 86 -42.37 27.55 12.78
C ASN E 86 -41.45 28.48 13.58
N ARG E 87 -42.04 29.42 14.34
CA ARG E 87 -41.33 30.50 15.09
C ARG E 87 -41.06 30.05 16.53
N ASN E 88 -42.04 29.54 17.29
CA ASN E 88 -41.86 29.28 18.75
C ASN E 88 -42.12 27.81 19.11
N GLY E 89 -42.25 26.94 18.11
CA GLY E 89 -42.48 25.49 18.30
C GLY E 89 -43.81 25.26 18.97
N PHE E 90 -43.91 24.14 19.67
CA PHE E 90 -45.16 23.74 20.34
C PHE E 90 -45.02 24.21 21.79
N ASN E 91 -45.24 25.51 21.99
CA ASN E 91 -45.13 26.10 23.32
C ASN E 91 -46.41 25.96 24.15
N ARG E 92 -46.46 26.67 25.28
CA ARG E 92 -47.61 26.63 26.17
C ARG E 92 -48.88 27.18 25.53
N SER E 93 -48.78 28.38 24.96
CA SER E 93 -49.92 29.03 24.33
C SER E 93 -50.58 28.11 23.29
N TYR E 94 -49.75 27.37 22.56
CA TYR E 94 -50.25 26.43 21.53
C TYR E 94 -50.93 25.21 22.18
N ALA E 95 -50.33 24.62 23.21
CA ALA E 95 -50.87 23.45 23.95
C ALA E 95 -52.26 23.76 24.52
N GLY E 96 -52.47 24.98 25.00
CA GLY E 96 -53.78 25.48 25.48
C GLY E 96 -54.90 25.19 24.52
N LYS E 97 -54.59 25.20 23.22
CA LYS E 97 -55.56 24.96 22.12
C LYS E 97 -55.67 23.47 21.79
N ASN E 98 -54.79 22.62 22.32
CA ASN E 98 -54.84 21.14 22.13
C ASN E 98 -55.89 20.53 23.06
N ALA E 99 -56.16 19.24 22.89
CA ALA E 99 -57.08 18.40 23.73
C ALA E 99 -56.52 18.24 25.13
N VAL E 100 -57.30 17.65 26.04
CA VAL E 100 -56.92 17.54 27.49
C VAL E 100 -56.97 16.09 27.96
N ALA E 101 -57.67 15.20 27.27
CA ALA E 101 -58.08 13.88 27.81
C ALA E 101 -56.90 13.13 28.41
N TYR E 102 -55.69 13.31 27.87
CA TYR E 102 -54.48 12.58 28.34
C TYR E 102 -53.47 13.59 28.92
N GLY E 103 -53.84 14.85 29.11
CA GLY E 103 -52.96 15.88 29.74
C GLY E 103 -52.96 17.17 28.96
N LYS E 104 -52.51 18.27 29.57
CA LYS E 104 -52.48 19.61 28.90
C LYS E 104 -51.09 19.83 28.35
N GLY E 105 -50.86 19.39 27.13
CA GLY E 105 -49.62 19.51 26.36
C GLY E 105 -49.95 19.47 24.88
N THR E 106 -48.93 19.26 24.08
CA THR E 106 -49.09 19.18 22.61
C THR E 106 -49.23 17.69 22.24
N TYR E 107 -50.18 17.38 21.36
CA TYR E 107 -50.57 15.99 21.02
C TYR E 107 -49.87 15.59 19.72
N PHE E 108 -49.31 14.39 19.70
CA PHE E 108 -48.63 13.86 18.49
C PHE E 108 -49.08 12.44 18.21
N ALA E 109 -49.39 12.17 16.95
CA ALA E 109 -50.03 10.95 16.44
C ALA E 109 -48.99 10.02 15.79
N VAL E 110 -49.03 8.74 16.14
CA VAL E 110 -48.15 7.73 15.49
C VAL E 110 -48.47 7.69 13.98
N ASN E 111 -49.75 7.68 13.63
CA ASN E 111 -50.21 7.55 12.21
C ASN E 111 -50.69 8.89 11.62
N ALA E 112 -50.20 9.25 10.44
CA ALA E 112 -50.62 10.46 9.69
C ALA E 112 -52.16 10.55 9.59
N ASN E 113 -52.86 9.43 9.39
CA ASN E 113 -54.33 9.40 9.14
C ASN E 113 -55.06 10.02 10.33
N TYR E 114 -54.58 9.83 11.56
CA TYR E 114 -55.13 10.45 12.79
C TYR E 114 -55.04 11.98 12.66
N SER E 115 -53.85 12.53 12.41
CA SER E 115 -53.55 14.00 12.32
C SER E 115 -54.28 14.62 11.12
N ALA E 116 -54.58 13.82 10.09
CA ALA E 116 -55.24 14.29 8.85
C ALA E 116 -56.74 14.55 9.06
N ASN E 117 -57.32 14.13 10.18
CA ASN E 117 -58.76 14.40 10.48
C ASN E 117 -58.97 15.90 10.38
N ASP E 118 -60.11 16.35 9.83
CA ASP E 118 -60.43 17.80 9.65
C ASP E 118 -60.45 18.51 11.02
N THR E 119 -60.70 17.79 12.12
CA THR E 119 -60.72 18.35 13.49
C THR E 119 -59.36 19.00 13.82
N TYR E 120 -58.26 18.44 13.29
CA TYR E 120 -56.85 18.80 13.62
C TYR E 120 -56.25 19.60 12.44
N SER E 121 -56.14 18.99 11.27
CA SER E 121 -55.57 19.65 10.07
C SER E 121 -56.73 20.33 9.31
N ARG E 122 -57.34 21.34 9.92
CA ARG E 122 -58.58 22.01 9.44
C ARG E 122 -58.34 22.59 8.05
N PRO E 123 -59.13 22.23 7.02
CA PRO E 123 -58.91 22.78 5.68
C PRO E 123 -59.10 24.31 5.68
N ASP E 124 -58.16 25.03 5.07
CA ASP E 124 -58.18 26.52 4.95
C ASP E 124 -59.17 26.94 3.86
N ALA E 125 -59.20 28.22 3.52
CA ALA E 125 -60.13 28.81 2.52
C ALA E 125 -60.00 28.09 1.15
N ASN E 126 -58.78 27.69 0.75
CA ASN E 126 -58.48 26.98 -0.53
C ASN E 126 -58.55 25.45 -0.41
N GLY E 127 -59.00 24.88 0.72
CA GLY E 127 -59.10 23.42 0.93
C GLY E 127 -57.76 22.74 1.18
N ARG E 128 -56.74 23.51 1.55
CA ARG E 128 -55.37 23.00 1.87
C ARG E 128 -55.31 22.61 3.35
N LYS E 129 -54.80 21.41 3.66
CA LYS E 129 -54.60 20.85 5.03
C LYS E 129 -53.10 20.85 5.36
N HIS E 130 -52.74 21.00 6.63
CA HIS E 130 -51.34 21.13 7.10
C HIS E 130 -51.02 20.07 8.17
N VAL E 131 -50.09 19.16 7.90
CA VAL E 131 -49.62 18.20 8.90
C VAL E 131 -48.10 18.25 8.95
N TYR E 132 -47.57 18.46 10.18
CA TYR E 132 -46.12 18.42 10.47
C TYR E 132 -45.69 16.96 10.68
N TYR E 133 -44.49 16.62 10.16
CA TYR E 133 -43.68 15.45 10.57
C TYR E 133 -42.65 15.96 11.57
N VAL E 134 -42.82 15.56 12.83
CA VAL E 134 -42.14 16.17 14.01
C VAL E 134 -41.16 15.17 14.60
N ARG E 135 -39.98 15.63 14.99
CA ARG E 135 -39.09 14.86 15.88
C ARG E 135 -39.52 15.12 17.32
N VAL E 136 -39.89 14.06 18.04
CA VAL E 136 -40.40 14.18 19.43
C VAL E 136 -39.55 13.30 20.36
N LEU E 137 -39.12 13.87 21.47
CA LEU E 137 -38.37 13.17 22.55
C LEU E 137 -39.36 12.53 23.54
N THR E 138 -39.97 11.42 23.16
CA THR E 138 -40.96 10.64 23.94
C THR E 138 -40.28 10.03 25.18
N GLY E 139 -38.99 9.67 25.05
CA GLY E 139 -38.19 9.14 26.16
C GLY E 139 -38.85 7.94 26.80
N ILE E 140 -38.93 7.94 28.14
CA ILE E 140 -39.69 6.93 28.93
C ILE E 140 -41.08 7.50 29.14
N TYR E 141 -42.12 6.78 28.69
CA TYR E 141 -43.51 7.30 28.74
C TYR E 141 -44.39 6.40 29.61
N THR E 142 -45.48 6.96 30.11
CA THR E 142 -46.52 6.26 30.92
C THR E 142 -47.90 6.66 30.41
N HIS E 143 -48.95 6.16 31.05
CA HIS E 143 -50.36 6.47 30.69
C HIS E 143 -50.68 7.88 31.20
N GLY E 144 -51.27 8.73 30.35
CA GLY E 144 -51.67 10.09 30.73
C GLY E 144 -53.07 10.12 31.33
N ASN E 145 -53.48 11.28 31.85
CA ASN E 145 -54.85 11.56 32.35
C ASN E 145 -55.15 13.07 32.25
N HIS E 146 -56.41 13.46 32.45
CA HIS E 146 -56.90 14.84 32.18
C HIS E 146 -56.20 15.86 33.09
N SER E 147 -55.70 15.49 34.26
CA SER E 147 -55.22 16.45 35.29
C SER E 147 -53.77 16.91 35.08
N LEU E 148 -53.01 16.31 34.14
CA LEU E 148 -51.53 16.51 34.06
C LEU E 148 -51.18 17.82 33.34
N ILE E 149 -50.27 18.61 33.92
CA ILE E 149 -49.61 19.74 33.20
C ILE E 149 -48.11 19.46 33.03
N VAL E 150 -47.64 18.35 33.61
CA VAL E 150 -46.31 17.71 33.35
C VAL E 150 -46.48 16.23 33.61
N PRO E 151 -45.59 15.36 33.09
CA PRO E 151 -45.75 13.92 33.28
C PRO E 151 -45.67 13.57 34.75
N PRO E 152 -46.32 12.48 35.20
CA PRO E 152 -46.22 12.06 36.60
C PRO E 152 -44.76 11.76 36.98
N SER E 153 -44.49 11.70 38.28
CA SER E 153 -43.24 11.14 38.83
C SER E 153 -43.28 9.62 38.67
N LYS E 154 -42.14 8.97 38.44
CA LYS E 154 -42.00 7.50 38.34
C LYS E 154 -42.22 6.90 39.72
N ASN E 155 -41.75 7.63 40.72
CA ASN E 155 -41.35 7.16 42.07
C ASN E 155 -42.04 8.07 43.07
N PRO E 156 -43.09 7.64 43.81
CA PRO E 156 -43.64 8.46 44.89
C PRO E 156 -42.49 8.94 45.79
N GLN E 157 -41.49 8.07 46.00
CA GLN E 157 -40.24 8.30 46.79
C GLN E 157 -39.41 9.46 46.22
N ASN E 158 -39.46 9.69 44.90
CA ASN E 158 -38.65 10.74 44.22
C ASN E 158 -39.53 11.55 43.28
N PRO E 159 -40.25 12.58 43.79
CA PRO E 159 -41.31 13.24 43.00
C PRO E 159 -40.82 14.31 42.01
N THR E 160 -39.52 14.36 41.74
CA THR E 160 -38.89 15.25 40.72
C THR E 160 -38.32 14.42 39.55
N ASP E 161 -38.38 13.08 39.64
CA ASP E 161 -37.97 12.14 38.57
C ASP E 161 -39.20 11.78 37.74
N LEU E 162 -39.42 12.51 36.64
CA LEU E 162 -40.68 12.46 35.83
C LEU E 162 -40.47 11.56 34.60
N TYR E 163 -41.54 10.93 34.13
CA TYR E 163 -41.61 10.39 32.76
C TYR E 163 -41.38 11.55 31.77
N ASP E 164 -40.92 11.23 30.56
CA ASP E 164 -40.54 12.23 29.54
C ASP E 164 -41.79 12.69 28.79
N THR E 165 -42.74 11.79 28.55
CA THR E 165 -44.05 12.05 27.91
C THR E 165 -45.09 11.07 28.43
N VAL E 166 -46.35 11.26 28.02
CA VAL E 166 -47.48 10.33 28.27
C VAL E 166 -48.13 9.93 26.96
N THR E 167 -48.97 8.90 27.04
CA THR E 167 -49.64 8.26 25.87
C THR E 167 -51.02 7.78 26.30
N ASP E 168 -51.83 7.40 25.33
CA ASP E 168 -53.19 6.85 25.53
C ASP E 168 -53.08 5.39 25.98
N ASN E 169 -51.99 4.73 25.58
CA ASN E 169 -51.81 3.27 25.74
C ASN E 169 -50.32 2.92 25.66
N VAL E 170 -49.71 2.58 26.78
CA VAL E 170 -48.23 2.38 26.84
C VAL E 170 -47.80 1.27 25.86
N HIS E 171 -48.53 0.15 25.80
CA HIS E 171 -48.13 -1.04 24.99
C HIS E 171 -48.67 -0.92 23.55
N HIS E 172 -49.73 -0.15 23.29
CA HIS E 172 -50.26 0.10 21.91
C HIS E 172 -50.52 1.60 21.69
N PRO E 173 -49.46 2.44 21.70
CA PRO E 173 -49.62 3.90 21.62
C PRO E 173 -50.25 4.31 20.29
N SER E 174 -51.14 5.29 20.30
CA SER E 174 -51.67 5.93 19.06
C SER E 174 -51.25 7.42 19.03
N LEU E 175 -50.90 7.96 20.21
CA LEU E 175 -50.45 9.36 20.38
C LEU E 175 -49.55 9.48 21.60
N PHE E 176 -48.83 10.58 21.64
CA PHE E 176 -47.91 10.96 22.75
C PHE E 176 -48.19 12.43 23.05
N VAL E 177 -48.11 12.81 24.33
CA VAL E 177 -48.29 14.23 24.77
C VAL E 177 -46.95 14.73 25.32
N ALA E 178 -46.46 15.83 24.78
CA ALA E 178 -45.27 16.55 25.24
C ALA E 178 -45.73 17.83 25.93
N PHE E 179 -45.00 18.18 27.00
CA PHE E 179 -45.37 19.26 27.93
C PHE E 179 -44.39 20.42 27.84
N TYR E 180 -43.32 20.30 27.06
CA TYR E 180 -42.32 21.38 26.85
C TYR E 180 -42.00 21.48 25.36
N ASP E 181 -41.67 22.69 24.90
CA ASP E 181 -41.44 23.06 23.48
C ASP E 181 -40.16 22.40 22.97
N TYR E 182 -39.16 22.25 23.83
CA TYR E 182 -37.81 21.75 23.47
C TYR E 182 -37.85 20.23 23.35
N GLN E 183 -39.01 19.62 23.54
CA GLN E 183 -39.16 18.13 23.42
C GLN E 183 -39.68 17.77 22.04
N ALA E 184 -40.09 18.75 21.22
CA ALA E 184 -40.68 18.53 19.88
C ALA E 184 -40.05 19.50 18.89
N TYR E 185 -39.49 19.00 17.80
CA TYR E 185 -38.95 19.84 16.70
C TYR E 185 -39.76 19.60 15.44
N PRO E 186 -40.39 20.66 14.88
CA PRO E 186 -41.24 20.52 13.70
C PRO E 186 -40.38 20.52 12.44
N GLU E 187 -39.80 19.38 12.09
CA GLU E 187 -38.79 19.35 11.02
C GLU E 187 -39.48 19.68 9.69
N TYR E 188 -40.68 19.15 9.46
CA TYR E 188 -41.29 19.11 8.11
C TYR E 188 -42.77 19.51 8.19
N LEU E 189 -43.21 20.40 7.30
CA LEU E 189 -44.64 20.73 7.12
C LEU E 189 -45.14 20.15 5.79
N ILE E 190 -46.08 19.21 5.88
CA ILE E 190 -46.77 18.63 4.69
C ILE E 190 -48.02 19.46 4.44
N THR E 191 -48.12 20.04 3.26
CA THR E 191 -49.33 20.75 2.74
C THR E 191 -49.98 19.85 1.70
N PHE E 192 -51.27 19.53 1.85
CA PHE E 192 -51.97 18.48 1.05
C PHE E 192 -53.47 18.77 1.02
N ARG E 193 -54.23 17.97 0.27
CA ARG E 193 -55.69 18.16 0.06
C ARG E 193 -56.35 16.83 -0.28
N LYS E 194 -57.68 16.77 -0.27
CA LYS E 194 -58.46 15.51 -0.41
C LYS E 194 -58.50 15.08 -1.88
N ASN F 9 -30.30 26.26 1.21
CA ASN F 9 -30.72 27.21 2.24
C ASN F 9 -30.08 26.90 3.59
N PHE F 10 -29.78 27.93 4.35
CA PHE F 10 -29.16 27.76 5.67
C PHE F 10 -29.43 28.97 6.57
N CYS F 11 -29.30 28.76 7.87
CA CYS F 11 -29.54 29.82 8.84
C CYS F 11 -28.24 30.27 9.50
N VAL F 12 -28.21 31.52 9.95
CA VAL F 12 -27.01 32.09 10.61
C VAL F 12 -27.42 32.74 11.92
N VAL F 13 -27.05 32.17 13.09
CA VAL F 13 -27.37 32.74 14.42
C VAL F 13 -26.15 33.50 14.95
N GLU F 14 -26.25 34.82 15.17
CA GLU F 14 -25.23 35.55 15.96
C GLU F 14 -25.27 35.04 17.41
N LEU F 15 -24.11 34.70 17.97
CA LEU F 15 -23.95 34.23 19.35
C LEU F 15 -23.71 35.42 20.29
N LEU F 16 -24.33 35.40 21.47
CA LEU F 16 -24.18 36.49 22.47
C LEU F 16 -23.02 36.10 23.38
N PRO F 17 -22.24 37.07 23.91
CA PRO F 17 -21.16 36.73 24.84
C PRO F 17 -21.61 35.92 26.09
N SER F 18 -22.91 35.69 26.29
CA SER F 18 -23.49 34.88 27.40
C SER F 18 -23.67 33.40 27.03
N ASP F 19 -23.50 33.01 25.75
CA ASP F 19 -23.58 31.59 25.29
C ASP F 19 -22.26 30.88 25.59
N PRO F 20 -22.28 29.65 26.14
CA PRO F 20 -21.03 28.89 26.27
C PRO F 20 -20.30 28.74 24.93
N GLU F 21 -21.02 28.63 23.81
CA GLU F 21 -20.42 28.47 22.47
C GLU F 21 -19.54 29.68 22.14
N TYR F 22 -20.02 30.91 22.29
CA TYR F 22 -19.26 32.16 22.06
C TYR F 22 -17.89 32.05 22.74
N ASN F 23 -17.95 31.69 24.01
CA ASN F 23 -16.77 31.77 24.91
C ASN F 23 -15.77 30.71 24.47
N THR F 24 -16.26 29.51 24.12
CA THR F 24 -15.45 28.37 23.62
C THR F 24 -14.64 28.84 22.40
N VAL F 25 -15.33 29.45 21.41
CA VAL F 25 -14.76 29.87 20.11
C VAL F 25 -13.80 31.05 20.32
N ALA F 26 -14.27 32.14 20.94
CA ALA F 26 -13.43 33.29 21.34
C ALA F 26 -12.17 32.77 22.04
N SER F 27 -12.32 31.91 23.05
CA SER F 27 -11.16 31.35 23.78
C SER F 27 -10.16 30.76 22.78
N LYS F 28 -10.60 29.95 21.82
CA LYS F 28 -9.66 29.25 20.91
C LYS F 28 -9.00 30.28 19.97
N PHE F 29 -9.79 31.19 19.38
CA PHE F 29 -9.31 32.33 18.57
C PHE F 29 -8.24 33.08 19.35
N ASN F 30 -8.56 33.45 20.59
CA ASN F 30 -7.77 34.36 21.45
C ASN F 30 -6.46 33.68 21.86
N GLN F 31 -6.29 32.39 21.63
CA GLN F 31 -5.01 31.72 21.98
C GLN F 31 -3.85 32.31 21.15
N THR F 32 -4.12 32.85 19.96
CA THR F 32 -3.08 33.46 19.11
C THR F 32 -3.54 34.77 18.45
N CYS F 33 -4.72 35.29 18.80
CA CYS F 33 -5.29 36.52 18.19
C CYS F 33 -5.97 37.44 19.22
N SER F 34 -5.50 37.46 20.49
CA SER F 34 -6.13 38.26 21.58
C SER F 34 -6.11 39.75 21.25
N HIS F 35 -4.99 40.20 20.67
CA HIS F 35 -4.69 41.62 20.32
C HIS F 35 -5.53 42.08 19.11
N PHE F 36 -6.37 41.23 18.51
CA PHE F 36 -7.40 41.63 17.51
C PHE F 36 -8.71 41.84 18.26
N ARG F 37 -9.70 42.45 17.58
CA ARG F 37 -11.01 42.83 18.17
C ARG F 37 -12.14 42.03 17.48
N ILE F 38 -12.74 41.09 18.20
CA ILE F 38 -13.94 40.32 17.76
C ILE F 38 -15.14 41.30 17.69
N GLU F 39 -15.83 41.39 16.55
CA GLU F 39 -17.09 42.18 16.39
C GLU F 39 -18.32 41.28 16.54
N LYS F 40 -18.30 40.08 15.95
CA LYS F 40 -19.36 39.06 16.17
C LYS F 40 -18.83 37.65 15.85
N ILE F 41 -19.49 36.65 16.40
CA ILE F 41 -19.31 35.20 16.07
C ILE F 41 -20.69 34.68 15.68
N GLU F 42 -20.82 34.09 14.49
CA GLU F 42 -22.09 33.51 13.96
C GLU F 42 -21.95 31.98 13.90
N ARG F 43 -23.01 31.25 14.25
CA ARG F 43 -23.13 29.81 13.95
C ARG F 43 -23.84 29.65 12.61
N ILE F 44 -23.25 28.87 11.71
CA ILE F 44 -23.83 28.54 10.37
C ILE F 44 -24.61 27.25 10.52
N GLN F 45 -25.87 27.24 10.14
CA GLN F 45 -26.74 26.04 10.23
C GLN F 45 -27.26 25.78 8.81
N ASN F 46 -26.61 24.84 8.14
CA ASN F 46 -26.89 24.40 6.74
C ASN F 46 -27.16 22.91 6.83
N PRO F 47 -28.43 22.47 7.00
CA PRO F 47 -28.74 21.05 7.15
C PRO F 47 -28.13 20.09 6.11
N ASP F 48 -28.15 20.41 4.81
CA ASP F 48 -27.72 19.47 3.72
C ASP F 48 -26.20 19.26 3.86
N LEU F 49 -25.47 20.35 4.06
CA LEU F 49 -24.00 20.35 4.26
C LEU F 49 -23.66 19.57 5.53
N TRP F 50 -24.37 19.82 6.63
CA TRP F 50 -24.25 19.10 7.93
C TRP F 50 -24.58 17.61 7.77
N ASN F 51 -25.61 17.26 6.99
CA ASN F 51 -26.01 15.85 6.77
C ASN F 51 -24.90 15.12 6.04
N SER F 52 -24.33 15.74 4.99
CA SER F 52 -23.22 15.22 4.17
C SER F 52 -21.99 15.00 5.06
N TYR F 53 -21.67 15.98 5.90
CA TYR F 53 -20.51 15.92 6.80
C TYR F 53 -20.69 14.75 7.79
N GLN F 54 -21.87 14.62 8.41
CA GLN F 54 -22.13 13.60 9.48
C GLN F 54 -22.12 12.21 8.86
N ALA F 55 -22.51 12.09 7.59
CA ALA F 55 -22.48 10.82 6.82
C ALA F 55 -21.03 10.37 6.64
N LYS F 56 -20.15 11.31 6.27
CA LYS F 56 -18.69 11.07 6.11
C LYS F 56 -18.07 10.73 7.47
N LYS F 57 -18.51 11.40 8.53
CA LYS F 57 -17.99 11.15 9.90
C LYS F 57 -18.36 9.74 10.36
N LYS F 58 -19.54 9.22 9.98
CA LYS F 58 -20.03 7.88 10.40
C LYS F 58 -19.11 6.82 9.77
N THR F 59 -18.85 6.89 8.47
CA THR F 59 -17.99 5.90 7.76
C THR F 59 -16.54 6.04 8.27
N MET F 60 -16.04 7.27 8.48
CA MET F 60 -14.68 7.48 9.00
C MET F 60 -14.54 6.92 10.44
N ASP F 61 -15.56 7.08 11.27
CA ASP F 61 -15.58 6.58 12.68
C ASP F 61 -15.56 5.04 12.70
N ALA F 62 -16.22 4.38 11.74
CA ALA F 62 -16.30 2.91 11.59
C ALA F 62 -15.13 2.37 10.74
N LYS F 63 -14.02 3.12 10.70
CA LYS F 63 -12.84 2.77 9.90
C LYS F 63 -11.59 2.98 10.74
N ASN F 64 -11.49 4.10 11.45
CA ASN F 64 -10.26 4.56 12.16
C ASN F 64 -10.38 4.22 13.65
N GLY F 65 -11.36 3.42 14.01
CA GLY F 65 -11.54 2.85 15.36
C GLY F 65 -11.59 3.89 16.44
N GLN F 66 -10.59 3.96 17.31
CA GLN F 66 -10.57 4.87 18.49
C GLN F 66 -10.18 6.29 18.05
N THR F 67 -9.70 6.47 16.82
CA THR F 67 -9.20 7.78 16.33
C THR F 67 -10.32 8.81 16.48
N MET F 68 -9.99 9.95 17.13
CA MET F 68 -10.77 11.19 17.03
C MET F 68 -10.55 11.78 15.63
N ASN F 69 -11.50 11.57 14.76
CA ASN F 69 -11.42 11.94 13.34
C ASN F 69 -11.60 13.44 13.14
N GLU F 70 -12.24 14.12 14.10
CA GLU F 70 -12.61 15.54 14.02
C GLU F 70 -11.60 16.41 14.79
N LYS F 71 -11.11 17.46 14.13
CA LYS F 71 -10.42 18.60 14.73
C LYS F 71 -11.20 19.86 14.41
N GLN F 72 -11.05 20.88 15.25
CA GLN F 72 -11.61 22.22 15.00
C GLN F 72 -10.46 23.13 14.61
N LEU F 73 -10.54 23.65 13.39
CA LEU F 73 -9.45 24.42 12.74
C LEU F 73 -10.01 25.73 12.20
N PHE F 74 -9.12 26.55 11.68
CA PHE F 74 -9.45 27.92 11.25
C PHE F 74 -9.25 27.97 9.74
N HIS F 75 -10.11 28.74 9.10
CA HIS F 75 -10.07 29.03 7.66
C HIS F 75 -10.43 30.49 7.41
N GLY F 76 -9.42 31.29 7.03
CA GLY F 76 -9.62 32.70 6.66
C GLY F 76 -10.07 32.82 5.21
N THR F 77 -11.00 33.70 4.93
CA THR F 77 -11.48 33.93 3.54
C THR F 77 -11.87 35.39 3.36
N ASP F 78 -12.03 35.79 2.10
CA ASP F 78 -12.53 37.11 1.70
C ASP F 78 -14.04 37.13 1.95
N ALA F 79 -14.59 38.31 2.24
CA ALA F 79 -16.04 38.53 2.45
C ALA F 79 -16.83 37.89 1.30
N GLY F 80 -16.33 37.99 0.06
CA GLY F 80 -17.02 37.51 -1.16
C GLY F 80 -17.26 36.01 -1.18
N SER F 81 -16.50 35.24 -0.40
CA SER F 81 -16.56 33.75 -0.41
C SER F 81 -17.52 33.26 0.69
N VAL F 82 -17.87 34.10 1.66
CA VAL F 82 -18.71 33.74 2.84
C VAL F 82 -20.06 33.16 2.37
N PRO F 83 -20.83 33.84 1.51
CA PRO F 83 -22.07 33.27 1.01
C PRO F 83 -21.87 31.91 0.31
N HIS F 84 -20.85 31.77 -0.54
CA HIS F 84 -20.58 30.50 -1.28
C HIS F 84 -20.27 29.40 -0.27
N VAL F 85 -19.52 29.71 0.79
CA VAL F 85 -19.07 28.75 1.83
C VAL F 85 -20.26 28.35 2.72
N ASN F 86 -21.02 29.32 3.23
CA ASN F 86 -22.20 29.07 4.10
C ASN F 86 -23.22 28.21 3.33
N ARG F 87 -23.20 28.27 2.00
CA ARG F 87 -24.18 27.61 1.10
C ARG F 87 -23.61 26.23 0.65
N ASN F 88 -22.38 26.14 0.12
CA ASN F 88 -21.88 24.89 -0.51
C ASN F 88 -20.60 24.35 0.15
N GLY F 89 -20.23 24.92 1.29
CA GLY F 89 -19.06 24.48 2.07
C GLY F 89 -17.79 24.73 1.30
N PHE F 90 -16.76 23.94 1.57
CA PHE F 90 -15.45 24.05 0.91
C PHE F 90 -15.47 23.04 -0.22
N ASN F 91 -16.19 23.41 -1.27
CA ASN F 91 -16.35 22.56 -2.49
C ASN F 91 -15.10 22.68 -3.35
N ARG F 92 -15.09 22.01 -4.51
CA ARG F 92 -13.90 21.87 -5.40
C ARG F 92 -13.59 23.22 -6.04
N SER F 93 -14.59 24.03 -6.42
CA SER F 93 -14.30 25.34 -7.05
C SER F 93 -13.54 26.20 -6.03
N TYR F 94 -13.92 26.14 -4.76
CA TYR F 94 -13.26 26.92 -3.70
C TYR F 94 -11.81 26.44 -3.51
N ALA F 95 -11.56 25.13 -3.47
CA ALA F 95 -10.21 24.54 -3.26
C ALA F 95 -9.25 25.00 -4.39
N GLY F 96 -9.77 25.11 -5.63
CA GLY F 96 -9.00 25.58 -6.79
C GLY F 96 -8.30 26.90 -6.51
N LYS F 97 -8.91 27.73 -5.65
CA LYS F 97 -8.37 29.07 -5.28
C LYS F 97 -7.43 28.97 -4.08
N ASN F 98 -7.36 27.83 -3.40
CA ASN F 98 -6.43 27.59 -2.27
C ASN F 98 -5.03 27.31 -2.79
N ALA F 99 -4.03 27.30 -1.90
CA ALA F 99 -2.60 27.03 -2.16
C ALA F 99 -2.40 25.59 -2.62
N VAL F 100 -1.19 25.25 -3.03
CA VAL F 100 -0.84 23.93 -3.62
C VAL F 100 0.32 23.27 -2.85
N ALA F 101 1.09 24.03 -2.08
CA ALA F 101 2.40 23.59 -1.56
C ALA F 101 2.33 22.22 -0.89
N TYR F 102 1.20 21.87 -0.26
CA TYR F 102 1.02 20.59 0.47
C TYR F 102 -0.08 19.75 -0.22
N GLY F 103 -0.54 20.15 -1.42
CA GLY F 103 -1.57 19.41 -2.17
C GLY F 103 -2.74 20.28 -2.62
N LYS F 104 -3.59 19.76 -3.52
CA LYS F 104 -4.71 20.53 -4.10
C LYS F 104 -5.99 20.21 -3.33
N GLY F 105 -6.28 20.98 -2.29
CA GLY F 105 -7.54 20.87 -1.53
C GLY F 105 -7.80 22.12 -0.75
N THR F 106 -8.61 22.03 0.31
CA THR F 106 -8.93 23.20 1.13
C THR F 106 -8.00 23.19 2.34
N TYR F 107 -7.42 24.35 2.70
CA TYR F 107 -6.34 24.46 3.71
C TYR F 107 -6.96 24.89 5.03
N PHE F 108 -6.55 24.24 6.12
CA PHE F 108 -7.07 24.59 7.46
C PHE F 108 -5.92 24.67 8.46
N ALA F 109 -5.95 25.71 9.29
CA ALA F 109 -4.87 26.12 10.20
C ALA F 109 -5.20 25.72 11.63
N VAL F 110 -4.21 25.17 12.34
CA VAL F 110 -4.35 24.85 13.79
C VAL F 110 -4.54 26.16 14.55
N ASN F 111 -3.78 27.19 14.20
CA ASN F 111 -3.77 28.50 14.87
C ASN F 111 -4.55 29.55 14.09
N ALA F 112 -5.44 30.27 14.77
CA ALA F 112 -6.18 31.43 14.23
C ALA F 112 -5.20 32.44 13.60
N ASN F 113 -4.03 32.68 14.20
CA ASN F 113 -3.03 33.71 13.76
C ASN F 113 -2.62 33.43 12.31
N TYR F 114 -2.48 32.17 11.91
CA TYR F 114 -2.16 31.77 10.51
C TYR F 114 -3.29 32.26 9.58
N SER F 115 -4.54 31.90 9.86
CA SER F 115 -5.74 32.21 9.04
C SER F 115 -6.03 33.72 9.06
N ALA F 116 -5.58 34.43 10.08
CA ALA F 116 -5.81 35.89 10.26
C ALA F 116 -4.89 36.69 9.33
N ASN F 117 -3.89 36.08 8.69
CA ASN F 117 -3.00 36.83 7.76
C ASN F 117 -3.90 37.47 6.69
N ASP F 118 -3.59 38.69 6.26
CA ASP F 118 -4.40 39.47 5.28
C ASP F 118 -4.48 38.70 3.96
N THR F 119 -3.50 37.83 3.67
CA THR F 119 -3.45 37.02 2.42
C THR F 119 -4.71 36.14 2.32
N TYR F 120 -5.25 35.68 3.46
CA TYR F 120 -6.35 34.69 3.59
C TYR F 120 -7.62 35.43 4.02
N SER F 121 -7.64 36.02 5.22
CA SER F 121 -8.82 36.76 5.75
C SER F 121 -8.71 38.21 5.29
N ARG F 122 -8.81 38.44 3.98
CA ARG F 122 -8.58 39.76 3.33
C ARG F 122 -9.53 40.81 3.90
N PRO F 123 -9.04 41.94 4.45
CA PRO F 123 -9.95 42.97 5.00
C PRO F 123 -10.87 43.53 3.91
N ASP F 124 -12.17 43.61 4.19
CA ASP F 124 -13.21 44.11 3.24
C ASP F 124 -13.19 45.65 3.21
N ALA F 125 -14.17 46.27 2.54
CA ALA F 125 -14.32 47.74 2.41
C ALA F 125 -14.27 48.44 3.79
N ASN F 126 -14.87 47.85 4.82
CA ASN F 126 -14.99 48.40 6.21
C ASN F 126 -13.82 47.94 7.11
N GLY F 127 -12.80 47.24 6.59
CA GLY F 127 -11.66 46.73 7.39
C GLY F 127 -12.02 45.52 8.25
N ARG F 128 -13.14 44.85 7.97
CA ARG F 128 -13.59 43.62 8.68
C ARG F 128 -12.93 42.38 8.03
N LYS F 129 -12.39 41.49 8.85
CA LYS F 129 -11.75 40.20 8.48
C LYS F 129 -12.68 39.05 8.90
N HIS F 130 -12.67 37.95 8.14
CA HIS F 130 -13.56 36.78 8.33
C HIS F 130 -12.75 35.50 8.50
N VAL F 131 -12.84 34.88 9.67
CA VAL F 131 -12.20 33.54 9.88
C VAL F 131 -13.25 32.60 10.43
N TYR F 132 -13.42 31.46 9.74
CA TYR F 132 -14.28 30.35 10.19
C TYR F 132 -13.54 29.48 11.22
N TYR F 133 -14.28 29.03 12.24
CA TYR F 133 -13.93 27.90 13.13
C TYR F 133 -14.67 26.68 12.56
N VAL F 134 -13.92 25.75 11.99
CA VAL F 134 -14.42 24.69 11.08
C VAL F 134 -14.27 23.34 11.80
N ARG F 135 -15.29 22.49 11.68
CA ARG F 135 -15.13 21.06 12.03
C ARG F 135 -14.55 20.34 10.80
N VAL F 136 -13.38 19.74 10.97
CA VAL F 136 -12.66 19.06 9.85
C VAL F 136 -12.40 17.60 10.25
N LEU F 137 -12.71 16.69 9.32
CA LEU F 137 -12.42 15.24 9.44
C LEU F 137 -10.99 14.93 8.97
N THR F 138 -10.01 15.26 9.79
CA THR F 138 -8.56 15.04 9.56
C THR F 138 -8.24 13.54 9.55
N GLY F 139 -8.96 12.77 10.35
CA GLY F 139 -8.82 11.31 10.41
C GLY F 139 -7.39 10.90 10.70
N ILE F 140 -6.89 9.94 9.91
CA ILE F 140 -5.44 9.53 9.93
C ILE F 140 -4.72 10.36 8.89
N TYR F 141 -3.70 11.11 9.28
CA TYR F 141 -3.00 12.06 8.35
C TYR F 141 -1.53 11.71 8.19
N THR F 142 -0.93 12.15 7.09
CA THR F 142 0.52 12.01 6.77
C THR F 142 1.06 13.34 6.22
N HIS F 143 2.31 13.37 5.79
CA HIS F 143 2.98 14.56 5.22
C HIS F 143 2.47 14.80 3.79
N GLY F 144 2.07 16.02 3.47
CA GLY F 144 1.63 16.44 2.12
C GLY F 144 2.76 16.92 1.26
N ASN F 145 2.54 17.09 -0.05
CA ASN F 145 3.51 17.65 -1.05
C ASN F 145 2.74 18.24 -2.24
N HIS F 146 3.44 18.98 -3.13
CA HIS F 146 2.81 19.80 -4.21
C HIS F 146 2.02 18.90 -5.17
N SER F 147 2.38 17.63 -5.35
CA SER F 147 1.85 16.78 -6.45
C SER F 147 0.50 16.13 -6.13
N LEU F 148 -0.02 16.24 -4.91
CA LEU F 148 -1.23 15.50 -4.43
C LEU F 148 -2.52 16.17 -4.92
N ILE F 149 -3.44 15.36 -5.46
CA ILE F 149 -4.87 15.76 -5.67
C ILE F 149 -5.78 14.94 -4.74
N VAL F 150 -5.21 13.93 -4.08
CA VAL F 150 -5.85 13.11 -3.00
C VAL F 150 -4.73 12.64 -2.08
N PRO F 151 -5.04 12.21 -0.85
CA PRO F 151 -3.98 11.81 0.09
C PRO F 151 -3.24 10.61 -0.47
N PRO F 152 -1.96 10.41 -0.09
CA PRO F 152 -1.22 9.21 -0.46
C PRO F 152 -1.92 7.95 0.05
N SER F 153 -1.59 6.80 -0.54
CA SER F 153 -1.95 5.47 0.01
C SER F 153 -1.05 5.20 1.21
N LYS F 154 -1.58 4.50 2.21
CA LYS F 154 -0.81 4.08 3.42
C LYS F 154 0.23 3.04 3.02
N ASN F 155 -0.19 2.21 2.07
CA ASN F 155 0.30 0.84 1.80
C ASN F 155 0.61 0.77 0.31
N PRO F 156 1.88 0.76 -0.13
CA PRO F 156 2.19 0.52 -1.54
C PRO F 156 1.41 -0.71 -2.03
N GLN F 157 1.29 -1.73 -1.14
CA GLN F 157 0.53 -2.99 -1.37
C GLN F 157 -0.96 -2.74 -1.66
N ASN F 158 -1.55 -1.68 -1.09
CA ASN F 158 -2.99 -1.39 -1.24
C ASN F 158 -3.20 0.08 -1.60
N PRO F 159 -3.10 0.45 -2.90
CA PRO F 159 -3.07 1.86 -3.31
C PRO F 159 -4.43 2.58 -3.37
N THR F 160 -5.49 1.98 -2.80
CA THR F 160 -6.84 2.61 -2.65
C THR F 160 -7.16 2.84 -1.16
N ASP F 161 -6.27 2.43 -0.25
CA ASP F 161 -6.37 2.67 1.22
C ASP F 161 -5.60 3.97 1.55
N LEU F 162 -6.31 5.11 1.56
CA LEU F 162 -5.68 6.47 1.61
C LEU F 162 -5.74 7.01 3.04
N TYR F 163 -4.78 7.86 3.39
CA TYR F 163 -4.89 8.78 4.54
C TYR F 163 -6.11 9.68 4.32
N ASP F 164 -6.65 10.24 5.40
CA ASP F 164 -7.89 11.06 5.34
C ASP F 164 -7.54 12.50 4.93
N THR F 165 -6.39 12.98 5.40
CA THR F 165 -5.85 14.32 5.11
C THR F 165 -4.32 14.29 5.16
N VAL F 166 -3.72 15.42 4.80
CA VAL F 166 -2.25 15.65 4.93
C VAL F 166 -2.02 16.92 5.74
N THR F 167 -0.77 17.09 6.15
CA THR F 167 -0.28 18.17 7.01
C THR F 167 1.12 18.58 6.57
N ASP F 168 1.61 19.71 7.08
CA ASP F 168 2.96 20.24 6.80
C ASP F 168 3.96 19.47 7.66
N ASN F 169 3.51 18.92 8.80
CA ASN F 169 4.40 18.33 9.84
C ASN F 169 3.58 17.37 10.72
N VAL F 170 3.78 16.07 10.56
CA VAL F 170 2.92 15.06 11.23
C VAL F 170 3.05 15.20 12.77
N HIS F 171 4.23 15.41 13.32
CA HIS F 171 4.42 15.52 14.80
C HIS F 171 4.15 16.93 15.34
N HIS F 172 4.30 17.99 14.54
CA HIS F 172 3.98 19.39 14.94
C HIS F 172 3.15 20.08 13.87
N PRO F 173 1.89 19.65 13.65
CA PRO F 173 1.05 20.19 12.59
C PRO F 173 0.76 21.67 12.79
N SER F 174 0.75 22.46 11.71
CA SER F 174 0.32 23.89 11.72
C SER F 174 -0.89 24.05 10.78
N LEU F 175 -1.10 23.10 9.86
CA LEU F 175 -2.26 23.06 8.94
C LEU F 175 -2.56 21.63 8.49
N PHE F 176 -3.75 21.45 7.95
CA PHE F 176 -4.28 20.18 7.40
C PHE F 176 -4.93 20.53 6.06
N VAL F 177 -4.78 19.64 5.08
CA VAL F 177 -5.45 19.79 3.75
C VAL F 177 -6.50 18.70 3.58
N ALA F 178 -7.74 19.09 3.31
CA ALA F 178 -8.83 18.19 2.98
C ALA F 178 -9.07 18.27 1.47
N PHE F 179 -9.40 17.14 0.87
CA PHE F 179 -9.48 16.95 -0.60
C PHE F 179 -10.93 16.71 -1.04
N TYR F 180 -11.87 16.64 -0.11
CA TYR F 180 -13.28 16.27 -0.38
C TYR F 180 -14.18 17.24 0.43
N ASP F 181 -15.34 17.57 -0.13
CA ASP F 181 -16.15 18.78 0.21
C ASP F 181 -16.80 18.57 1.58
N TYR F 182 -17.24 17.36 1.80
CA TYR F 182 -18.05 16.91 2.95
C TYR F 182 -17.11 16.60 4.11
N GLN F 183 -15.80 16.94 4.01
CA GLN F 183 -14.82 16.64 5.07
C GLN F 183 -14.68 17.82 6.03
N ALA F 184 -15.27 18.99 5.70
CA ALA F 184 -15.20 20.24 6.46
C ALA F 184 -16.59 20.86 6.61
N TYR F 185 -16.99 21.16 7.84
CA TYR F 185 -18.25 21.89 8.15
C TYR F 185 -17.90 23.23 8.78
N PRO F 186 -18.33 24.35 8.16
CA PRO F 186 -18.02 25.67 8.67
C PRO F 186 -18.98 26.05 9.80
N GLU F 187 -18.71 25.57 11.02
CA GLU F 187 -19.70 25.73 12.10
C GLU F 187 -19.84 27.22 12.44
N TYR F 188 -18.73 27.96 12.47
CA TYR F 188 -18.68 29.30 13.12
C TYR F 188 -17.94 30.29 12.22
N LEU F 189 -18.50 31.48 12.02
CA LEU F 189 -17.80 32.59 11.33
C LEU F 189 -17.43 33.67 12.36
N ILE F 190 -16.13 33.90 12.56
CA ILE F 190 -15.62 35.01 13.41
C ILE F 190 -15.39 36.21 12.51
N THR F 191 -16.06 37.31 12.82
CA THR F 191 -15.88 38.63 12.17
C THR F 191 -15.12 39.53 13.14
N PHE F 192 -14.00 40.11 12.72
CA PHE F 192 -13.05 40.82 13.61
C PHE F 192 -12.26 41.85 12.81
N ARG F 193 -11.39 42.61 13.47
CA ARG F 193 -10.57 43.70 12.87
C ARG F 193 -9.31 43.92 13.71
N LYS F 194 -8.35 44.70 13.21
CA LYS F 194 -7.02 44.87 13.88
C LYS F 194 -7.14 45.87 15.04
N ASN G 9 -1.23 -9.07 -32.29
CA ASN G 9 -0.19 -8.67 -31.31
C ASN G 9 -0.51 -7.29 -30.72
N PHE G 10 -0.23 -7.09 -29.43
CA PHE G 10 -0.54 -5.83 -28.71
C PHE G 10 0.33 -5.69 -27.47
N CYS G 11 0.49 -4.47 -26.95
CA CYS G 11 0.99 -4.21 -25.57
C CYS G 11 0.05 -3.24 -24.84
N VAL G 12 0.30 -3.03 -23.54
CA VAL G 12 -0.58 -2.31 -22.58
C VAL G 12 0.27 -1.47 -21.62
N VAL G 13 0.24 -0.15 -21.70
CA VAL G 13 1.05 0.78 -20.86
C VAL G 13 0.16 1.34 -19.74
N GLU G 14 0.49 1.07 -18.48
CA GLU G 14 -0.16 1.79 -17.34
C GLU G 14 0.27 3.26 -17.38
N LEU G 15 -0.68 4.17 -17.27
CA LEU G 15 -0.45 5.65 -17.21
C LEU G 15 -0.32 6.08 -15.74
N LEU G 16 0.58 7.00 -15.44
CA LEU G 16 0.77 7.55 -14.07
C LEU G 16 -0.22 8.69 -13.83
N PRO G 17 -0.75 8.83 -12.59
CA PRO G 17 -1.62 9.97 -12.27
C PRO G 17 -1.07 11.36 -12.60
N SER G 18 0.21 11.48 -12.96
CA SER G 18 0.89 12.76 -13.31
C SER G 18 0.85 13.04 -14.82
N ASP G 19 0.42 12.09 -15.67
CA ASP G 19 0.38 12.25 -17.15
C ASP G 19 -0.89 13.02 -17.55
N PRO G 20 -0.83 14.01 -18.46
CA PRO G 20 -2.06 14.66 -18.94
C PRO G 20 -3.09 13.66 -19.48
N GLU G 21 -2.66 12.56 -20.10
CA GLU G 21 -3.62 11.55 -20.64
C GLU G 21 -4.49 10.97 -19.52
N TYR G 22 -3.88 10.50 -18.42
CA TYR G 22 -4.59 9.95 -17.22
C TYR G 22 -5.70 10.94 -16.81
N ASN G 23 -5.33 12.19 -16.68
CA ASN G 23 -6.18 13.25 -16.09
C ASN G 23 -7.35 13.48 -17.04
N THR G 24 -7.10 13.52 -18.35
CA THR G 24 -8.12 13.68 -19.41
C THR G 24 -9.19 12.59 -19.25
N VAL G 25 -8.76 11.33 -19.17
CA VAL G 25 -9.63 10.11 -19.09
C VAL G 25 -10.36 10.09 -17.74
N ALA G 26 -9.63 10.11 -16.62
CA ALA G 26 -10.17 10.27 -15.25
C ALA G 26 -11.24 11.38 -15.25
N SER G 27 -10.91 12.56 -15.74
CA SER G 27 -11.86 13.69 -15.77
C SER G 27 -13.17 13.25 -16.43
N LYS G 28 -13.10 12.59 -17.58
CA LYS G 28 -14.33 12.22 -18.33
C LYS G 28 -15.11 11.15 -17.55
N PHE G 29 -14.42 10.10 -17.07
CA PHE G 29 -14.97 9.05 -16.18
C PHE G 29 -15.69 9.70 -15.01
N ASN G 30 -14.98 10.60 -14.33
CA ASN G 30 -15.38 11.23 -13.05
C ASN G 30 -16.59 12.14 -13.25
N GLN G 31 -16.97 12.45 -14.50
CA GLN G 31 -18.17 13.29 -14.73
C GLN G 31 -19.43 12.59 -14.21
N THR G 32 -19.45 11.26 -14.16
CA THR G 32 -20.62 10.48 -13.66
C THR G 32 -20.19 9.32 -12.77
N CYS G 33 -18.91 9.17 -12.41
CA CYS G 33 -18.40 8.02 -11.59
C CYS G 33 -17.36 8.44 -10.54
N SER G 34 -17.45 9.69 -10.03
CA SER G 34 -16.51 10.25 -9.02
C SER G 34 -16.54 9.40 -7.74
N HIS G 35 -17.71 8.90 -7.35
CA HIS G 35 -17.99 8.07 -6.14
C HIS G 35 -17.29 6.70 -6.20
N PHE G 36 -16.73 6.32 -7.35
CA PHE G 36 -15.93 5.08 -7.50
C PHE G 36 -14.45 5.46 -7.32
N ARG G 37 -13.61 4.44 -7.14
CA ARG G 37 -12.14 4.57 -6.92
C ARG G 37 -11.36 3.98 -8.10
N ILE G 38 -10.71 4.85 -8.88
CA ILE G 38 -9.81 4.43 -10.00
C ILE G 38 -8.55 3.80 -9.39
N GLU G 39 -8.18 2.58 -9.79
CA GLU G 39 -6.91 1.90 -9.36
C GLU G 39 -5.82 2.09 -10.42
N LYS G 40 -6.15 1.97 -11.70
CA LYS G 40 -5.22 2.27 -12.82
C LYS G 40 -5.99 2.58 -14.09
N ILE G 41 -5.33 3.29 -15.01
CA ILE G 41 -5.76 3.49 -16.42
C ILE G 41 -4.62 2.98 -17.30
N GLU G 42 -4.92 2.05 -18.21
CA GLU G 42 -3.96 1.46 -19.18
C GLU G 42 -4.29 1.99 -20.58
N ARG G 43 -3.27 2.32 -21.38
CA ARG G 43 -3.42 2.54 -22.84
C ARG G 43 -3.17 1.22 -23.54
N ILE G 44 -4.08 0.83 -24.43
CA ILE G 44 -3.97 -0.41 -25.26
C ILE G 44 -3.33 -0.01 -26.58
N GLN G 45 -2.25 -0.69 -26.97
CA GLN G 45 -1.54 -0.41 -28.23
C GLN G 45 -1.54 -1.69 -29.04
N ASN G 46 -2.47 -1.77 -29.98
CA ASN G 46 -2.66 -2.91 -30.92
C ASN G 46 -2.56 -2.35 -32.33
N PRO G 47 -1.35 -2.32 -32.94
CA PRO G 47 -1.17 -1.75 -34.28
C PRO G 47 -2.17 -2.18 -35.37
N ASP G 48 -2.50 -3.48 -35.52
CA ASP G 48 -3.37 -3.99 -36.63
C ASP G 48 -4.78 -3.42 -36.47
N LEU G 49 -5.27 -3.48 -35.24
CA LEU G 49 -6.60 -2.93 -34.86
C LEU G 49 -6.63 -1.41 -35.12
N TRP G 50 -5.60 -0.69 -34.67
CA TRP G 50 -5.40 0.77 -34.89
C TRP G 50 -5.29 1.10 -36.39
N ASN G 51 -4.62 0.27 -37.18
CA ASN G 51 -4.43 0.53 -38.62
C ASN G 51 -5.78 0.39 -39.31
N SER G 52 -6.54 -0.66 -38.97
CA SER G 52 -7.89 -0.94 -39.49
C SER G 52 -8.83 0.23 -39.15
N TYR G 53 -8.76 0.71 -37.91
CA TYR G 53 -9.60 1.82 -37.43
C TYR G 53 -9.31 3.09 -38.23
N GLN G 54 -8.02 3.44 -38.40
CA GLN G 54 -7.62 4.73 -39.04
C GLN G 54 -7.98 4.65 -40.54
N ALA G 55 -7.95 3.46 -41.13
CA ALA G 55 -8.33 3.20 -42.53
C ALA G 55 -9.82 3.51 -42.71
N LYS G 56 -10.64 3.03 -41.78
CA LYS G 56 -12.12 3.26 -41.74
C LYS G 56 -12.39 4.74 -41.52
N LYS G 57 -11.61 5.41 -40.67
CA LYS G 57 -11.80 6.86 -40.37
C LYS G 57 -11.53 7.68 -41.63
N LYS G 58 -10.54 7.28 -42.46
CA LYS G 58 -10.14 8.04 -43.68
C LYS G 58 -11.31 8.00 -44.67
N THR G 59 -11.86 6.82 -44.96
CA THR G 59 -12.97 6.66 -45.94
C THR G 59 -14.23 7.34 -45.37
N MET G 60 -14.52 7.20 -44.07
CA MET G 60 -15.71 7.85 -43.44
C MET G 60 -15.57 9.37 -43.49
N ASP G 61 -14.37 9.93 -43.28
CA ASP G 61 -14.12 11.39 -43.34
C ASP G 61 -14.39 11.93 -44.77
N ALA G 62 -14.04 11.16 -45.80
CA ALA G 62 -14.19 11.48 -47.24
C ALA G 62 -15.57 11.02 -47.77
N LYS G 63 -16.56 10.91 -46.89
CA LYS G 63 -17.90 10.42 -47.22
C LYS G 63 -18.96 11.30 -46.54
N ASN G 64 -18.75 11.63 -45.27
CA ASN G 64 -19.75 12.31 -44.40
C ASN G 64 -19.44 13.80 -44.32
N GLY G 65 -18.55 14.29 -45.18
CA GLY G 65 -18.27 15.73 -45.36
C GLY G 65 -17.82 16.39 -44.08
N GLN G 66 -18.64 17.31 -43.57
CA GLN G 66 -18.35 18.16 -42.39
C GLN G 66 -18.57 17.36 -41.10
N THR G 67 -19.19 16.20 -41.16
CA THR G 67 -19.50 15.37 -39.96
C THR G 67 -18.20 15.07 -39.17
N MET G 68 -18.24 15.36 -37.88
CA MET G 68 -17.30 14.79 -36.88
C MET G 68 -17.65 13.31 -36.67
N ASN G 69 -16.90 12.42 -37.30
CA ASN G 69 -17.20 10.96 -37.31
C ASN G 69 -16.86 10.30 -35.98
N GLU G 70 -15.93 10.87 -35.19
CA GLU G 70 -15.34 10.17 -34.02
C GLU G 70 -15.91 10.73 -32.72
N LYS G 71 -16.40 9.85 -31.83
CA LYS G 71 -16.74 10.16 -30.42
C LYS G 71 -15.90 9.27 -29.50
N GLN G 72 -15.70 9.69 -28.26
CA GLN G 72 -15.05 8.87 -27.22
C GLN G 72 -16.11 8.42 -26.23
N LEU G 73 -16.31 7.11 -26.15
CA LEU G 73 -17.42 6.45 -25.42
C LEU G 73 -16.88 5.38 -24.48
N PHE G 74 -17.76 4.81 -23.69
CA PHE G 74 -17.40 3.89 -22.59
C PHE G 74 -17.99 2.53 -22.95
N HIS G 75 -17.24 1.50 -22.61
CA HIS G 75 -17.64 0.09 -22.77
C HIS G 75 -17.20 -0.71 -21.56
N GLY G 76 -18.15 -1.14 -20.74
CA GLY G 76 -17.89 -2.01 -19.57
C GLY G 76 -17.83 -3.46 -20.02
N THR G 77 -16.89 -4.24 -19.47
CA THR G 77 -16.82 -5.69 -19.78
C THR G 77 -16.33 -6.47 -18.55
N ASP G 78 -16.50 -7.78 -18.62
CA ASP G 78 -15.99 -8.75 -17.62
C ASP G 78 -14.48 -8.87 -17.84
N ALA G 79 -13.73 -9.15 -16.77
CA ALA G 79 -12.26 -9.37 -16.81
C ALA G 79 -11.93 -10.41 -17.90
N GLY G 80 -12.77 -11.44 -18.09
CA GLY G 80 -12.54 -12.53 -19.06
C GLY G 80 -12.48 -12.06 -20.51
N SER G 81 -13.06 -10.91 -20.83
CA SER G 81 -13.18 -10.41 -22.23
C SER G 81 -12.03 -9.45 -22.55
N VAL G 82 -11.30 -8.96 -21.53
CA VAL G 82 -10.22 -7.94 -21.70
C VAL G 82 -9.15 -8.46 -22.67
N PRO G 83 -8.57 -9.67 -22.45
CA PRO G 83 -7.61 -10.22 -23.40
C PRO G 83 -8.15 -10.33 -24.84
N HIS G 84 -9.39 -10.82 -25.02
CA HIS G 84 -10.00 -10.98 -26.35
C HIS G 84 -10.14 -9.61 -27.01
N VAL G 85 -10.52 -8.58 -26.23
CA VAL G 85 -10.76 -7.19 -26.74
C VAL G 85 -9.43 -6.53 -27.08
N ASN G 86 -8.44 -6.58 -26.18
CA ASN G 86 -7.11 -5.96 -26.40
C ASN G 86 -6.47 -6.60 -27.64
N ARG G 87 -6.84 -7.83 -27.98
CA ARG G 87 -6.26 -8.64 -29.08
C ARG G 87 -7.06 -8.45 -30.37
N ASN G 88 -8.40 -8.59 -30.37
CA ASN G 88 -9.20 -8.61 -31.63
C ASN G 88 -10.26 -7.52 -31.66
N GLY G 89 -10.22 -6.58 -30.71
CA GLY G 89 -11.17 -5.47 -30.61
C GLY G 89 -12.56 -5.99 -30.37
N PHE G 90 -13.56 -5.22 -30.80
CA PHE G 90 -14.97 -5.57 -30.58
C PHE G 90 -15.44 -6.27 -31.85
N ASN G 91 -14.96 -7.50 -32.04
CA ASN G 91 -15.23 -8.33 -33.23
C ASN G 91 -16.63 -8.92 -33.12
N ARG G 92 -17.04 -9.73 -34.10
CA ARG G 92 -18.42 -10.28 -34.23
C ARG G 92 -18.72 -11.26 -33.07
N SER G 93 -17.76 -12.09 -32.67
CA SER G 93 -18.00 -13.09 -31.59
C SER G 93 -18.29 -12.31 -30.30
N TYR G 94 -17.58 -11.20 -30.06
CA TYR G 94 -17.81 -10.36 -28.86
C TYR G 94 -19.21 -9.73 -28.90
N ALA G 95 -19.63 -9.18 -30.04
CA ALA G 95 -20.96 -8.53 -30.22
C ALA G 95 -22.09 -9.51 -29.93
N GLY G 96 -21.93 -10.79 -30.31
CA GLY G 96 -22.89 -11.87 -30.04
C GLY G 96 -23.26 -11.93 -28.56
N LYS G 97 -22.34 -11.55 -27.68
CA LYS G 97 -22.53 -11.56 -26.21
C LYS G 97 -23.14 -10.22 -25.73
N ASN G 98 -23.19 -9.19 -26.59
CA ASN G 98 -23.82 -7.89 -26.26
C ASN G 98 -25.34 -8.02 -26.39
N ALA G 99 -26.08 -6.99 -25.97
CA ALA G 99 -27.56 -6.88 -26.10
C ALA G 99 -27.96 -6.80 -27.57
N VAL G 100 -29.26 -6.88 -27.83
CA VAL G 100 -29.85 -6.86 -29.19
C VAL G 100 -30.89 -5.74 -29.30
N ALA G 101 -31.37 -5.19 -28.18
CA ALA G 101 -32.57 -4.33 -28.14
C ALA G 101 -32.50 -3.21 -29.20
N TYR G 102 -31.31 -2.70 -29.51
CA TYR G 102 -31.13 -1.62 -30.50
C TYR G 102 -30.34 -2.12 -31.72
N GLY G 103 -30.11 -3.43 -31.86
CA GLY G 103 -29.37 -4.02 -33.00
C GLY G 103 -28.24 -4.96 -32.56
N LYS G 104 -27.70 -5.73 -33.50
CA LYS G 104 -26.69 -6.75 -33.20
C LYS G 104 -25.30 -6.19 -33.49
N GLY G 105 -24.67 -5.61 -32.48
CA GLY G 105 -23.31 -5.07 -32.58
C GLY G 105 -22.75 -4.85 -31.19
N THR G 106 -21.71 -4.04 -31.10
CA THR G 106 -21.08 -3.71 -29.81
C THR G 106 -21.70 -2.40 -29.29
N TYR G 107 -22.03 -2.35 -28.00
CA TYR G 107 -22.77 -1.23 -27.36
C TYR G 107 -21.78 -0.29 -26.68
N PHE G 108 -21.96 1.01 -26.88
CA PHE G 108 -21.07 2.02 -26.28
C PHE G 108 -21.91 3.16 -25.68
N ALA G 109 -21.54 3.56 -24.47
CA ALA G 109 -22.27 4.51 -23.60
C ALA G 109 -21.63 5.90 -23.64
N VAL G 110 -22.44 6.94 -23.80
CA VAL G 110 -21.97 8.35 -23.70
C VAL G 110 -21.42 8.58 -22.28
N ASN G 111 -22.15 8.11 -21.26
CA ASN G 111 -21.75 8.30 -19.84
C ASN G 111 -21.12 7.05 -19.23
N ALA G 112 -19.99 7.22 -18.56
CA ALA G 112 -19.30 6.16 -17.79
C ALA G 112 -20.27 5.44 -16.85
N ASN G 113 -21.20 6.16 -16.19
N ASN G 113 -21.18 6.16 -16.18
CA ASN G 113 -22.10 5.59 -15.16
CA ASN G 113 -22.14 5.65 -15.16
C ASN G 113 -22.94 4.45 -15.75
C ASN G 113 -22.90 4.45 -15.76
N TYR G 114 -23.34 4.55 -17.02
CA TYR G 114 -24.08 3.48 -17.73
C TYR G 114 -23.20 2.21 -17.80
N SER G 115 -21.98 2.33 -18.32
CA SER G 115 -21.01 1.21 -18.52
C SER G 115 -20.55 0.63 -17.16
N ALA G 116 -20.59 1.43 -16.09
CA ALA G 116 -20.15 1.02 -14.74
C ALA G 116 -21.17 0.10 -14.06
N ASN G 117 -22.38 -0.05 -14.61
CA ASN G 117 -23.41 -0.98 -14.05
C ASN G 117 -22.77 -2.36 -13.97
N ASP G 118 -23.02 -3.11 -12.90
CA ASP G 118 -22.44 -4.47 -12.65
C ASP G 118 -22.82 -5.42 -13.80
N THR G 119 -23.94 -5.16 -14.49
CA THR G 119 -24.43 -5.98 -15.62
C THR G 119 -23.36 -6.03 -16.73
N TYR G 120 -22.58 -4.95 -16.91
CA TYR G 120 -21.61 -4.74 -18.02
C TYR G 120 -20.20 -4.88 -17.46
N SER G 121 -19.78 -4.02 -16.55
CA SER G 121 -18.42 -4.06 -15.94
C SER G 121 -18.49 -4.96 -14.71
N ARG G 122 -18.77 -6.25 -14.92
CA ARG G 122 -19.04 -7.27 -13.86
C ARG G 122 -17.84 -7.33 -12.92
N PRO G 123 -18.01 -7.10 -11.58
CA PRO G 123 -16.86 -7.17 -10.68
C PRO G 123 -16.27 -8.59 -10.70
N ASP G 124 -14.94 -8.68 -10.80
CA ASP G 124 -14.19 -9.97 -10.84
C ASP G 124 -14.11 -10.54 -9.42
N ALA G 125 -13.36 -11.62 -9.23
CA ALA G 125 -13.21 -12.32 -7.93
C ALA G 125 -12.74 -11.32 -6.84
N ASN G 126 -11.84 -10.37 -7.17
CA ASN G 126 -11.26 -9.36 -6.23
C ASN G 126 -12.06 -8.04 -6.21
N GLY G 127 -13.26 -7.97 -6.80
CA GLY G 127 -14.16 -6.80 -6.78
C GLY G 127 -13.71 -5.67 -7.72
N ARG G 128 -12.80 -5.96 -8.66
CA ARG G 128 -12.27 -4.99 -9.65
C ARG G 128 -13.20 -4.96 -10.89
N LYS G 129 -13.59 -3.76 -11.33
CA LYS G 129 -14.46 -3.50 -12.50
C LYS G 129 -13.61 -2.92 -13.64
N HIS G 130 -13.97 -3.23 -14.90
CA HIS G 130 -13.21 -2.82 -16.10
C HIS G 130 -14.08 -2.01 -17.06
N VAL G 131 -13.75 -0.75 -17.31
CA VAL G 131 -14.46 0.04 -18.36
C VAL G 131 -13.41 0.64 -19.30
N TYR G 132 -13.60 0.41 -20.60
CA TYR G 132 -12.79 1.00 -21.67
C TYR G 132 -13.32 2.42 -21.98
N TYR G 133 -12.39 3.34 -22.24
CA TYR G 133 -12.62 4.64 -22.96
C TYR G 133 -12.22 4.39 -24.41
N VAL G 134 -13.20 4.37 -25.30
CA VAL G 134 -13.10 3.83 -26.68
C VAL G 134 -13.24 4.98 -27.68
N ARG G 135 -12.42 4.98 -28.73
CA ARG G 135 -12.66 5.83 -29.91
C ARG G 135 -13.63 5.09 -30.84
N VAL G 136 -14.78 5.69 -31.11
CA VAL G 136 -15.84 5.06 -31.92
C VAL G 136 -16.19 5.98 -33.11
N LEU G 137 -16.25 5.40 -34.31
CA LEU G 137 -16.69 6.08 -35.54
C LEU G 137 -18.21 5.99 -35.70
N THR G 138 -18.92 6.82 -34.96
CA THR G 138 -20.40 6.92 -34.94
C THR G 138 -20.91 7.47 -36.28
N GLY G 139 -20.13 8.33 -36.93
CA GLY G 139 -20.46 8.87 -38.26
C GLY G 139 -21.85 9.48 -38.31
N ILE G 140 -22.64 9.11 -39.32
CA ILE G 140 -24.07 9.49 -39.46
C ILE G 140 -24.88 8.38 -38.80
N TYR G 141 -25.68 8.70 -37.78
CA TYR G 141 -26.41 7.67 -37.01
C TYR G 141 -27.92 7.90 -37.10
N THR G 142 -28.67 6.83 -36.91
CA THR G 142 -30.16 6.83 -36.86
C THR G 142 -30.62 6.03 -35.64
N HIS G 143 -31.93 5.91 -35.47
CA HIS G 143 -32.55 5.16 -34.36
C HIS G 143 -32.40 3.65 -34.64
N GLY G 144 -31.91 2.90 -33.66
CA GLY G 144 -31.77 1.43 -33.74
C GLY G 144 -33.04 0.72 -33.30
N ASN G 145 -33.15 -0.57 -33.63
CA ASN G 145 -34.24 -1.51 -33.21
C ASN G 145 -33.70 -2.95 -33.23
N HIS G 146 -34.47 -3.92 -32.72
CA HIS G 146 -34.01 -5.31 -32.45
C HIS G 146 -33.60 -5.99 -33.77
N SER G 147 -34.18 -5.62 -34.92
CA SER G 147 -34.08 -6.41 -36.17
C SER G 147 -32.79 -6.12 -36.98
N LEU G 148 -31.97 -5.17 -36.58
CA LEU G 148 -30.73 -4.75 -37.30
C LEU G 148 -29.57 -5.70 -37.02
N ILE G 149 -28.89 -6.21 -38.07
CA ILE G 149 -27.54 -6.84 -37.95
C ILE G 149 -26.49 -5.96 -38.65
N VAL G 150 -26.95 -4.94 -39.38
CA VAL G 150 -26.13 -3.86 -39.99
C VAL G 150 -26.96 -2.60 -39.94
N PRO G 151 -26.36 -1.40 -40.09
CA PRO G 151 -27.17 -0.18 -40.00
C PRO G 151 -28.14 -0.15 -41.15
N PRO G 152 -29.31 0.53 -41.01
CA PRO G 152 -30.23 0.61 -42.13
C PRO G 152 -29.57 1.36 -43.31
N SER G 153 -30.13 1.22 -44.52
CA SER G 153 -29.83 2.15 -45.64
C SER G 153 -30.59 3.44 -45.35
N LYS G 154 -30.05 4.58 -45.77
CA LYS G 154 -30.68 5.92 -45.62
C LYS G 154 -31.88 6.01 -46.55
N ASN G 155 -31.72 5.38 -47.71
CA ASN G 155 -32.46 5.61 -48.96
C ASN G 155 -32.97 4.24 -49.42
N PRO G 156 -34.27 3.91 -49.32
CA PRO G 156 -34.78 2.66 -49.90
C PRO G 156 -34.29 2.55 -51.36
N GLN G 157 -34.26 3.69 -52.05
CA GLN G 157 -33.79 3.86 -53.46
C GLN G 157 -32.33 3.46 -53.62
N ASN G 158 -31.47 3.67 -52.59
CA ASN G 158 -30.01 3.33 -52.58
C ASN G 158 -29.64 2.46 -51.38
N PRO G 159 -29.77 1.15 -51.52
CA PRO G 159 -29.61 0.29 -50.35
C PRO G 159 -28.15 -0.06 -49.98
N THR G 160 -27.20 0.72 -50.48
CA THR G 160 -25.79 0.56 -50.19
C THR G 160 -25.33 1.73 -49.32
N ASP G 161 -26.07 2.83 -49.40
CA ASP G 161 -25.77 4.08 -48.63
C ASP G 161 -26.27 3.91 -47.19
N LEU G 162 -25.42 3.43 -46.28
CA LEU G 162 -25.82 3.00 -44.89
C LEU G 162 -25.49 4.09 -43.89
N TYR G 163 -26.28 4.18 -42.82
CA TYR G 163 -25.87 4.84 -41.56
C TYR G 163 -24.63 4.14 -41.04
N ASP G 164 -23.80 4.85 -40.27
CA ASP G 164 -22.51 4.34 -39.76
C ASP G 164 -22.76 3.56 -38.48
N THR G 165 -23.69 4.05 -37.65
CA THR G 165 -24.10 3.44 -36.37
C THR G 165 -25.56 3.76 -36.08
N VAL G 166 -26.07 3.17 -35.00
CA VAL G 166 -27.43 3.47 -34.47
C VAL G 166 -27.30 3.86 -33.00
N THR G 167 -28.40 4.43 -32.49
CA THR G 167 -28.50 5.00 -31.12
C THR G 167 -29.90 4.77 -30.59
N ASP G 168 -30.08 4.98 -29.29
CA ASP G 168 -31.39 4.86 -28.60
C ASP G 168 -32.21 6.13 -28.90
N ASN G 169 -31.52 7.25 -29.18
CA ASN G 169 -32.15 8.59 -29.29
C ASN G 169 -31.24 9.51 -30.13
N VAL G 170 -31.63 9.79 -31.38
CA VAL G 170 -30.76 10.53 -32.33
C VAL G 170 -30.41 11.91 -31.76
N HIS G 171 -31.35 12.64 -31.16
CA HIS G 171 -31.12 14.04 -30.71
C HIS G 171 -30.53 14.04 -29.29
N HIS G 172 -30.76 13.01 -28.45
CA HIS G 172 -30.23 12.93 -27.05
C HIS G 172 -29.66 11.53 -26.80
N PRO G 173 -28.57 11.16 -27.52
CA PRO G 173 -28.01 9.81 -27.44
C PRO G 173 -27.51 9.47 -26.03
N SER G 174 -27.70 8.24 -25.58
CA SER G 174 -27.09 7.72 -24.33
C SER G 174 -26.15 6.55 -24.67
N LEU G 175 -26.32 5.95 -25.83
CA LEU G 175 -25.48 4.84 -26.35
C LEU G 175 -25.48 4.84 -27.88
N PHE G 176 -24.48 4.17 -28.42
CA PHE G 176 -24.28 3.97 -29.87
C PHE G 176 -23.94 2.50 -30.08
N VAL G 177 -24.44 1.91 -31.17
CA VAL G 177 -24.10 0.51 -31.55
C VAL G 177 -23.25 0.54 -32.81
N ALA G 178 -22.08 -0.09 -32.76
CA ALA G 178 -21.19 -0.32 -33.92
C ALA G 178 -21.35 -1.79 -34.34
N PHE G 179 -21.32 -2.03 -35.64
CA PHE G 179 -21.64 -3.36 -36.24
C PHE G 179 -20.39 -4.05 -36.79
N TYR G 180 -19.26 -3.34 -36.81
CA TYR G 180 -17.97 -3.85 -37.34
C TYR G 180 -16.88 -3.45 -36.35
N ASP G 181 -15.84 -4.28 -36.25
CA ASP G 181 -14.73 -4.21 -35.28
C ASP G 181 -13.90 -2.96 -35.48
N TYR G 182 -13.71 -2.60 -36.75
CA TYR G 182 -12.79 -1.54 -37.20
C TYR G 182 -13.44 -0.17 -36.96
N GLN G 183 -14.66 -0.15 -36.37
CA GLN G 183 -15.37 1.12 -36.10
C GLN G 183 -15.10 1.60 -34.67
N ALA G 184 -14.46 0.76 -33.84
CA ALA G 184 -14.16 1.04 -32.42
C ALA G 184 -12.71 0.68 -32.10
N TYR G 185 -11.97 1.62 -31.51
CA TYR G 185 -10.61 1.37 -30.99
C TYR G 185 -10.61 1.53 -29.47
N PRO G 186 -10.25 0.47 -28.71
CA PRO G 186 -10.24 0.52 -27.26
C PRO G 186 -8.97 1.19 -26.73
N GLU G 187 -8.87 2.50 -26.81
CA GLU G 187 -7.62 3.12 -26.43
C GLU G 187 -7.24 3.05 -24.96
N TYR G 188 -8.22 2.95 -24.07
CA TYR G 188 -7.94 3.04 -22.61
C TYR G 188 -8.77 2.02 -21.85
N LEU G 189 -8.16 1.28 -20.93
CA LEU G 189 -8.87 0.42 -19.95
C LEU G 189 -8.79 1.06 -18.56
N ILE G 190 -9.93 1.45 -18.01
CA ILE G 190 -10.06 2.00 -16.63
C ILE G 190 -10.38 0.81 -15.73
N THR G 191 -9.51 0.56 -14.75
CA THR G 191 -9.70 -0.47 -13.71
C THR G 191 -10.02 0.26 -12.40
N PHE G 192 -11.14 -0.08 -11.76
CA PHE G 192 -11.71 0.67 -10.63
C PHE G 192 -12.55 -0.24 -9.76
N ARG G 193 -13.08 0.28 -8.65
CA ARG G 193 -13.87 -0.50 -7.66
C ARG G 193 -14.83 0.45 -6.92
N LYS G 194 -15.77 -0.10 -6.16
CA LYS G 194 -16.87 0.67 -5.48
C LYS G 194 -16.33 1.38 -4.23
N ASN H 9 9.89 7.93 -16.37
CA ASN H 9 9.26 6.62 -16.68
C ASN H 9 8.84 6.54 -18.16
N PHE H 10 8.98 5.37 -18.77
CA PHE H 10 8.77 5.16 -20.22
C PHE H 10 8.53 3.67 -20.51
N CYS H 11 7.91 3.37 -21.66
N CYS H 11 7.95 3.32 -21.65
CA CYS H 11 7.83 2.01 -22.25
CA CYS H 11 7.96 1.93 -22.18
C CYS H 11 8.34 2.04 -23.71
C CYS H 11 8.57 1.99 -23.58
N VAL H 12 8.52 0.86 -24.30
CA VAL H 12 9.15 0.66 -25.65
C VAL H 12 8.43 -0.45 -26.41
N VAL H 13 7.70 -0.15 -27.48
CA VAL H 13 6.93 -1.15 -28.30
C VAL H 13 7.74 -1.50 -29.56
N GLU H 14 8.14 -2.77 -29.72
CA GLU H 14 8.69 -3.23 -31.03
C GLU H 14 7.56 -3.20 -32.06
N LEU H 15 7.82 -2.63 -33.23
CA LEU H 15 6.87 -2.59 -34.39
C LEU H 15 7.13 -3.80 -35.30
N LEU H 16 6.09 -4.42 -35.83
CA LEU H 16 6.19 -5.59 -36.74
C LEU H 16 6.41 -5.12 -38.17
N PRO H 17 7.23 -5.85 -38.97
CA PRO H 17 7.43 -5.51 -40.37
C PRO H 17 6.16 -5.34 -41.22
N SER H 18 4.99 -5.72 -40.68
CA SER H 18 3.67 -5.63 -41.37
C SER H 18 2.93 -4.31 -41.06
N ASP H 19 3.41 -3.49 -40.08
CA ASP H 19 2.71 -2.24 -39.66
C ASP H 19 3.10 -1.11 -40.61
N PRO H 20 2.17 -0.26 -41.09
CA PRO H 20 2.53 0.92 -41.87
C PRO H 20 3.57 1.80 -41.16
N GLU H 21 3.58 1.90 -39.84
CA GLU H 21 4.61 2.74 -39.15
C GLU H 21 6.03 2.22 -39.43
N TYR H 22 6.27 0.92 -39.25
CA TYR H 22 7.59 0.26 -39.54
C TYR H 22 8.05 0.68 -40.93
N ASN H 23 7.16 0.56 -41.90
CA ASN H 23 7.47 0.70 -43.34
C ASN H 23 7.81 2.17 -43.59
N THR H 24 7.07 3.10 -43.00
CA THR H 24 7.31 4.57 -43.08
C THR H 24 8.76 4.86 -42.65
N VAL H 25 9.16 4.36 -41.47
CA VAL H 25 10.49 4.60 -40.83
C VAL H 25 11.59 3.91 -41.66
N ALA H 26 11.48 2.60 -41.85
CA ALA H 26 12.35 1.79 -42.75
C ALA H 26 12.52 2.55 -44.08
N SER H 27 11.43 2.94 -44.73
CA SER H 27 11.50 3.67 -46.02
C SER H 27 12.44 4.86 -45.88
N LYS H 28 12.31 5.68 -44.83
CA LYS H 28 13.11 6.91 -44.69
C LYS H 28 14.58 6.53 -44.46
N PHE H 29 14.84 5.61 -43.52
CA PHE H 29 16.17 5.02 -43.25
C PHE H 29 16.80 4.54 -44.55
N ASN H 30 16.05 3.73 -45.30
CA ASN H 30 16.49 2.99 -46.50
C ASN H 30 16.80 3.97 -47.64
N GLN H 31 16.45 5.23 -47.53
CA GLN H 31 16.77 6.19 -48.61
C GLN H 31 18.28 6.36 -48.73
N THR H 32 19.05 6.11 -47.67
CA THR H 32 20.53 6.23 -47.69
C THR H 32 21.21 5.07 -46.95
N CYS H 33 20.48 4.06 -46.49
CA CYS H 33 21.03 2.92 -45.70
C CYS H 33 20.41 1.57 -46.09
N SER H 34 20.03 1.38 -47.36
CA SER H 34 19.33 0.14 -47.85
C SER H 34 20.25 -1.08 -47.68
N HIS H 35 21.54 -0.89 -47.93
CA HIS H 35 22.64 -1.90 -47.89
C HIS H 35 22.95 -2.32 -46.45
N PHE H 36 22.31 -1.74 -45.45
CA PHE H 36 22.35 -2.22 -44.04
C PHE H 36 21.14 -3.12 -43.81
N ARG H 37 21.14 -3.87 -42.70
CA ARG H 37 20.12 -4.89 -42.35
C ARG H 37 19.39 -4.45 -41.06
N ILE H 38 18.13 -4.06 -41.18
CA ILE H 38 17.26 -3.70 -40.01
C ILE H 38 16.93 -4.98 -39.24
N GLU H 39 17.18 -5.02 -37.93
CA GLU H 39 16.79 -6.16 -37.03
C GLU H 39 15.48 -5.86 -36.30
N LYS H 40 15.28 -4.64 -35.81
CA LYS H 40 13.98 -4.19 -35.23
C LYS H 40 13.88 -2.67 -35.26
N ILE H 41 12.64 -2.17 -35.22
CA ILE H 41 12.32 -0.74 -34.98
C ILE H 41 11.39 -0.68 -33.76
N GLU H 42 11.77 0.09 -32.74
CA GLU H 42 10.99 0.28 -31.49
C GLU H 42 10.41 1.70 -31.46
N ARG H 43 9.24 1.85 -30.85
CA ARG H 43 8.58 3.14 -30.65
C ARG H 43 8.73 3.47 -29.15
N ILE H 44 9.39 4.60 -28.85
CA ILE H 44 9.66 5.03 -27.44
C ILE H 44 8.45 5.83 -26.97
N GLN H 45 7.86 5.46 -25.83
CA GLN H 45 6.71 6.17 -25.26
C GLN H 45 7.11 6.62 -23.86
N ASN H 46 7.48 7.89 -23.76
CA ASN H 46 7.87 8.59 -22.52
C ASN H 46 6.91 9.77 -22.36
N PRO H 47 5.77 9.60 -21.66
CA PRO H 47 4.77 10.67 -21.54
C PRO H 47 5.29 12.05 -21.13
N ASP H 48 6.17 12.17 -20.13
CA ASP H 48 6.62 13.49 -19.58
C ASP H 48 7.43 14.21 -20.66
N LEU H 49 8.34 13.49 -21.30
CA LEU H 49 9.19 14.00 -22.40
C LEU H 49 8.28 14.43 -23.57
N TRP H 50 7.31 13.61 -23.96
CA TRP H 50 6.31 13.91 -25.02
C TRP H 50 5.45 15.12 -24.66
N ASN H 51 5.05 15.26 -23.39
CA ASN H 51 4.20 16.38 -22.95
C ASN H 51 5.00 17.67 -23.03
N SER H 52 6.26 17.63 -22.58
CA SER H 52 7.21 18.78 -22.64
C SER H 52 7.45 19.21 -24.07
N TYR H 53 7.65 18.23 -24.96
CA TYR H 53 7.89 18.49 -26.40
C TYR H 53 6.67 19.18 -27.01
N GLN H 54 5.45 18.67 -26.77
CA GLN H 54 4.21 19.19 -27.41
C GLN H 54 3.93 20.61 -26.87
N ALA H 55 4.31 20.88 -25.62
CA ALA H 55 4.18 22.21 -24.98
C ALA H 55 5.09 23.22 -25.70
N LYS H 56 6.32 22.82 -25.99
CA LYS H 56 7.32 23.63 -26.76
C LYS H 56 6.83 23.84 -28.19
N LYS H 57 6.23 22.82 -28.80
CA LYS H 57 5.69 22.90 -30.19
C LYS H 57 4.55 23.93 -30.24
N LYS H 58 3.72 24.02 -29.21
CA LYS H 58 2.54 24.92 -29.18
C LYS H 58 3.03 26.37 -29.18
N THR H 59 3.96 26.72 -28.30
CA THR H 59 4.50 28.09 -28.18
C THR H 59 5.32 28.42 -29.45
N MET H 60 6.11 27.48 -29.98
CA MET H 60 6.89 27.71 -31.23
C MET H 60 5.96 27.91 -32.42
N ASP H 61 4.84 27.18 -32.51
CA ASP H 61 3.83 27.32 -33.60
C ASP H 61 3.18 28.73 -33.56
N ALA H 62 2.94 29.27 -32.36
CA ALA H 62 2.32 30.59 -32.10
C ALA H 62 3.39 31.71 -32.04
N LYS H 63 4.52 31.49 -32.71
CA LYS H 63 5.67 32.42 -32.67
C LYS H 63 6.22 32.57 -34.09
N ASN H 64 6.38 31.46 -34.80
CA ASN H 64 7.09 31.39 -36.11
C ASN H 64 6.06 31.37 -37.23
N GLY H 65 4.81 31.67 -36.93
CA GLY H 65 3.73 31.86 -37.91
C GLY H 65 3.52 30.64 -38.78
N GLN H 66 3.80 30.78 -40.08
CA GLN H 66 3.56 29.75 -41.13
C GLN H 66 4.69 28.70 -41.08
N THR H 67 5.77 28.95 -40.36
CA THR H 67 6.94 28.02 -40.29
C THR H 67 6.46 26.63 -39.85
N MET H 68 6.83 25.62 -40.63
CA MET H 68 6.77 24.20 -40.21
C MET H 68 7.96 23.99 -39.27
N ASN H 69 7.70 24.01 -37.97
CA ASN H 69 8.75 23.98 -36.92
C ASN H 69 9.35 22.58 -36.76
N GLU H 70 8.66 21.52 -37.19
CA GLU H 70 9.06 20.11 -36.92
C GLU H 70 9.71 19.46 -38.15
N LYS H 71 10.90 18.87 -37.97
CA LYS H 71 11.54 17.95 -38.94
C LYS H 71 11.73 16.58 -38.29
N GLN H 72 11.80 15.53 -39.11
CA GLN H 72 12.14 14.17 -38.62
C GLN H 72 13.56 13.85 -39.05
N LEU H 73 14.44 13.66 -38.06
CA LEU H 73 15.91 13.56 -38.24
C LEU H 73 16.44 12.31 -37.55
N PHE H 74 17.72 12.04 -37.75
CA PHE H 74 18.37 10.80 -37.32
C PHE H 74 19.41 11.19 -36.28
N HIS H 75 19.54 10.33 -35.29
CA HIS H 75 20.54 10.44 -34.20
C HIS H 75 21.10 9.07 -33.89
N GLY H 76 22.35 8.83 -34.25
CA GLY H 76 23.09 7.61 -33.91
C GLY H 76 23.65 7.71 -32.51
N THR H 77 23.61 6.64 -31.73
CA THR H 77 24.25 6.62 -30.38
C THR H 77 24.78 5.22 -30.06
N ASP H 78 25.60 5.15 -29.01
CA ASP H 78 26.11 3.89 -28.42
C ASP H 78 24.96 3.25 -27.64
N ALA H 79 24.94 1.92 -27.56
CA ALA H 79 23.96 1.13 -26.78
C ALA H 79 23.83 1.70 -25.35
N GLY H 80 24.94 2.14 -24.75
CA GLY H 80 24.99 2.63 -23.35
C GLY H 80 24.14 3.88 -23.12
N SER H 81 23.84 4.64 -24.16
CA SER H 81 23.12 5.93 -24.06
C SER H 81 21.62 5.74 -24.27
N VAL H 82 21.19 4.60 -24.80
CA VAL H 82 19.77 4.31 -25.15
C VAL H 82 18.89 4.44 -23.91
N PRO H 83 19.19 3.77 -22.78
CA PRO H 83 18.42 3.95 -21.56
C PRO H 83 18.33 5.40 -21.10
N HIS H 84 19.45 6.13 -21.10
CA HIS H 84 19.50 7.55 -20.65
C HIS H 84 18.59 8.39 -21.56
N VAL H 85 18.62 8.12 -22.87
CA VAL H 85 17.86 8.88 -23.91
C VAL H 85 16.37 8.56 -23.79
N ASN H 86 16.01 7.27 -23.74
CA ASN H 86 14.59 6.83 -23.64
C ASN H 86 13.97 7.43 -22.37
N ARG H 87 14.80 7.71 -21.35
CA ARG H 87 14.36 8.15 -20.00
C ARG H 87 14.38 9.69 -19.93
N ASN H 88 15.46 10.38 -20.32
CA ASN H 88 15.58 11.85 -20.10
C ASN H 88 15.77 12.63 -21.40
N GLY H 89 15.60 11.97 -22.54
CA GLY H 89 15.73 12.60 -23.86
C GLY H 89 17.16 13.05 -24.08
N PHE H 90 17.33 14.05 -24.92
CA PHE H 90 18.65 14.59 -25.28
C PHE H 90 18.88 15.79 -24.36
N ASN H 91 19.14 15.48 -23.09
CA ASN H 91 19.36 16.48 -22.02
C ASN H 91 20.79 17.03 -22.14
N ARG H 92 21.16 17.93 -21.23
CA ARG H 92 22.43 18.69 -21.30
C ARG H 92 23.63 17.76 -21.05
N SER H 93 23.52 16.78 -20.16
CA SER H 93 24.65 15.86 -19.87
C SER H 93 24.95 15.08 -21.15
N TYR H 94 23.91 14.67 -21.88
CA TYR H 94 24.08 13.91 -23.15
C TYR H 94 24.77 14.79 -24.21
N ALA H 95 24.36 16.06 -24.37
CA ALA H 95 24.93 17.01 -25.35
C ALA H 95 26.44 17.20 -25.10
N GLY H 96 26.85 17.24 -23.84
CA GLY H 96 28.27 17.34 -23.44
C GLY H 96 29.13 16.30 -24.15
N LYS H 97 28.56 15.14 -24.45
CA LYS H 97 29.26 14.01 -25.12
C LYS H 97 29.17 14.13 -26.65
N ASN H 98 28.33 15.03 -27.18
CA ASN H 98 28.21 15.28 -28.64
C ASN H 98 29.38 16.15 -29.11
N ALA H 99 29.50 16.35 -30.43
CA ALA H 99 30.50 17.23 -31.09
C ALA H 99 30.28 18.69 -30.71
N VAL H 100 31.20 19.57 -31.08
CA VAL H 100 31.18 21.01 -30.71
C VAL H 100 31.20 21.91 -31.96
N ALA H 101 31.62 21.38 -33.11
CA ALA H 101 32.03 22.21 -34.27
C ALA H 101 30.95 23.25 -34.63
N TYR H 102 29.67 22.95 -34.41
CA TYR H 102 28.54 23.86 -34.73
C TYR H 102 27.82 24.30 -33.44
N GLY H 103 28.37 23.99 -32.26
CA GLY H 103 27.79 24.40 -30.96
C GLY H 103 27.67 23.24 -29.98
N LYS H 104 27.43 23.53 -28.71
CA LYS H 104 27.33 22.49 -27.65
C LYS H 104 25.86 22.19 -27.41
N GLY H 105 25.32 21.25 -28.17
CA GLY H 105 23.94 20.76 -28.11
C GLY H 105 23.91 19.33 -28.65
N THR H 106 22.73 18.83 -28.93
CA THR H 106 22.55 17.48 -29.48
C THR H 106 22.48 17.60 -31.01
N TYR H 107 23.17 16.71 -31.72
CA TYR H 107 23.35 16.78 -33.20
C TYR H 107 22.34 15.84 -33.86
N PHE H 108 21.69 16.32 -34.90
CA PHE H 108 20.69 15.53 -35.65
C PHE H 108 20.92 15.68 -37.16
N ALA H 109 20.87 14.56 -37.86
CA ALA H 109 21.27 14.40 -39.28
C ALA H 109 20.02 14.31 -40.16
N VAL H 110 19.99 15.06 -41.26
CA VAL H 110 18.89 14.92 -42.26
C VAL H 110 18.88 13.50 -42.82
N ASN H 111 20.04 12.94 -43.14
CA ASN H 111 20.20 11.60 -43.76
C ASN H 111 20.65 10.54 -42.75
N ALA H 112 19.98 9.40 -42.74
CA ALA H 112 20.34 8.21 -41.92
C ALA H 112 21.81 7.84 -42.11
N ASN H 113 22.35 7.93 -43.33
CA ASN H 113 23.74 7.48 -43.66
C ASN H 113 24.75 8.22 -42.79
N TYR H 114 24.51 9.49 -42.50
CA TYR H 114 25.38 10.32 -41.62
C TYR H 114 25.40 9.69 -40.21
N SER H 115 24.23 9.47 -39.61
CA SER H 115 24.05 8.92 -38.23
C SER H 115 24.55 7.47 -38.15
N ALA H 116 24.55 6.74 -39.27
CA ALA H 116 24.98 5.32 -39.32
C ALA H 116 26.51 5.18 -39.23
N ASN H 117 27.27 6.26 -39.36
CA ASN H 117 28.76 6.19 -39.21
C ASN H 117 29.06 5.56 -37.85
N ASP H 118 30.09 4.71 -37.76
CA ASP H 118 30.49 3.98 -36.52
C ASP H 118 30.84 4.99 -35.42
N THR H 119 31.26 6.21 -35.78
CA THR H 119 31.64 7.28 -34.83
C THR H 119 30.45 7.62 -33.92
N TYR H 120 29.21 7.51 -34.43
CA TYR H 120 27.95 7.93 -33.79
C TYR H 120 27.19 6.67 -33.33
N SER H 121 26.75 5.82 -34.26
CA SER H 121 26.01 4.58 -33.93
C SER H 121 27.01 3.45 -33.72
N ARG H 122 27.83 3.57 -32.68
CA ARG H 122 29.00 2.67 -32.40
C ARG H 122 28.50 1.23 -32.27
N PRO H 123 29.02 0.26 -33.06
CA PRO H 123 28.58 -1.12 -32.94
C PRO H 123 28.89 -1.67 -31.53
N ASP H 124 27.91 -2.32 -30.90
CA ASP H 124 28.02 -2.88 -29.52
C ASP H 124 28.80 -4.21 -29.58
N ALA H 125 28.86 -4.94 -28.47
CA ALA H 125 29.59 -6.23 -28.35
C ALA H 125 29.12 -7.22 -29.45
N ASN H 126 27.81 -7.25 -29.77
CA ASN H 126 27.18 -8.17 -30.77
C ASN H 126 27.12 -7.56 -32.19
N GLY H 127 27.76 -6.41 -32.45
CA GLY H 127 27.79 -5.77 -33.78
C GLY H 127 26.49 -5.06 -34.15
N ARG H 128 25.62 -4.79 -33.18
CA ARG H 128 24.33 -4.07 -33.37
C ARG H 128 24.57 -2.55 -33.27
N LYS H 129 24.03 -1.79 -34.23
CA LYS H 129 24.09 -0.30 -34.30
C LYS H 129 22.70 0.27 -33.98
N HIS H 130 22.64 1.45 -33.37
CA HIS H 130 21.39 2.10 -32.88
C HIS H 130 21.22 3.50 -33.47
N VAL H 131 20.21 3.72 -34.29
CA VAL H 131 19.88 5.08 -34.79
C VAL H 131 18.41 5.39 -34.48
N TYR H 132 18.19 6.52 -33.82
CA TYR H 132 16.84 7.07 -33.54
C TYR H 132 16.34 7.84 -34.77
N TYR H 133 15.04 7.70 -35.07
CA TYR H 133 14.24 8.62 -35.92
C TYR H 133 13.51 9.56 -34.96
N VAL H 134 13.92 10.83 -34.96
CA VAL H 134 13.61 11.83 -33.90
C VAL H 134 12.69 12.91 -34.49
N ARG H 135 11.70 13.34 -33.72
CA ARG H 135 10.96 14.58 -34.02
C ARG H 135 11.73 15.73 -33.40
N VAL H 136 12.17 16.70 -34.23
CA VAL H 136 12.99 17.85 -33.76
C VAL H 136 12.30 19.15 -34.16
N LEU H 137 12.19 20.07 -33.20
CA LEU H 137 11.65 21.44 -33.41
C LEU H 137 12.79 22.37 -33.84
N THR H 138 13.17 22.28 -35.12
CA THR H 138 14.23 23.09 -35.75
C THR H 138 13.79 24.57 -35.81
N GLY H 139 12.49 24.82 -35.95
CA GLY H 139 11.92 26.17 -35.97
C GLY H 139 12.60 27.07 -37.00
N ILE H 140 12.98 28.28 -36.59
CA ILE H 140 13.80 29.21 -37.40
C ILE H 140 15.25 28.95 -37.04
N TYR H 141 16.08 28.60 -38.03
CA TYR H 141 17.49 28.21 -37.79
C TYR H 141 18.43 29.14 -38.52
N THR H 142 19.66 29.20 -38.02
CA THR H 142 20.81 29.96 -38.57
C THR H 142 22.05 29.08 -38.58
N HIS H 143 23.16 29.64 -39.00
CA HIS H 143 24.47 28.93 -39.09
C HIS H 143 25.05 28.82 -37.68
N GLY H 144 25.52 27.62 -37.30
CA GLY H 144 26.18 27.39 -36.00
C GLY H 144 27.68 27.70 -36.02
N ASN H 145 28.34 27.72 -34.86
CA ASN H 145 29.82 27.82 -34.69
C ASN H 145 30.24 27.20 -33.33
N HIS H 146 31.55 27.00 -33.12
N HIS H 146 31.56 26.99 -33.11
CA HIS H 146 32.11 26.24 -31.97
CA HIS H 146 32.11 26.25 -31.94
C HIS H 146 31.76 26.91 -30.64
C HIS H 146 31.73 26.89 -30.61
N SER H 147 31.52 28.22 -30.59
CA SER H 147 31.39 28.97 -29.31
C SER H 147 29.97 28.92 -28.70
N LEU H 148 28.97 28.36 -29.38
CA LEU H 148 27.53 28.44 -28.96
C LEU H 148 27.22 27.43 -27.86
N ILE H 149 26.52 27.86 -26.81
CA ILE H 149 25.81 26.94 -25.86
C ILE H 149 24.29 27.12 -25.97
N VAL H 150 23.85 28.11 -26.74
CA VAL H 150 22.44 28.34 -27.17
C VAL H 150 22.49 29.04 -28.52
N PRO H 151 21.39 29.04 -29.32
CA PRO H 151 21.43 29.66 -30.64
C PRO H 151 21.71 31.14 -30.51
N PRO H 152 22.30 31.80 -31.52
CA PRO H 152 22.51 33.26 -31.47
C PRO H 152 21.19 34.00 -31.37
N SER H 153 21.23 35.26 -30.94
CA SER H 153 20.09 36.19 -31.03
C SER H 153 19.77 36.53 -32.50
N LYS H 154 18.49 36.67 -32.84
CA LYS H 154 18.03 37.07 -34.17
C LYS H 154 17.48 38.51 -34.06
N ASN H 155 17.65 39.19 -32.89
CA ASN H 155 17.30 40.62 -32.61
C ASN H 155 18.59 41.33 -32.22
N PRO H 156 19.20 42.15 -33.11
CA PRO H 156 20.39 42.91 -32.71
C PRO H 156 20.07 43.68 -31.42
N GLN H 157 18.84 44.19 -31.32
CA GLN H 157 18.29 44.99 -30.19
C GLN H 157 18.24 44.13 -28.91
N ASN H 158 18.00 42.84 -29.06
CA ASN H 158 17.40 41.98 -28.01
C ASN H 158 18.16 40.66 -27.99
N PRO H 159 19.29 40.56 -27.25
CA PRO H 159 20.13 39.37 -27.22
C PRO H 159 19.61 38.14 -26.45
N THR H 160 18.34 38.14 -26.03
CA THR H 160 17.64 36.96 -25.43
C THR H 160 16.52 36.43 -26.34
N ASP H 161 16.31 37.04 -27.50
CA ASP H 161 15.38 36.56 -28.59
C ASP H 161 16.18 35.69 -29.59
N LEU H 162 16.16 34.38 -29.41
CA LEU H 162 17.10 33.43 -30.10
C LEU H 162 16.44 32.74 -31.32
N TYR H 163 17.24 32.32 -32.30
CA TYR H 163 16.86 31.24 -33.26
C TYR H 163 16.54 29.97 -32.46
N ASP H 164 15.78 29.07 -33.06
CA ASP H 164 15.31 27.82 -32.40
C ASP H 164 16.41 26.74 -32.43
N THR H 165 17.18 26.66 -33.50
CA THR H 165 18.30 25.71 -33.69
C THR H 165 19.34 26.33 -34.63
N VAL H 166 20.47 25.62 -34.78
CA VAL H 166 21.53 25.96 -35.77
C VAL H 166 21.77 24.75 -36.68
N THR H 167 22.49 25.00 -37.76
CA THR H 167 22.77 24.02 -38.83
C THR H 167 24.18 24.29 -39.37
N ASP H 168 24.68 23.38 -40.19
CA ASP H 168 25.98 23.51 -40.87
C ASP H 168 25.83 24.46 -42.06
N ASN H 169 24.61 24.51 -42.61
CA ASN H 169 24.35 25.23 -43.89
C ASN H 169 22.85 25.58 -43.97
N VAL H 170 22.52 26.85 -43.81
CA VAL H 170 21.09 27.30 -43.74
C VAL H 170 20.33 26.90 -45.01
N HIS H 171 20.93 27.09 -46.19
CA HIS H 171 20.22 26.83 -47.48
C HIS H 171 20.34 25.34 -47.88
N HIS H 172 21.36 24.60 -47.44
CA HIS H 172 21.55 23.15 -47.78
C HIS H 172 21.91 22.36 -46.52
N PRO H 173 21.00 22.28 -45.53
CA PRO H 173 21.29 21.64 -44.24
C PRO H 173 21.61 20.15 -44.39
N SER H 174 22.58 19.64 -43.63
CA SER H 174 22.87 18.19 -43.52
C SER H 174 22.65 17.74 -42.07
N LEU H 175 22.65 18.68 -41.12
CA LEU H 175 22.43 18.43 -39.67
C LEU H 175 21.86 19.69 -39.02
N PHE H 176 21.28 19.50 -37.83
CA PHE H 176 20.69 20.55 -36.99
C PHE H 176 21.19 20.29 -35.57
N VAL H 177 21.47 21.34 -34.80
CA VAL H 177 21.83 21.24 -33.36
C VAL H 177 20.70 21.82 -32.51
N ALA H 178 20.17 21.03 -31.58
CA ALA H 178 19.20 21.47 -30.56
C ALA H 178 19.93 21.60 -29.22
N PHE H 179 19.58 22.60 -28.45
CA PHE H 179 20.27 23.03 -27.21
C PHE H 179 19.39 22.79 -25.99
N TYR H 180 18.15 22.32 -26.16
CA TYR H 180 17.23 22.02 -25.04
C TYR H 180 16.56 20.67 -25.29
N ASP H 181 16.28 19.91 -24.23
CA ASP H 181 15.81 18.50 -24.27
C ASP H 181 14.41 18.41 -24.88
N TYR H 182 13.58 19.41 -24.57
CA TYR H 182 12.14 19.45 -24.91
C TYR H 182 12.00 19.81 -26.40
N GLN H 183 13.10 20.01 -27.13
CA GLN H 183 13.07 20.38 -28.56
C GLN H 183 13.20 19.14 -29.44
N ALA H 184 13.50 17.98 -28.85
CA ALA H 184 13.71 16.71 -29.58
C ALA H 184 12.98 15.58 -28.88
N TYR H 185 12.15 14.84 -29.61
CA TYR H 185 11.48 13.63 -29.09
C TYR H 185 11.97 12.40 -29.86
N PRO H 186 12.56 11.40 -29.18
CA PRO H 186 13.08 10.22 -29.81
C PRO H 186 11.97 9.21 -30.11
N GLU H 187 11.21 9.40 -31.18
CA GLU H 187 9.98 8.59 -31.39
C GLU H 187 10.38 7.12 -31.62
N TYR H 188 11.46 6.86 -32.35
CA TYR H 188 11.75 5.53 -32.94
C TYR H 188 13.23 5.17 -32.76
N LEU H 189 13.55 3.97 -32.27
CA LEU H 189 14.92 3.43 -32.26
C LEU H 189 15.06 2.32 -33.30
N ILE H 190 15.90 2.55 -34.31
CA ILE H 190 16.22 1.56 -35.37
C ILE H 190 17.47 0.82 -34.91
N THR H 191 17.35 -0.50 -34.75
CA THR H 191 18.46 -1.41 -34.43
C THR H 191 18.80 -2.21 -35.68
N PHE H 192 20.06 -2.18 -36.12
CA PHE H 192 20.50 -2.69 -37.44
C PHE H 192 21.97 -3.09 -37.38
N ARG H 193 22.51 -3.61 -38.49
CA ARG H 193 23.92 -4.08 -38.60
C ARG H 193 24.35 -4.01 -40.08
N LYS H 194 25.64 -4.22 -40.38
CA LYS H 194 26.22 -4.04 -41.74
C LYS H 194 25.87 -5.25 -42.63
#